data_2YUR
#
_entry.id   2YUR
#
loop_
_entity.id
_entity.type
_entity.pdbx_description
1 polymer 'Retinoblastoma-binding protein 6'
2 non-polymer 'ZINC ION'
#
_entity_poly.entity_id   1
_entity_poly.type   'polypeptide(L)'
_entity_poly.pdbx_seq_one_letter_code
;GSSGSSGEDDPIPDELLCLICKDIMTDAVVIPCCGNSYCDECIRTALLESDEHTCPTCHQNDVSPDALSGPSSG
;
_entity_poly.pdbx_strand_id   A
#
# COMPACT_ATOMS: atom_id res chain seq x y z
N GLY A 1 13.43 40.42 -6.93
CA GLY A 1 13.37 39.03 -7.37
C GLY A 1 13.99 38.84 -8.74
N SER A 2 13.14 38.76 -9.76
CA SER A 2 13.62 38.56 -11.12
C SER A 2 14.61 37.40 -11.19
N SER A 3 14.30 36.33 -10.49
CA SER A 3 15.16 35.15 -10.46
C SER A 3 14.50 33.97 -11.18
N GLY A 4 13.22 33.76 -10.90
CA GLY A 4 12.49 32.67 -11.53
C GLY A 4 11.93 31.70 -10.51
N SER A 5 11.26 30.66 -11.00
CA SER A 5 10.66 29.66 -10.13
C SER A 5 9.64 30.29 -9.20
N SER A 6 8.84 31.20 -9.73
CA SER A 6 7.82 31.88 -8.94
C SER A 6 6.50 31.11 -8.96
N GLY A 7 6.32 30.25 -7.97
CA GLY A 7 5.11 29.46 -7.89
C GLY A 7 5.26 28.23 -7.01
N GLU A 8 4.32 28.04 -6.09
CA GLU A 8 4.35 26.90 -5.19
C GLU A 8 3.67 25.68 -5.81
N ASP A 9 4.27 24.51 -5.63
CA ASP A 9 3.73 23.28 -6.17
C ASP A 9 3.37 22.30 -5.05
N ASP A 10 2.53 21.32 -5.37
CA ASP A 10 2.11 20.32 -4.40
C ASP A 10 2.86 19.01 -4.61
N PRO A 11 3.44 18.47 -3.52
CA PRO A 11 4.20 17.21 -3.58
C PRO A 11 3.29 16.01 -3.81
N ILE A 12 3.90 14.84 -3.99
CA ILE A 12 3.14 13.61 -4.21
C ILE A 12 1.84 13.61 -3.41
N PRO A 13 0.71 13.41 -4.12
CA PRO A 13 -0.61 13.38 -3.49
C PRO A 13 -0.81 12.14 -2.63
N ASP A 14 -1.80 12.20 -1.75
CA ASP A 14 -2.10 11.08 -0.86
C ASP A 14 -2.54 9.85 -1.66
N GLU A 15 -3.41 10.07 -2.63
CA GLU A 15 -3.90 8.97 -3.47
C GLU A 15 -2.76 8.04 -3.86
N LEU A 16 -1.55 8.57 -3.87
CA LEU A 16 -0.37 7.78 -4.24
C LEU A 16 0.39 7.34 -2.98
N LEU A 17 -0.34 7.08 -1.91
CA LEU A 17 0.26 6.65 -0.65
C LEU A 17 -0.57 5.53 -0.01
N CYS A 18 0.08 4.78 0.88
CA CYS A 18 -0.60 3.68 1.56
C CYS A 18 -1.38 4.19 2.77
N LEU A 19 -2.37 3.41 3.20
CA LEU A 19 -3.19 3.78 4.34
C LEU A 19 -2.68 3.12 5.62
N ILE A 20 -1.37 3.04 5.76
CA ILE A 20 -0.75 2.43 6.93
C ILE A 20 0.37 3.31 7.49
N CYS A 21 1.46 3.40 6.75
CA CYS A 21 2.61 4.21 7.17
C CYS A 21 2.69 5.49 6.35
N LYS A 22 1.81 5.61 5.36
CA LYS A 22 1.78 6.80 4.50
C LYS A 22 3.13 7.01 3.83
N ASP A 23 3.66 5.96 3.21
CA ASP A 23 4.95 6.04 2.54
C ASP A 23 4.86 5.47 1.12
N ILE A 24 5.55 6.11 0.18
CA ILE A 24 5.54 5.66 -1.21
C ILE A 24 5.60 4.13 -1.30
N MET A 25 4.68 3.56 -2.07
CA MET A 25 4.62 2.12 -2.24
C MET A 25 5.48 1.68 -3.43
N THR A 26 6.76 1.44 -3.17
CA THR A 26 7.69 1.02 -4.22
C THR A 26 7.03 0.00 -5.14
N ASP A 27 6.21 -0.88 -4.56
CA ASP A 27 5.53 -1.91 -5.34
C ASP A 27 4.05 -1.95 -4.99
N ALA A 28 3.29 -1.00 -5.53
CA ALA A 28 1.85 -0.93 -5.27
C ALA A 28 1.21 -2.31 -5.39
N VAL A 29 0.47 -2.70 -4.37
CA VAL A 29 -0.20 -4.00 -4.36
C VAL A 29 -1.68 -3.85 -4.00
N VAL A 30 -2.55 -4.32 -4.89
CA VAL A 30 -3.99 -4.24 -4.66
C VAL A 30 -4.55 -5.57 -4.16
N ILE A 31 -5.06 -5.56 -2.93
CA ILE A 31 -5.63 -6.76 -2.34
C ILE A 31 -7.00 -7.07 -2.92
N PRO A 32 -7.25 -8.36 -3.21
CA PRO A 32 -8.52 -8.82 -3.77
C PRO A 32 -9.66 -8.73 -2.76
N CYS A 33 -9.43 -9.26 -1.56
CA CYS A 33 -10.44 -9.25 -0.51
C CYS A 33 -11.33 -8.02 -0.63
N CYS A 34 -10.69 -6.84 -0.69
CA CYS A 34 -11.42 -5.59 -0.81
C CYS A 34 -10.80 -4.68 -1.86
N GLY A 35 -9.50 -4.41 -1.70
CA GLY A 35 -8.80 -3.56 -2.64
C GLY A 35 -8.28 -2.28 -2.00
N ASN A 36 -6.97 -2.22 -1.79
CA ASN A 36 -6.35 -1.05 -1.18
C ASN A 36 -4.87 -0.98 -1.54
N SER A 37 -4.29 0.21 -1.40
CA SER A 37 -2.88 0.43 -1.71
C SER A 37 -2.03 0.31 -0.45
N TYR A 38 -1.07 -0.61 -0.49
CA TYR A 38 -0.18 -0.83 0.65
C TYR A 38 1.23 -1.20 0.18
N CYS A 39 2.22 -0.77 0.94
CA CYS A 39 3.62 -1.04 0.61
C CYS A 39 3.87 -2.55 0.58
N ASP A 40 4.66 -2.99 -0.40
CA ASP A 40 4.99 -4.40 -0.53
C ASP A 40 5.14 -5.06 0.84
N GLU A 41 5.68 -4.31 1.78
CA GLU A 41 5.89 -4.81 3.14
C GLU A 41 4.68 -4.52 4.02
N CYS A 42 4.24 -3.27 4.00
CA CYS A 42 3.09 -2.85 4.80
C CYS A 42 2.02 -3.95 4.84
N ILE A 43 1.57 -4.37 3.66
CA ILE A 43 0.56 -5.41 3.56
C ILE A 43 1.10 -6.75 4.04
N ARG A 44 2.40 -6.95 3.85
CA ARG A 44 3.05 -8.19 4.26
C ARG A 44 3.00 -8.35 5.77
N THR A 45 3.54 -7.38 6.48
CA THR A 45 3.58 -7.41 7.94
C THR A 45 2.16 -7.42 8.51
N ALA A 46 1.33 -6.49 8.07
CA ALA A 46 -0.05 -6.39 8.54
C ALA A 46 -0.63 -7.78 8.79
N LEU A 47 -0.76 -8.56 7.73
CA LEU A 47 -1.32 -9.91 7.84
C LEU A 47 -0.69 -10.66 9.02
N LEU A 48 0.59 -10.41 9.25
CA LEU A 48 1.31 -11.06 10.34
C LEU A 48 0.90 -10.46 11.69
N GLU A 49 0.97 -9.13 11.79
CA GLU A 49 0.61 -8.44 13.02
C GLU A 49 -0.53 -9.17 13.74
N SER A 50 -1.69 -9.23 13.09
CA SER A 50 -2.85 -9.89 13.67
C SER A 50 -2.59 -11.38 13.86
N ASP A 51 -3.27 -11.97 14.84
CA ASP A 51 -3.11 -13.39 15.13
C ASP A 51 -2.89 -14.19 13.84
N GLU A 52 -3.76 -13.96 12.86
CA GLU A 52 -3.66 -14.66 11.59
C GLU A 52 -3.83 -13.69 10.42
N HIS A 53 -3.69 -14.20 9.20
CA HIS A 53 -3.83 -13.38 8.01
C HIS A 53 -5.23 -12.79 7.91
N THR A 54 -5.45 -11.69 8.62
CA THR A 54 -6.76 -11.04 8.61
C THR A 54 -6.64 -9.58 8.15
N CYS A 55 -6.91 -9.37 6.86
CA CYS A 55 -6.83 -8.03 6.29
C CYS A 55 -7.37 -6.99 7.26
N PRO A 56 -6.68 -5.84 7.34
CA PRO A 56 -7.06 -4.74 8.23
C PRO A 56 -8.34 -4.05 7.77
N THR A 57 -8.38 -3.69 6.49
CA THR A 57 -9.54 -3.02 5.92
C THR A 57 -10.80 -3.84 6.11
N CYS A 58 -10.78 -5.07 5.61
CA CYS A 58 -11.93 -5.96 5.72
C CYS A 58 -11.52 -7.29 6.35
N HIS A 59 -12.06 -7.58 7.53
CA HIS A 59 -11.75 -8.82 8.23
C HIS A 59 -11.82 -10.01 7.28
N GLN A 60 -10.67 -10.46 6.81
CA GLN A 60 -10.60 -11.60 5.91
C GLN A 60 -9.93 -12.80 6.58
N ASN A 61 -9.97 -13.94 5.90
CA ASN A 61 -9.37 -15.16 6.42
C ASN A 61 -8.47 -15.82 5.39
N ASP A 62 -7.17 -15.53 5.47
CA ASP A 62 -6.20 -16.10 4.55
C ASP A 62 -6.30 -15.42 3.19
N VAL A 63 -6.18 -14.10 3.17
CA VAL A 63 -6.26 -13.33 1.93
C VAL A 63 -5.11 -13.70 1.00
N SER A 64 -5.46 -14.21 -0.17
CA SER A 64 -4.47 -14.61 -1.17
C SER A 64 -3.34 -13.58 -1.24
N PRO A 65 -2.20 -13.89 -0.60
CA PRO A 65 -1.04 -13.01 -0.59
C PRO A 65 -0.36 -12.90 -1.94
N ASP A 66 -0.52 -13.94 -2.76
CA ASP A 66 0.07 -13.97 -4.09
C ASP A 66 -0.79 -13.18 -5.09
N ALA A 67 -2.11 -13.27 -4.91
CA ALA A 67 -3.03 -12.57 -5.80
C ALA A 67 -2.54 -11.15 -6.09
N LEU A 68 -1.93 -10.52 -5.10
CA LEU A 68 -1.41 -9.17 -5.25
C LEU A 68 -0.73 -8.99 -6.60
N SER A 69 -0.67 -7.75 -7.07
CA SER A 69 -0.05 -7.44 -8.35
C SER A 69 1.47 -7.48 -8.24
N GLY A 70 1.99 -8.56 -7.66
CA GLY A 70 3.43 -8.70 -7.50
C GLY A 70 3.94 -10.04 -7.99
N PRO A 71 4.45 -10.06 -9.23
CA PRO A 71 4.97 -11.29 -9.84
C PRO A 71 6.28 -11.74 -9.19
N SER A 72 6.83 -10.89 -8.34
CA SER A 72 8.09 -11.21 -7.66
C SER A 72 7.81 -11.97 -6.36
N SER A 73 6.87 -12.90 -6.42
CA SER A 73 6.51 -13.70 -5.26
C SER A 73 6.01 -12.82 -4.12
N GLY A 74 5.21 -11.82 -4.47
CA GLY A 74 4.67 -10.91 -3.47
C GLY A 74 4.83 -9.46 -3.86
N GLY A 1 17.37 42.15 -12.93
CA GLY A 1 17.46 41.31 -11.75
C GLY A 1 18.19 40.00 -12.02
N SER A 2 17.90 38.99 -11.21
CA SER A 2 18.54 37.69 -11.36
C SER A 2 17.81 36.85 -12.41
N SER A 3 18.58 36.26 -13.33
CA SER A 3 18.02 35.44 -14.39
C SER A 3 17.82 34.00 -13.92
N GLY A 4 16.68 33.74 -13.28
CA GLY A 4 16.38 32.42 -12.79
C GLY A 4 15.18 32.39 -11.88
N SER A 5 15.41 32.64 -10.59
CA SER A 5 14.32 32.63 -9.61
C SER A 5 13.64 31.27 -9.55
N SER A 6 14.45 30.21 -9.58
CA SER A 6 13.92 28.85 -9.55
C SER A 6 13.47 28.49 -8.14
N GLY A 7 12.56 27.52 -8.05
CA GLY A 7 12.07 27.10 -6.75
C GLY A 7 12.17 25.59 -6.56
N GLU A 8 11.65 25.10 -5.43
CA GLU A 8 11.68 23.68 -5.14
C GLU A 8 10.58 22.93 -5.87
N ASP A 9 10.82 21.67 -6.17
CA ASP A 9 9.84 20.84 -6.89
C ASP A 9 8.79 20.30 -5.92
N ASP A 10 7.77 19.66 -6.47
CA ASP A 10 6.70 19.09 -5.67
C ASP A 10 7.04 17.68 -5.22
N PRO A 11 6.97 17.43 -3.90
CA PRO A 11 7.28 16.12 -3.32
C PRO A 11 6.22 15.08 -3.67
N ILE A 12 6.60 13.80 -3.59
CA ILE A 12 5.69 12.71 -3.90
C ILE A 12 4.30 13.00 -3.35
N PRO A 13 3.30 12.95 -4.25
CA PRO A 13 1.90 13.19 -3.88
C PRO A 13 1.32 12.07 -3.03
N ASP A 14 0.21 12.37 -2.34
CA ASP A 14 -0.44 11.38 -1.49
C ASP A 14 -1.00 10.23 -2.32
N GLU A 15 -1.58 10.55 -3.47
CA GLU A 15 -2.15 9.54 -4.35
C GLU A 15 -1.16 8.40 -4.58
N LEU A 16 0.12 8.66 -4.30
CA LEU A 16 1.16 7.66 -4.48
C LEU A 16 1.69 7.19 -3.14
N LEU A 17 0.82 7.18 -2.13
CA LEU A 17 1.21 6.74 -0.80
C LEU A 17 0.21 5.72 -0.26
N CYS A 18 0.68 4.87 0.65
CA CYS A 18 -0.17 3.84 1.25
C CYS A 18 -1.00 4.43 2.39
N LEU A 19 -2.06 3.71 2.76
CA LEU A 19 -2.93 4.15 3.84
C LEU A 19 -2.53 3.52 5.17
N ILE A 20 -1.25 3.18 5.28
CA ILE A 20 -0.74 2.57 6.51
C ILE A 20 0.37 3.43 7.12
N CYS A 21 1.55 3.38 6.51
CA CYS A 21 2.69 4.15 7.00
C CYS A 21 2.86 5.43 6.20
N LYS A 22 2.04 5.58 5.16
CA LYS A 22 2.10 6.77 4.31
C LYS A 22 3.49 6.92 3.69
N ASP A 23 4.02 5.82 3.18
CA ASP A 23 5.34 5.84 2.56
C ASP A 23 5.29 5.22 1.16
N ILE A 24 6.10 5.76 0.25
CA ILE A 24 6.14 5.26 -1.11
C ILE A 24 6.08 3.73 -1.15
N MET A 25 5.23 3.20 -2.02
CA MET A 25 5.08 1.76 -2.14
C MET A 25 5.95 1.22 -3.28
N THR A 26 7.12 0.70 -2.93
CA THR A 26 8.04 0.15 -3.91
C THR A 26 7.33 -0.78 -4.88
N ASP A 27 6.33 -1.51 -4.37
CA ASP A 27 5.57 -2.45 -5.18
C ASP A 27 4.08 -2.30 -4.92
N ALA A 28 3.47 -1.30 -5.55
CA ALA A 28 2.04 -1.05 -5.38
C ALA A 28 1.23 -2.33 -5.60
N VAL A 29 0.57 -2.78 -4.54
CA VAL A 29 -0.24 -4.00 -4.61
C VAL A 29 -1.70 -3.70 -4.30
N VAL A 30 -2.60 -4.23 -5.12
CA VAL A 30 -4.03 -4.03 -4.91
C VAL A 30 -4.70 -5.29 -4.39
N ILE A 31 -5.20 -5.22 -3.16
CA ILE A 31 -5.88 -6.36 -2.55
C ILE A 31 -7.24 -6.61 -3.19
N PRO A 32 -7.53 -7.88 -3.50
CA PRO A 32 -8.79 -8.28 -4.12
C PRO A 32 -9.97 -8.15 -3.15
N CYS A 33 -9.76 -8.57 -1.91
CA CYS A 33 -10.79 -8.51 -0.89
C CYS A 33 -11.65 -7.26 -1.05
N CYS A 34 -10.98 -6.11 -1.12
CA CYS A 34 -11.68 -4.83 -1.27
C CYS A 34 -10.99 -3.97 -2.31
N GLY A 35 -9.68 -3.79 -2.16
CA GLY A 35 -8.92 -2.98 -3.10
C GLY A 35 -8.30 -1.76 -2.44
N ASN A 36 -7.00 -1.82 -2.20
CA ASN A 36 -6.29 -0.72 -1.57
C ASN A 36 -4.80 -0.77 -1.91
N SER A 37 -4.11 0.36 -1.75
CA SER A 37 -2.69 0.44 -2.04
C SER A 37 -1.87 0.36 -0.76
N TYR A 38 -0.93 -0.58 -0.72
CA TYR A 38 -0.09 -0.77 0.45
C TYR A 38 1.32 -1.22 0.04
N CYS A 39 2.31 -0.85 0.84
CA CYS A 39 3.69 -1.21 0.57
C CYS A 39 3.88 -2.72 0.60
N ASP A 40 4.57 -3.25 -0.41
CA ASP A 40 4.82 -4.69 -0.50
C ASP A 40 5.02 -5.28 0.89
N GLU A 41 5.59 -4.51 1.80
CA GLU A 41 5.84 -4.96 3.16
C GLU A 41 4.66 -4.62 4.07
N CYS A 42 4.17 -3.39 3.95
CA CYS A 42 3.04 -2.94 4.77
C CYS A 42 1.95 -4.01 4.82
N ILE A 43 1.31 -4.25 3.68
CA ILE A 43 0.25 -5.24 3.59
C ILE A 43 0.68 -6.57 4.21
N ARG A 44 1.94 -6.92 4.01
CA ARG A 44 2.48 -8.17 4.55
C ARG A 44 2.52 -8.13 6.07
N THR A 45 3.41 -7.32 6.62
CA THR A 45 3.54 -7.19 8.07
C THR A 45 2.17 -7.14 8.74
N ALA A 46 1.22 -6.48 8.09
CA ALA A 46 -0.12 -6.35 8.62
C ALA A 46 -0.74 -7.72 8.87
N LEU A 47 -0.52 -8.64 7.94
CA LEU A 47 -1.06 -9.99 8.05
C LEU A 47 -0.36 -10.77 9.15
N LEU A 48 0.93 -10.48 9.35
CA LEU A 48 1.71 -11.15 10.38
C LEU A 48 1.21 -10.78 11.78
N GLU A 49 1.32 -9.50 12.11
CA GLU A 49 0.88 -9.02 13.42
C GLU A 49 -0.53 -9.52 13.73
N SER A 50 -1.45 -9.32 12.79
CA SER A 50 -2.83 -9.74 12.97
C SER A 50 -2.91 -11.24 13.29
N ASP A 51 -3.41 -11.55 14.48
CA ASP A 51 -3.54 -12.94 14.90
C ASP A 51 -3.86 -13.85 13.71
N GLU A 52 -4.75 -13.38 12.85
CA GLU A 52 -5.15 -14.15 11.68
C GLU A 52 -5.12 -13.28 10.42
N HIS A 53 -5.04 -13.93 9.27
CA HIS A 53 -5.00 -13.22 7.99
C HIS A 53 -6.28 -12.43 7.78
N THR A 54 -6.34 -11.23 8.35
CA THR A 54 -7.51 -10.37 8.22
C THR A 54 -7.13 -9.02 7.64
N CYS A 55 -7.93 -8.54 6.69
CA CYS A 55 -7.69 -7.24 6.05
C CYS A 55 -7.94 -6.11 7.02
N PRO A 56 -6.97 -5.18 7.13
CA PRO A 56 -7.07 -4.03 8.02
C PRO A 56 -8.11 -3.02 7.54
N THR A 57 -8.83 -3.37 6.48
CA THR A 57 -9.86 -2.49 5.93
C THR A 57 -11.23 -3.14 6.00
N CYS A 58 -11.37 -4.29 5.35
CA CYS A 58 -12.63 -5.01 5.33
C CYS A 58 -12.52 -6.33 6.10
N HIS A 59 -13.66 -6.87 6.53
CA HIS A 59 -13.69 -8.12 7.27
C HIS A 59 -13.45 -9.31 6.35
N GLN A 60 -12.19 -9.65 6.13
CA GLN A 60 -11.84 -10.76 5.26
C GLN A 60 -11.34 -11.95 6.07
N ASN A 61 -11.75 -13.15 5.69
CA ASN A 61 -11.35 -14.36 6.38
C ASN A 61 -9.84 -14.59 6.27
N ASP A 62 -9.37 -14.82 5.04
CA ASP A 62 -7.96 -15.04 4.79
C ASP A 62 -7.57 -14.57 3.40
N VAL A 63 -6.65 -13.61 3.34
CA VAL A 63 -6.19 -13.06 2.06
C VAL A 63 -4.81 -13.61 1.71
N SER A 64 -4.72 -14.27 0.55
CA SER A 64 -3.47 -14.84 0.09
C SER A 64 -2.59 -13.77 -0.56
N PRO A 65 -1.31 -13.74 -0.15
CA PRO A 65 -0.33 -12.77 -0.67
C PRO A 65 0.03 -13.04 -2.13
N ASP A 66 -0.60 -14.05 -2.71
CA ASP A 66 -0.35 -14.42 -4.10
C ASP A 66 -1.23 -13.62 -5.05
N ALA A 67 -2.52 -13.54 -4.71
CA ALA A 67 -3.48 -12.81 -5.53
C ALA A 67 -3.03 -11.36 -5.74
N LEU A 68 -2.56 -10.73 -4.67
CA LEU A 68 -2.10 -9.35 -4.74
C LEU A 68 -1.37 -9.09 -6.06
N SER A 69 -1.66 -7.94 -6.66
CA SER A 69 -1.03 -7.56 -7.92
C SER A 69 0.48 -7.53 -7.79
N GLY A 70 1.17 -7.96 -8.85
CA GLY A 70 2.62 -7.97 -8.84
C GLY A 70 3.21 -8.67 -10.05
N PRO A 71 4.19 -9.55 -9.82
CA PRO A 71 4.86 -10.29 -10.89
C PRO A 71 3.95 -11.34 -11.52
N SER A 72 3.81 -11.28 -12.84
CA SER A 72 2.96 -12.22 -13.56
C SER A 72 3.70 -13.53 -13.83
N SER A 73 2.97 -14.64 -13.80
CA SER A 73 3.56 -15.95 -14.03
C SER A 73 2.90 -16.64 -15.22
N GLY A 74 3.69 -16.95 -16.24
CA GLY A 74 3.17 -17.61 -17.41
C GLY A 74 3.70 -19.02 -17.57
N GLY A 1 13.32 29.54 0.87
CA GLY A 1 13.15 30.25 2.13
C GLY A 1 11.76 30.86 2.26
N SER A 2 11.72 32.17 2.48
CA SER A 2 10.45 32.87 2.63
C SER A 2 10.18 33.78 1.42
N SER A 3 11.16 34.61 1.09
CA SER A 3 11.02 35.51 -0.05
C SER A 3 10.62 34.76 -1.31
N GLY A 4 11.31 33.65 -1.56
CA GLY A 4 11.02 32.85 -2.74
C GLY A 4 12.10 31.84 -3.04
N SER A 5 11.83 30.94 -3.97
CA SER A 5 12.80 29.90 -4.35
C SER A 5 12.59 29.48 -5.81
N SER A 6 13.69 29.37 -6.54
CA SER A 6 13.63 28.97 -7.94
C SER A 6 13.27 27.49 -8.08
N GLY A 7 12.69 27.13 -9.21
CA GLY A 7 12.31 25.76 -9.44
C GLY A 7 11.25 25.28 -8.46
N GLU A 8 9.99 25.49 -8.80
CA GLU A 8 8.88 25.08 -7.93
C GLU A 8 8.51 23.62 -8.19
N ASP A 9 9.16 22.71 -7.46
CA ASP A 9 8.89 21.29 -7.62
C ASP A 9 7.85 20.82 -6.61
N ASP A 10 7.24 19.67 -6.88
CA ASP A 10 6.22 19.11 -6.00
C ASP A 10 6.57 17.68 -5.62
N PRO A 11 6.49 17.38 -4.31
CA PRO A 11 6.78 16.03 -3.79
C PRO A 11 5.72 15.02 -4.18
N ILE A 12 6.06 13.73 -4.04
CA ILE A 12 5.13 12.66 -4.38
C ILE A 12 3.74 12.93 -3.80
N PRO A 13 2.72 12.88 -4.68
CA PRO A 13 1.33 13.11 -4.27
C PRO A 13 0.79 11.98 -3.41
N ASP A 14 -0.39 12.20 -2.83
CA ASP A 14 -1.03 11.20 -1.97
C ASP A 14 -1.45 9.98 -2.79
N GLU A 15 -2.01 10.24 -3.97
CA GLU A 15 -2.46 9.15 -4.84
C GLU A 15 -1.40 8.06 -4.96
N LEU A 16 -0.15 8.43 -4.67
CA LEU A 16 0.95 7.48 -4.74
C LEU A 16 1.45 7.12 -3.34
N LEU A 17 0.53 7.10 -2.38
CA LEU A 17 0.88 6.76 -1.00
C LEU A 17 -0.14 5.80 -0.41
N CYS A 18 0.35 4.86 0.40
CA CYS A 18 -0.51 3.87 1.04
C CYS A 18 -1.33 4.51 2.16
N LEU A 19 -2.07 3.67 2.89
CA LEU A 19 -2.90 4.15 3.99
C LEU A 19 -2.26 3.83 5.34
N ILE A 20 -1.35 2.86 5.34
CA ILE A 20 -0.67 2.46 6.56
C ILE A 20 0.36 3.50 6.98
N CYS A 21 1.48 3.53 6.27
CA CYS A 21 2.55 4.49 6.58
C CYS A 21 2.51 5.67 5.61
N LYS A 22 1.45 5.73 4.81
CA LYS A 22 1.28 6.81 3.84
C LYS A 22 2.62 7.20 3.24
N ASP A 23 3.33 6.23 2.67
CA ASP A 23 4.63 6.47 2.05
C ASP A 23 4.71 5.81 0.68
N ILE A 24 5.46 6.43 -0.23
CA ILE A 24 5.62 5.90 -1.57
C ILE A 24 5.66 4.38 -1.56
N MET A 25 4.82 3.76 -2.39
CA MET A 25 4.75 2.31 -2.48
C MET A 25 5.65 1.79 -3.59
N THR A 26 6.89 1.45 -3.24
CA THR A 26 7.85 0.94 -4.20
C THR A 26 7.23 -0.13 -5.09
N ASP A 27 6.45 -1.02 -4.48
CA ASP A 27 5.79 -2.10 -5.22
C ASP A 27 4.33 -2.21 -4.81
N ALA A 28 3.61 -1.08 -4.86
CA ALA A 28 2.21 -1.06 -4.49
C ALA A 28 1.50 -2.32 -4.96
N VAL A 29 0.70 -2.91 -4.08
CA VAL A 29 -0.04 -4.12 -4.41
C VAL A 29 -1.49 -4.02 -3.97
N VAL A 30 -2.40 -4.29 -4.91
CA VAL A 30 -3.83 -4.22 -4.62
C VAL A 30 -4.34 -5.56 -4.07
N ILE A 31 -5.01 -5.50 -2.92
CA ILE A 31 -5.55 -6.71 -2.30
C ILE A 31 -6.90 -7.08 -2.91
N PRO A 32 -7.10 -8.38 -3.17
CA PRO A 32 -8.35 -8.89 -3.74
C PRO A 32 -9.51 -8.80 -2.77
N CYS A 33 -9.32 -9.34 -1.57
CA CYS A 33 -10.36 -9.32 -0.55
C CYS A 33 -11.27 -8.11 -0.72
N CYS A 34 -10.66 -6.92 -0.78
CA CYS A 34 -11.41 -5.68 -0.94
C CYS A 34 -10.75 -4.79 -1.98
N GLY A 35 -9.49 -4.45 -1.77
CA GLY A 35 -8.77 -3.61 -2.70
C GLY A 35 -8.29 -2.31 -2.06
N ASN A 36 -7.02 -2.26 -1.72
CA ASN A 36 -6.43 -1.08 -1.11
C ASN A 36 -4.94 -0.97 -1.42
N SER A 37 -4.38 0.21 -1.21
CA SER A 37 -2.97 0.45 -1.47
C SER A 37 -2.13 0.21 -0.22
N TYR A 38 -1.18 -0.71 -0.32
CA TYR A 38 -0.31 -1.04 0.80
C TYR A 38 1.08 -1.44 0.33
N CYS A 39 2.09 -0.77 0.86
CA CYS A 39 3.48 -1.05 0.50
C CYS A 39 3.74 -2.56 0.50
N ASP A 40 4.43 -3.05 -0.53
CA ASP A 40 4.75 -4.46 -0.64
C ASP A 40 4.98 -5.08 0.74
N GLU A 41 5.59 -4.30 1.63
CA GLU A 41 5.87 -4.77 2.98
C GLU A 41 4.70 -4.47 3.92
N CYS A 42 4.16 -3.26 3.80
CA CYS A 42 3.04 -2.85 4.63
C CYS A 42 2.00 -3.97 4.76
N ILE A 43 1.48 -4.41 3.62
CA ILE A 43 0.50 -5.48 3.60
C ILE A 43 1.08 -6.79 4.14
N ARG A 44 2.35 -7.03 3.83
CA ARG A 44 3.03 -8.23 4.28
C ARG A 44 2.98 -8.36 5.79
N THR A 45 3.52 -7.35 6.48
CA THR A 45 3.54 -7.36 7.95
C THR A 45 2.12 -7.31 8.51
N ALA A 46 1.36 -6.29 8.11
CA ALA A 46 -0.01 -6.14 8.57
C ALA A 46 -0.68 -7.49 8.77
N LEU A 47 -0.78 -8.27 7.71
CA LEU A 47 -1.39 -9.59 7.77
C LEU A 47 -0.82 -10.40 8.93
N LEU A 48 0.50 -10.41 9.06
CA LEU A 48 1.18 -11.14 10.11
C LEU A 48 0.83 -10.55 11.48
N GLU A 49 1.20 -9.29 11.69
CA GLU A 49 0.93 -8.61 12.95
C GLU A 49 -0.42 -9.04 13.51
N SER A 50 -1.49 -8.84 12.74
CA SER A 50 -2.83 -9.19 13.18
C SER A 50 -2.90 -10.67 13.56
N ASP A 51 -4.07 -11.10 14.00
CA ASP A 51 -4.28 -12.49 14.39
C ASP A 51 -3.55 -13.44 13.45
N GLU A 52 -4.01 -13.49 12.20
CA GLU A 52 -3.41 -14.36 11.20
C GLU A 52 -3.99 -14.08 9.81
N HIS A 53 -3.14 -13.63 8.90
CA HIS A 53 -3.57 -13.34 7.53
C HIS A 53 -4.96 -12.70 7.53
N THR A 54 -5.15 -11.71 8.39
CA THR A 54 -6.43 -11.01 8.50
C THR A 54 -6.32 -9.57 8.00
N CYS A 55 -7.01 -9.28 6.91
CA CYS A 55 -7.00 -7.95 6.33
C CYS A 55 -7.56 -6.92 7.30
N PRO A 56 -6.73 -5.92 7.66
CA PRO A 56 -7.12 -4.86 8.58
C PRO A 56 -8.16 -3.92 7.99
N THR A 57 -8.61 -4.23 6.78
CA THR A 57 -9.61 -3.42 6.09
C THR A 57 -10.98 -4.08 6.12
N CYS A 58 -11.06 -5.31 5.61
CA CYS A 58 -12.30 -6.06 5.58
C CYS A 58 -12.23 -7.27 6.48
N HIS A 59 -11.46 -7.17 7.56
CA HIS A 59 -11.29 -8.26 8.50
C HIS A 59 -11.38 -9.61 7.79
N GLN A 60 -10.69 -9.71 6.66
CA GLN A 60 -10.69 -10.95 5.88
C GLN A 60 -10.06 -12.10 6.67
N ASN A 61 -10.16 -13.31 6.14
CA ASN A 61 -9.62 -14.48 6.80
C ASN A 61 -8.72 -15.27 5.84
N ASP A 62 -7.42 -15.03 5.93
CA ASP A 62 -6.45 -15.71 5.08
C ASP A 62 -6.50 -15.18 3.65
N VAL A 63 -6.35 -13.86 3.51
CA VAL A 63 -6.38 -13.22 2.20
C VAL A 63 -5.22 -13.70 1.33
N SER A 64 -5.55 -14.30 0.19
CA SER A 64 -4.55 -14.81 -0.73
C SER A 64 -3.41 -13.79 -0.90
N PRO A 65 -2.27 -14.06 -0.25
CA PRO A 65 -1.09 -13.19 -0.32
C PRO A 65 -0.43 -13.22 -1.68
N ASP A 66 -0.73 -14.25 -2.46
CA ASP A 66 -0.16 -14.40 -3.79
C ASP A 66 -0.94 -13.56 -4.81
N ALA A 67 -2.27 -13.62 -4.73
CA ALA A 67 -3.12 -12.87 -5.65
C ALA A 67 -2.58 -11.47 -5.88
N LEU A 68 -2.10 -10.83 -4.81
CA LEU A 68 -1.55 -9.48 -4.90
C LEU A 68 -0.78 -9.29 -6.21
N SER A 69 -0.84 -8.07 -6.74
CA SER A 69 -0.15 -7.76 -7.98
C SER A 69 1.36 -7.89 -7.82
N GLY A 70 2.06 -8.11 -8.94
CA GLY A 70 3.50 -8.24 -8.89
C GLY A 70 4.05 -8.89 -10.14
N PRO A 71 5.33 -8.61 -10.46
CA PRO A 71 6.00 -9.16 -11.62
C PRO A 71 6.28 -10.66 -11.48
N SER A 72 6.48 -11.11 -10.25
CA SER A 72 6.75 -12.51 -9.98
C SER A 72 5.57 -13.16 -9.25
N SER A 73 5.13 -14.30 -9.75
CA SER A 73 4.01 -15.03 -9.16
C SER A 73 4.33 -16.51 -9.03
N GLY A 74 3.80 -17.14 -7.99
CA GLY A 74 4.03 -18.55 -7.77
C GLY A 74 5.49 -18.87 -7.53
N GLY A 1 10.09 32.24 -3.93
CA GLY A 1 11.25 32.68 -4.67
C GLY A 1 12.55 32.38 -3.94
N SER A 2 12.62 31.22 -3.30
CA SER A 2 13.81 30.83 -2.55
C SER A 2 15.04 30.78 -3.46
N SER A 3 15.98 31.68 -3.20
CA SER A 3 17.20 31.74 -4.00
C SER A 3 18.02 30.46 -3.86
N GLY A 4 18.34 29.84 -4.99
CA GLY A 4 19.10 28.62 -4.97
C GLY A 4 18.82 27.73 -6.17
N SER A 5 17.89 26.79 -6.02
CA SER A 5 17.54 25.88 -7.10
C SER A 5 16.55 26.53 -8.06
N SER A 6 16.59 26.11 -9.31
CA SER A 6 15.70 26.65 -10.34
C SER A 6 14.26 26.67 -9.84
N GLY A 7 13.80 25.52 -9.34
CA GLY A 7 12.44 25.41 -8.84
C GLY A 7 12.20 24.12 -8.09
N GLU A 8 11.14 24.11 -7.28
CA GLU A 8 10.80 22.92 -6.50
C GLU A 8 10.13 21.87 -7.38
N ASP A 9 10.14 20.62 -6.92
CA ASP A 9 9.54 19.52 -7.66
C ASP A 9 8.14 19.20 -7.13
N ASP A 10 7.25 18.80 -8.02
CA ASP A 10 5.89 18.47 -7.64
C ASP A 10 5.87 17.48 -6.48
N PRO A 11 4.94 17.70 -5.54
CA PRO A 11 4.78 16.85 -4.36
C PRO A 11 4.25 15.46 -4.71
N ILE A 12 4.49 14.50 -3.82
CA ILE A 12 4.03 13.14 -4.03
C ILE A 12 2.58 12.96 -3.61
N PRO A 13 1.72 12.58 -4.57
CA PRO A 13 0.29 12.37 -4.32
C PRO A 13 0.03 11.15 -3.44
N ASP A 14 -1.21 11.01 -2.97
CA ASP A 14 -1.59 9.90 -2.14
C ASP A 14 -1.66 8.60 -2.94
N GLU A 15 -2.37 8.65 -4.07
CA GLU A 15 -2.51 7.47 -4.92
C GLU A 15 -1.22 6.67 -4.97
N LEU A 16 -0.09 7.36 -4.81
CA LEU A 16 1.22 6.71 -4.83
C LEU A 16 1.56 6.16 -3.46
N LEU A 17 1.27 6.93 -2.42
CA LEU A 17 1.56 6.52 -1.05
C LEU A 17 0.48 5.57 -0.54
N CYS A 18 0.82 4.80 0.49
CA CYS A 18 -0.12 3.85 1.09
C CYS A 18 -0.98 4.53 2.14
N LEU A 19 -2.06 3.86 2.53
CA LEU A 19 -2.98 4.40 3.54
C LEU A 19 -2.64 3.85 4.93
N ILE A 20 -1.38 3.54 5.15
CA ILE A 20 -0.93 2.99 6.43
C ILE A 20 0.18 3.86 7.02
N CYS A 21 1.38 3.71 6.48
CA CYS A 21 2.53 4.49 6.95
C CYS A 21 2.76 5.72 6.09
N LYS A 22 2.04 5.79 4.97
CA LYS A 22 2.16 6.92 4.06
C LYS A 22 3.58 7.01 3.48
N ASP A 23 4.03 5.92 2.88
CA ASP A 23 5.36 5.87 2.28
C ASP A 23 5.30 5.30 0.87
N ILE A 24 6.14 5.84 -0.01
CA ILE A 24 6.18 5.38 -1.40
C ILE A 24 6.20 3.86 -1.47
N MET A 25 5.22 3.29 -2.15
CA MET A 25 5.13 1.85 -2.30
C MET A 25 5.85 1.37 -3.56
N THR A 26 7.10 0.95 -3.39
CA THR A 26 7.90 0.48 -4.52
C THR A 26 7.13 -0.52 -5.36
N ASP A 27 6.25 -1.28 -4.70
CA ASP A 27 5.45 -2.29 -5.39
C ASP A 27 3.98 -2.18 -5.00
N ALA A 28 3.33 -1.13 -5.48
CA ALA A 28 1.91 -0.91 -5.18
C ALA A 28 1.11 -2.19 -5.34
N VAL A 29 0.66 -2.76 -4.23
CA VAL A 29 -0.12 -3.99 -4.25
C VAL A 29 -1.54 -3.75 -3.77
N VAL A 30 -2.51 -3.96 -4.65
CA VAL A 30 -3.92 -3.77 -4.32
C VAL A 30 -4.54 -5.04 -3.76
N ILE A 31 -5.38 -4.90 -2.75
CA ILE A 31 -6.04 -6.05 -2.14
C ILE A 31 -7.46 -6.22 -2.67
N PRO A 32 -7.83 -7.48 -2.97
CA PRO A 32 -9.16 -7.80 -3.49
C PRO A 32 -10.25 -7.63 -2.44
N CYS A 33 -10.04 -8.22 -1.27
CA CYS A 33 -11.00 -8.12 -0.18
C CYS A 33 -11.77 -6.80 -0.24
N CYS A 34 -11.05 -5.73 -0.55
CA CYS A 34 -11.67 -4.41 -0.64
C CYS A 34 -11.20 -3.68 -1.90
N GLY A 35 -9.89 -3.40 -1.96
CA GLY A 35 -9.34 -2.70 -3.11
C GLY A 35 -8.50 -1.50 -2.71
N ASN A 36 -7.40 -1.75 -2.01
CA ASN A 36 -6.52 -0.69 -1.57
C ASN A 36 -5.05 -1.07 -1.77
N SER A 37 -4.22 -0.09 -2.10
CA SER A 37 -2.81 -0.33 -2.32
C SER A 37 -2.01 -0.05 -1.06
N TYR A 38 -0.97 -0.85 -0.83
CA TYR A 38 -0.12 -0.69 0.34
C TYR A 38 1.32 -1.08 0.04
N CYS A 39 2.24 -0.66 0.90
CA CYS A 39 3.65 -0.96 0.73
C CYS A 39 3.89 -2.47 0.69
N ASP A 40 4.69 -2.92 -0.28
CA ASP A 40 4.99 -4.34 -0.42
C ASP A 40 5.20 -4.99 0.94
N GLU A 41 5.61 -4.18 1.92
CA GLU A 41 5.85 -4.67 3.27
C GLU A 41 4.63 -4.46 4.16
N CYS A 42 4.14 -3.22 4.19
CA CYS A 42 2.98 -2.87 4.99
C CYS A 42 1.96 -4.02 5.01
N ILE A 43 1.33 -4.25 3.86
CA ILE A 43 0.34 -5.31 3.74
C ILE A 43 0.94 -6.66 4.12
N ARG A 44 2.23 -6.81 3.89
CA ARG A 44 2.92 -8.06 4.21
C ARG A 44 2.87 -8.34 5.72
N THR A 45 3.27 -7.35 6.52
CA THR A 45 3.27 -7.49 7.97
C THR A 45 1.85 -7.38 8.52
N ALA A 46 1.13 -6.36 8.10
CA ALA A 46 -0.23 -6.14 8.55
C ALA A 46 -0.95 -7.47 8.81
N LEU A 47 -0.71 -8.43 7.93
CA LEU A 47 -1.33 -9.75 8.06
C LEU A 47 -0.66 -10.56 9.16
N LEU A 48 0.67 -10.55 9.17
CA LEU A 48 1.42 -11.29 10.17
C LEU A 48 1.15 -10.74 11.57
N GLU A 49 1.39 -9.44 11.74
CA GLU A 49 1.16 -8.80 13.04
C GLU A 49 0.01 -9.46 13.78
N SER A 50 -1.06 -9.77 13.05
CA SER A 50 -2.23 -10.39 13.65
C SER A 50 -2.50 -11.75 13.01
N ASP A 51 -2.35 -12.81 13.81
CA ASP A 51 -2.58 -14.17 13.33
C ASP A 51 -3.92 -14.28 12.62
N GLU A 52 -4.89 -13.48 13.06
CA GLU A 52 -6.21 -13.49 12.47
C GLU A 52 -6.16 -13.12 10.99
N HIS A 53 -5.18 -12.29 10.63
CA HIS A 53 -5.01 -11.86 9.25
C HIS A 53 -6.20 -11.03 8.79
N THR A 54 -6.65 -10.13 9.66
CA THR A 54 -7.79 -9.27 9.34
C THR A 54 -7.34 -7.97 8.69
N CYS A 55 -8.02 -7.58 7.61
CA CYS A 55 -7.70 -6.36 6.89
C CYS A 55 -7.87 -5.13 7.78
N PRO A 56 -6.86 -4.25 7.78
CA PRO A 56 -6.88 -3.03 8.57
C PRO A 56 -7.89 -2.02 8.06
N THR A 57 -8.64 -2.40 7.04
CA THR A 57 -9.65 -1.53 6.45
C THR A 57 -11.03 -2.19 6.46
N CYS A 58 -11.16 -3.28 5.70
CA CYS A 58 -12.41 -4.01 5.62
C CYS A 58 -12.43 -5.18 6.60
N HIS A 59 -13.62 -5.74 6.81
CA HIS A 59 -13.77 -6.87 7.73
C HIS A 59 -13.48 -8.19 7.02
N GLN A 60 -12.20 -8.54 6.94
CA GLN A 60 -11.79 -9.79 6.28
C GLN A 60 -11.29 -10.80 7.31
N ASN A 61 -11.18 -12.06 6.88
CA ASN A 61 -10.70 -13.12 7.76
C ASN A 61 -9.29 -13.53 7.39
N ASP A 62 -9.11 -14.03 6.17
CA ASP A 62 -7.81 -14.46 5.70
C ASP A 62 -7.60 -14.06 4.24
N VAL A 63 -6.52 -13.34 3.98
CA VAL A 63 -6.20 -12.89 2.63
C VAL A 63 -4.91 -13.52 2.12
N SER A 64 -4.95 -14.05 0.91
CA SER A 64 -3.79 -14.69 0.31
C SER A 64 -2.80 -13.65 -0.20
N PRO A 65 -1.53 -13.76 0.26
CA PRO A 65 -0.46 -12.84 -0.15
C PRO A 65 -0.07 -13.01 -1.60
N ASP A 66 -0.75 -13.90 -2.30
CA ASP A 66 -0.47 -14.16 -3.71
C ASP A 66 -1.43 -13.37 -4.61
N ALA A 67 -2.70 -13.35 -4.23
CA ALA A 67 -3.72 -12.64 -5.00
C ALA A 67 -3.30 -11.19 -5.25
N LEU A 68 -2.80 -10.53 -4.21
CA LEU A 68 -2.37 -9.15 -4.33
C LEU A 68 -1.70 -8.89 -5.68
N SER A 69 -1.76 -7.65 -6.14
CA SER A 69 -1.17 -7.27 -7.41
C SER A 69 0.31 -6.94 -7.25
N GLY A 70 1.15 -7.97 -7.32
CA GLY A 70 2.58 -7.76 -7.18
C GLY A 70 3.33 -9.06 -6.95
N PRO A 71 4.38 -9.28 -7.75
CA PRO A 71 5.21 -10.49 -7.65
C PRO A 71 6.03 -10.52 -6.38
N SER A 72 6.68 -11.66 -6.12
CA SER A 72 7.51 -11.82 -4.94
C SER A 72 8.81 -12.54 -5.27
N SER A 73 9.88 -12.19 -4.57
CA SER A 73 11.18 -12.80 -4.79
C SER A 73 11.78 -13.30 -3.49
N GLY A 74 12.03 -14.61 -3.42
CA GLY A 74 12.60 -15.20 -2.23
C GLY A 74 13.88 -14.52 -1.80
N GLY A 1 12.08 35.12 4.70
CA GLY A 1 11.44 34.03 3.99
C GLY A 1 11.64 34.14 2.48
N SER A 2 10.76 33.50 1.73
CA SER A 2 10.85 33.51 0.27
C SER A 2 9.69 34.31 -0.34
N SER A 3 10.03 35.22 -1.24
CA SER A 3 9.02 36.05 -1.89
C SER A 3 8.83 35.64 -3.35
N GLY A 4 7.78 34.88 -3.61
CA GLY A 4 7.49 34.43 -4.96
C GLY A 4 6.26 35.08 -5.54
N SER A 5 6.16 35.06 -6.87
CA SER A 5 5.02 35.67 -7.55
C SER A 5 4.26 34.62 -8.37
N SER A 6 4.95 34.02 -9.33
CA SER A 6 4.36 33.00 -10.19
C SER A 6 5.23 31.76 -10.25
N GLY A 7 4.69 30.63 -9.77
CA GLY A 7 5.43 29.39 -9.79
C GLY A 7 5.06 28.48 -8.64
N GLU A 8 3.80 28.05 -8.61
CA GLU A 8 3.32 27.17 -7.55
C GLU A 8 3.40 25.71 -7.98
N ASP A 9 4.17 24.92 -7.24
CA ASP A 9 4.33 23.50 -7.53
C ASP A 9 3.56 22.64 -6.54
N ASP A 10 3.34 21.38 -6.90
CA ASP A 10 2.62 20.46 -6.02
C ASP A 10 3.37 19.13 -5.91
N PRO A 11 3.70 18.74 -4.67
CA PRO A 11 4.41 17.49 -4.39
C PRO A 11 3.56 16.25 -4.66
N ILE A 12 4.14 15.08 -4.45
CA ILE A 12 3.42 13.83 -4.67
C ILE A 12 2.09 13.82 -3.93
N PRO A 13 1.01 13.47 -4.64
CA PRO A 13 -0.33 13.41 -4.06
C PRO A 13 -0.50 12.25 -3.08
N ASP A 14 -1.62 12.24 -2.37
CA ASP A 14 -1.89 11.19 -1.39
C ASP A 14 -2.26 9.89 -2.09
N GLU A 15 -3.05 10.00 -3.17
CA GLU A 15 -3.48 8.83 -3.92
C GLU A 15 -2.30 7.90 -4.19
N LEU A 16 -1.10 8.47 -4.21
CA LEU A 16 0.11 7.68 -4.47
C LEU A 16 0.81 7.31 -3.16
N LEU A 17 0.01 7.19 -2.10
CA LEU A 17 0.55 6.83 -0.78
C LEU A 17 -0.30 5.76 -0.12
N CYS A 18 0.33 4.93 0.70
CA CYS A 18 -0.37 3.86 1.40
C CYS A 18 -1.14 4.40 2.60
N LEU A 19 -2.11 3.63 3.08
CA LEU A 19 -2.91 4.03 4.23
C LEU A 19 -2.42 3.37 5.51
N ILE A 20 -1.09 3.31 5.65
CA ILE A 20 -0.49 2.71 6.83
C ILE A 20 0.63 3.59 7.39
N CYS A 21 1.74 3.64 6.66
CA CYS A 21 2.89 4.44 7.08
C CYS A 21 2.97 5.73 6.27
N LYS A 22 2.17 5.81 5.21
CA LYS A 22 2.15 7.00 4.35
C LYS A 22 3.49 7.18 3.66
N ASP A 23 3.94 6.14 2.98
CA ASP A 23 5.21 6.19 2.26
C ASP A 23 5.07 5.60 0.86
N ILE A 24 5.78 6.19 -0.10
CA ILE A 24 5.73 5.73 -1.47
C ILE A 24 5.73 4.21 -1.55
N MET A 25 4.73 3.65 -2.21
CA MET A 25 4.61 2.20 -2.36
C MET A 25 5.52 1.70 -3.48
N THR A 26 6.74 1.31 -3.11
CA THR A 26 7.70 0.81 -4.07
C THR A 26 7.06 -0.20 -5.01
N ASP A 27 6.21 -1.06 -4.46
CA ASP A 27 5.53 -2.08 -5.25
C ASP A 27 4.04 -2.09 -4.96
N ALA A 28 3.33 -1.10 -5.49
CA ALA A 28 1.89 -0.99 -5.29
C ALA A 28 1.22 -2.36 -5.35
N VAL A 29 0.44 -2.68 -4.33
CA VAL A 29 -0.27 -3.96 -4.27
C VAL A 29 -1.72 -3.77 -3.89
N VAL A 30 -2.62 -4.29 -4.73
CA VAL A 30 -4.05 -4.18 -4.48
C VAL A 30 -4.61 -5.47 -3.91
N ILE A 31 -5.15 -5.40 -2.69
CA ILE A 31 -5.72 -6.56 -2.03
C ILE A 31 -7.07 -6.93 -2.63
N PRO A 32 -7.30 -8.23 -2.84
CA PRO A 32 -8.55 -8.73 -3.41
C PRO A 32 -9.72 -8.59 -2.44
N CYS A 33 -9.52 -9.05 -1.20
CA CYS A 33 -10.56 -8.96 -0.19
C CYS A 33 -11.45 -7.75 -0.40
N CYS A 34 -10.82 -6.58 -0.53
CA CYS A 34 -11.55 -5.34 -0.74
C CYS A 34 -10.90 -4.50 -1.84
N GLY A 35 -9.61 -4.21 -1.67
CA GLY A 35 -8.90 -3.43 -2.66
C GLY A 35 -8.31 -2.15 -2.08
N ASN A 36 -7.02 -2.18 -1.79
CA ASN A 36 -6.34 -1.03 -1.22
C ASN A 36 -4.86 -1.04 -1.57
N SER A 37 -4.24 0.15 -1.59
CA SER A 37 -2.83 0.27 -1.90
C SER A 37 -1.98 0.26 -0.64
N TYR A 38 -0.99 -0.62 -0.61
CA TYR A 38 -0.10 -0.73 0.55
C TYR A 38 1.32 -1.10 0.11
N CYS A 39 2.29 -0.76 0.95
CA CYS A 39 3.69 -1.05 0.65
C CYS A 39 3.94 -2.57 0.64
N ASP A 40 4.69 -3.02 -0.35
CA ASP A 40 5.01 -4.44 -0.47
C ASP A 40 5.14 -5.09 0.91
N GLU A 41 5.62 -4.32 1.87
CA GLU A 41 5.80 -4.81 3.24
C GLU A 41 4.59 -4.49 4.10
N CYS A 42 4.19 -3.22 4.08
CA CYS A 42 3.03 -2.77 4.86
C CYS A 42 1.95 -3.84 4.89
N ILE A 43 1.59 -4.34 3.72
CA ILE A 43 0.56 -5.38 3.62
C ILE A 43 1.11 -6.74 4.02
N ARG A 44 2.41 -6.92 3.85
CA ARG A 44 3.06 -8.18 4.19
C ARG A 44 3.03 -8.42 5.70
N THR A 45 3.47 -7.41 6.45
CA THR A 45 3.49 -7.51 7.90
C THR A 45 2.08 -7.44 8.49
N ALA A 46 1.28 -6.51 7.98
CA ALA A 46 -0.09 -6.34 8.45
C ALA A 46 -0.76 -7.69 8.68
N LEU A 47 -0.52 -8.63 7.77
CA LEU A 47 -1.11 -9.96 7.88
C LEU A 47 -0.56 -10.70 9.11
N LEU A 48 0.74 -10.57 9.34
CA LEU A 48 1.37 -11.21 10.49
C LEU A 48 0.94 -10.56 11.79
N GLU A 49 0.98 -9.23 11.82
CA GLU A 49 0.57 -8.49 13.02
C GLU A 49 -0.79 -8.94 13.51
N SER A 50 -1.81 -8.79 12.66
CA SER A 50 -3.16 -9.18 13.01
C SER A 50 -3.21 -10.63 13.50
N ASP A 51 -4.26 -10.97 14.24
CA ASP A 51 -4.41 -12.31 14.77
C ASP A 51 -4.35 -13.34 13.66
N GLU A 52 -5.27 -13.25 12.70
CA GLU A 52 -5.32 -14.17 11.58
C GLU A 52 -5.48 -13.42 10.26
N HIS A 53 -4.38 -12.91 9.75
CA HIS A 53 -4.39 -12.16 8.49
C HIS A 53 -5.69 -11.40 8.32
N THR A 54 -6.15 -10.77 9.40
CA THR A 54 -7.39 -10.02 9.38
C THR A 54 -7.19 -8.66 8.73
N CYS A 55 -7.46 -8.57 7.43
CA CYS A 55 -7.30 -7.33 6.69
C CYS A 55 -7.64 -6.13 7.57
N PRO A 56 -6.69 -5.18 7.66
CA PRO A 56 -6.86 -3.96 8.46
C PRO A 56 -7.91 -3.02 7.87
N THR A 57 -8.56 -3.47 6.80
CA THR A 57 -9.58 -2.66 6.14
C THR A 57 -10.96 -3.29 6.27
N CYS A 58 -11.09 -4.53 5.79
CA CYS A 58 -12.36 -5.24 5.85
C CYS A 58 -12.20 -6.56 6.62
N HIS A 59 -13.32 -7.15 7.01
CA HIS A 59 -13.31 -8.41 7.73
C HIS A 59 -12.91 -9.57 6.82
N GLN A 60 -11.62 -9.86 6.77
CA GLN A 60 -11.11 -10.95 5.94
C GLN A 60 -10.56 -12.08 6.80
N ASN A 61 -10.28 -13.21 6.16
CA ASN A 61 -9.76 -14.37 6.87
C ASN A 61 -8.74 -15.12 6.01
N ASP A 62 -7.46 -14.95 6.35
CA ASP A 62 -6.39 -15.61 5.61
C ASP A 62 -6.26 -15.03 4.20
N VAL A 63 -6.11 -13.72 4.12
CA VAL A 63 -5.99 -13.04 2.85
C VAL A 63 -5.14 -13.86 1.87
N SER A 64 -5.30 -13.60 0.58
CA SER A 64 -4.56 -14.31 -0.45
C SER A 64 -3.35 -13.50 -0.91
N PRO A 65 -2.16 -13.88 -0.42
CA PRO A 65 -0.91 -13.21 -0.77
C PRO A 65 -0.50 -13.45 -2.22
N ASP A 66 -1.36 -14.14 -2.96
CA ASP A 66 -1.09 -14.44 -4.37
C ASP A 66 -1.92 -13.54 -5.28
N ALA A 67 -3.06 -13.09 -4.78
CA ALA A 67 -3.94 -12.23 -5.56
C ALA A 67 -3.56 -10.76 -5.38
N LEU A 68 -2.26 -10.50 -5.31
CA LEU A 68 -1.76 -9.14 -5.15
C LEU A 68 -1.17 -8.62 -6.46
N SER A 69 -1.10 -7.29 -6.58
CA SER A 69 -0.55 -6.67 -7.78
C SER A 69 0.97 -6.58 -7.70
N GLY A 70 1.60 -7.66 -7.26
CA GLY A 70 3.04 -7.70 -7.15
C GLY A 70 3.74 -7.10 -8.36
N PRO A 71 3.79 -7.87 -9.45
CA PRO A 71 4.42 -7.44 -10.70
C PRO A 71 3.63 -6.33 -11.40
N SER A 72 4.20 -5.77 -12.45
CA SER A 72 3.55 -4.71 -13.21
C SER A 72 2.30 -5.23 -13.92
N SER A 73 2.47 -6.30 -14.68
CA SER A 73 1.35 -6.90 -15.42
C SER A 73 0.11 -6.94 -14.56
N GLY A 74 -1.05 -6.67 -15.17
CA GLY A 74 -2.30 -6.69 -14.45
C GLY A 74 -3.10 -7.95 -14.70
N GLY A 1 23.99 22.12 0.08
CA GLY A 1 22.66 21.57 0.14
C GLY A 1 22.45 20.43 -0.85
N SER A 2 21.39 20.52 -1.64
CA SER A 2 21.07 19.49 -2.62
C SER A 2 20.54 20.11 -3.91
N SER A 3 20.66 19.37 -5.01
CA SER A 3 20.19 19.85 -6.30
C SER A 3 18.84 19.22 -6.66
N GLY A 4 17.84 20.05 -6.89
CA GLY A 4 16.52 19.57 -7.23
C GLY A 4 15.82 20.44 -8.25
N SER A 5 16.15 20.24 -9.53
CA SER A 5 15.55 21.03 -10.60
C SER A 5 14.84 20.12 -11.61
N SER A 6 13.65 20.53 -12.04
CA SER A 6 12.88 19.76 -12.99
C SER A 6 11.76 20.61 -13.61
N GLY A 7 11.27 20.19 -14.77
CA GLY A 7 10.22 20.93 -15.43
C GLY A 7 9.10 21.33 -14.49
N GLU A 8 8.62 20.37 -13.69
CA GLU A 8 7.56 20.64 -12.74
C GLU A 8 8.00 20.32 -11.31
N ASP A 9 8.12 21.36 -10.50
CA ASP A 9 8.54 21.19 -9.11
C ASP A 9 7.35 20.89 -8.21
N ASP A 10 6.97 19.61 -8.14
CA ASP A 10 5.85 19.20 -7.31
C ASP A 10 6.12 17.85 -6.66
N PRO A 11 5.81 17.76 -5.35
CA PRO A 11 6.02 16.53 -4.58
C PRO A 11 5.07 15.42 -4.99
N ILE A 12 5.18 14.27 -4.32
CA ILE A 12 4.32 13.13 -4.62
C ILE A 12 2.97 13.27 -3.93
N PRO A 13 1.89 13.07 -4.70
CA PRO A 13 0.53 13.16 -4.17
C PRO A 13 0.19 12.02 -3.22
N ASP A 14 -0.95 12.14 -2.55
CA ASP A 14 -1.39 11.11 -1.61
C ASP A 14 -1.85 9.86 -2.35
N GLU A 15 -2.66 10.06 -3.38
CA GLU A 15 -3.17 8.94 -4.17
C GLU A 15 -2.07 7.91 -4.44
N LEU A 16 -0.83 8.38 -4.49
CA LEU A 16 0.31 7.51 -4.73
C LEU A 16 1.03 7.18 -3.43
N LEU A 17 0.25 6.98 -2.37
CA LEU A 17 0.82 6.64 -1.06
C LEU A 17 -0.05 5.62 -0.34
N CYS A 18 0.57 4.83 0.52
CA CYS A 18 -0.14 3.80 1.27
C CYS A 18 -0.87 4.42 2.46
N LEU A 19 -1.89 3.72 2.96
CA LEU A 19 -2.67 4.19 4.09
C LEU A 19 -2.17 3.56 5.39
N ILE A 20 -0.86 3.45 5.53
CA ILE A 20 -0.27 2.86 6.73
C ILE A 20 0.91 3.70 7.24
N CYS A 21 2.00 3.68 6.48
CA CYS A 21 3.19 4.44 6.84
C CYS A 21 3.32 5.70 5.99
N LYS A 22 2.48 5.80 4.96
CA LYS A 22 2.50 6.94 4.07
C LYS A 22 3.84 7.08 3.37
N ASP A 23 4.30 5.99 2.77
CA ASP A 23 5.58 5.97 2.06
C ASP A 23 5.41 5.40 0.65
N ILE A 24 6.11 5.99 -0.30
CA ILE A 24 6.04 5.55 -1.69
C ILE A 24 6.06 4.02 -1.77
N MET A 25 5.05 3.45 -2.41
CA MET A 25 4.96 2.00 -2.55
C MET A 25 5.81 1.52 -3.72
N THR A 26 6.84 0.75 -3.41
CA THR A 26 7.73 0.22 -4.44
C THR A 26 6.99 -0.71 -5.40
N ASP A 27 6.15 -1.58 -4.84
CA ASP A 27 5.38 -2.51 -5.65
C ASP A 27 3.90 -2.46 -5.28
N ALA A 28 3.21 -1.45 -5.79
CA ALA A 28 1.79 -1.27 -5.52
C ALA A 28 1.05 -2.61 -5.60
N VAL A 29 0.46 -3.02 -4.49
CA VAL A 29 -0.28 -4.28 -4.44
C VAL A 29 -1.71 -4.05 -3.97
N VAL A 30 -2.68 -4.45 -4.80
CA VAL A 30 -4.09 -4.30 -4.47
C VAL A 30 -4.63 -5.55 -3.80
N ILE A 31 -5.20 -5.38 -2.60
CA ILE A 31 -5.77 -6.49 -1.86
C ILE A 31 -7.17 -6.83 -2.36
N PRO A 32 -7.42 -8.14 -2.50
CA PRO A 32 -8.73 -8.63 -2.98
C PRO A 32 -9.84 -8.43 -1.94
N CYS A 33 -9.56 -8.80 -0.69
CA CYS A 33 -10.53 -8.66 0.38
C CYS A 33 -11.40 -7.43 0.16
N CYS A 34 -10.76 -6.29 -0.09
CA CYS A 34 -11.49 -5.04 -0.32
C CYS A 34 -10.90 -4.29 -1.51
N GLY A 35 -9.61 -4.02 -1.46
CA GLY A 35 -8.95 -3.30 -2.54
C GLY A 35 -8.33 -1.99 -2.09
N ASN A 36 -7.03 -2.02 -1.82
CA ASN A 36 -6.32 -0.83 -1.38
C ASN A 36 -4.84 -0.91 -1.74
N SER A 37 -4.15 0.23 -1.66
CA SER A 37 -2.73 0.29 -1.98
C SER A 37 -1.88 0.30 -0.72
N TYR A 38 -0.91 -0.60 -0.65
CA TYR A 38 -0.04 -0.70 0.51
C TYR A 38 1.37 -1.14 0.09
N CYS A 39 2.36 -0.77 0.90
CA CYS A 39 3.75 -1.12 0.61
C CYS A 39 3.95 -2.63 0.73
N ASP A 40 4.66 -3.19 -0.25
CA ASP A 40 4.93 -4.63 -0.27
C ASP A 40 5.08 -5.17 1.16
N GLU A 41 5.65 -4.36 2.04
CA GLU A 41 5.85 -4.76 3.43
C GLU A 41 4.64 -4.37 4.29
N CYS A 42 4.20 -3.13 4.14
CA CYS A 42 3.06 -2.63 4.90
C CYS A 42 1.97 -3.69 4.99
N ILE A 43 1.50 -4.14 3.83
CA ILE A 43 0.45 -5.16 3.77
C ILE A 43 0.96 -6.50 4.26
N ARG A 44 2.19 -6.83 3.90
CA ARG A 44 2.81 -8.09 4.31
C ARG A 44 2.77 -8.25 5.82
N THR A 45 3.52 -7.40 6.51
CA THR A 45 3.57 -7.45 7.97
C THR A 45 2.18 -7.31 8.58
N ALA A 46 1.41 -6.36 8.05
CA ALA A 46 0.06 -6.12 8.54
C ALA A 46 -0.67 -7.43 8.83
N LEU A 47 -0.63 -8.35 7.88
CA LEU A 47 -1.28 -9.64 8.03
C LEU A 47 -0.58 -10.48 9.10
N LEU A 48 0.75 -10.48 9.08
CA LEU A 48 1.53 -11.23 10.04
C LEU A 48 1.11 -10.89 11.47
N GLU A 49 0.99 -9.59 11.75
CA GLU A 49 0.60 -9.14 13.09
C GLU A 49 -0.83 -9.58 13.41
N SER A 50 -1.73 -9.43 12.44
CA SER A 50 -3.13 -9.81 12.64
C SER A 50 -3.29 -11.32 12.53
N ASP A 51 -3.30 -11.99 13.68
CA ASP A 51 -3.46 -13.44 13.71
C ASP A 51 -4.55 -13.90 12.76
N GLU A 52 -5.66 -13.16 12.74
CA GLU A 52 -6.78 -13.49 11.87
C GLU A 52 -6.70 -12.72 10.56
N HIS A 53 -5.51 -12.65 9.99
CA HIS A 53 -5.29 -11.95 8.73
C HIS A 53 -6.29 -10.79 8.58
N THR A 54 -6.52 -10.08 9.67
CA THR A 54 -7.44 -8.95 9.66
C THR A 54 -6.90 -7.80 8.85
N CYS A 55 -7.77 -7.15 8.07
CA CYS A 55 -7.37 -6.03 7.24
C CYS A 55 -7.43 -4.72 8.03
N PRO A 56 -6.38 -3.90 7.89
CA PRO A 56 -6.29 -2.60 8.58
C PRO A 56 -7.28 -1.59 8.03
N THR A 57 -7.88 -1.90 6.88
CA THR A 57 -8.85 -1.01 6.27
C THR A 57 -10.25 -1.61 6.31
N CYS A 58 -10.32 -2.93 6.23
CA CYS A 58 -11.61 -3.63 6.26
C CYS A 58 -11.60 -4.72 7.33
N HIS A 59 -12.78 -5.28 7.60
CA HIS A 59 -12.91 -6.34 8.60
C HIS A 59 -12.74 -7.70 7.96
N GLN A 60 -11.49 -8.03 7.59
CA GLN A 60 -11.20 -9.31 6.97
C GLN A 60 -10.75 -10.33 8.01
N ASN A 61 -10.71 -11.60 7.61
CA ASN A 61 -10.31 -12.68 8.51
C ASN A 61 -9.32 -13.62 7.82
N ASP A 62 -9.58 -13.92 6.55
CA ASP A 62 -8.71 -14.80 5.78
C ASP A 62 -8.23 -14.12 4.50
N VAL A 63 -6.98 -13.68 4.52
CA VAL A 63 -6.39 -13.01 3.36
C VAL A 63 -5.25 -13.83 2.77
N SER A 64 -5.22 -13.92 1.45
CA SER A 64 -4.18 -14.68 0.76
C SER A 64 -3.15 -13.74 0.15
N PRO A 65 -1.90 -13.84 0.63
CA PRO A 65 -0.79 -13.01 0.14
C PRO A 65 -0.37 -13.37 -1.28
N ASP A 66 -1.17 -14.22 -1.93
CA ASP A 66 -0.88 -14.64 -3.29
C ASP A 66 -1.80 -13.95 -4.29
N ALA A 67 -3.05 -13.74 -3.88
CA ALA A 67 -4.03 -13.08 -4.74
C ALA A 67 -3.83 -11.57 -4.74
N LEU A 68 -2.57 -11.14 -4.84
CA LEU A 68 -2.24 -9.72 -4.85
C LEU A 68 -1.66 -9.31 -6.20
N SER A 69 -1.63 -8.01 -6.46
CA SER A 69 -1.10 -7.48 -7.71
C SER A 69 0.35 -7.06 -7.55
N GLY A 70 1.27 -8.00 -7.74
CA GLY A 70 2.68 -7.71 -7.61
C GLY A 70 3.56 -8.85 -8.07
N PRO A 71 4.44 -8.57 -9.04
CA PRO A 71 5.37 -9.57 -9.59
C PRO A 71 6.44 -9.99 -8.58
N SER A 72 7.18 -11.04 -8.92
CA SER A 72 8.24 -11.54 -8.05
C SER A 72 9.61 -11.15 -8.59
N SER A 73 10.65 -11.37 -7.77
CA SER A 73 12.01 -11.03 -8.16
C SER A 73 13.02 -11.67 -7.21
N GLY A 74 14.29 -11.62 -7.58
CA GLY A 74 15.33 -12.19 -6.75
C GLY A 74 16.06 -13.33 -7.43
N GLY A 1 15.77 30.29 11.11
CA GLY A 1 16.30 30.65 9.81
C GLY A 1 15.34 31.49 9.00
N SER A 2 15.59 31.60 7.69
CA SER A 2 14.74 32.38 6.81
C SER A 2 14.31 31.56 5.59
N SER A 3 13.41 32.13 4.80
CA SER A 3 12.92 31.45 3.60
C SER A 3 12.70 32.45 2.47
N GLY A 4 13.40 32.25 1.36
CA GLY A 4 13.27 33.13 0.22
C GLY A 4 13.57 32.43 -1.09
N SER A 5 12.64 31.60 -1.55
CA SER A 5 12.80 30.87 -2.79
C SER A 5 11.55 30.99 -3.67
N SER A 6 11.77 31.23 -4.95
CA SER A 6 10.65 31.37 -5.90
C SER A 6 10.42 30.07 -6.65
N GLY A 7 9.14 29.68 -6.74
CA GLY A 7 8.79 28.46 -7.43
C GLY A 7 8.06 27.48 -6.54
N GLU A 8 6.74 27.65 -6.43
CA GLU A 8 5.92 26.77 -5.60
C GLU A 8 5.81 25.38 -6.21
N ASP A 9 6.00 24.36 -5.39
CA ASP A 9 5.92 22.98 -5.85
C ASP A 9 5.07 22.14 -4.90
N ASP A 10 4.58 21.00 -5.40
CA ASP A 10 3.75 20.12 -4.60
C ASP A 10 4.31 18.70 -4.62
N PRO A 11 4.53 18.14 -3.42
CA PRO A 11 5.06 16.77 -3.27
C PRO A 11 4.06 15.72 -3.70
N ILE A 12 4.53 14.47 -3.78
CA ILE A 12 3.68 13.35 -4.17
C ILE A 12 2.36 13.39 -3.42
N PRO A 13 1.25 13.24 -4.17
CA PRO A 13 -0.10 13.24 -3.59
C PRO A 13 -0.38 12.00 -2.76
N ASP A 14 -1.46 12.03 -1.99
CA ASP A 14 -1.83 10.90 -1.15
C ASP A 14 -2.23 9.70 -2.00
N GLU A 15 -2.97 9.95 -3.08
CA GLU A 15 -3.41 8.89 -3.98
C GLU A 15 -2.25 7.96 -4.33
N LEU A 16 -1.03 8.50 -4.29
CA LEU A 16 0.15 7.72 -4.61
C LEU A 16 0.90 7.34 -3.34
N LEU A 17 0.16 7.11 -2.27
CA LEU A 17 0.76 6.73 -0.99
C LEU A 17 -0.12 5.72 -0.26
N CYS A 18 0.52 4.88 0.55
CA CYS A 18 -0.20 3.86 1.30
C CYS A 18 -0.93 4.47 2.49
N LEU A 19 -1.88 3.73 3.05
CA LEU A 19 -2.65 4.21 4.19
C LEU A 19 -2.14 3.59 5.48
N ILE A 20 -0.81 3.45 5.58
CA ILE A 20 -0.20 2.88 6.77
C ILE A 20 0.96 3.75 7.26
N CYS A 21 2.05 3.75 6.51
CA CYS A 21 3.22 4.54 6.86
C CYS A 21 3.32 5.79 5.99
N LYS A 22 2.46 5.87 4.98
CA LYS A 22 2.44 7.02 4.07
C LYS A 22 3.78 7.16 3.35
N ASP A 23 4.20 6.08 2.68
CA ASP A 23 5.45 6.09 1.94
C ASP A 23 5.26 5.50 0.56
N ILE A 24 6.06 5.98 -0.40
CA ILE A 24 5.97 5.51 -1.77
C ILE A 24 5.97 3.98 -1.82
N MET A 25 4.96 3.42 -2.47
CA MET A 25 4.84 1.97 -2.60
C MET A 25 5.67 1.45 -3.77
N THR A 26 6.92 1.12 -3.50
CA THR A 26 7.82 0.62 -4.54
C THR A 26 7.10 -0.36 -5.46
N ASP A 27 6.27 -1.22 -4.88
CA ASP A 27 5.51 -2.20 -5.65
C ASP A 27 4.05 -2.23 -5.21
N ALA A 28 3.26 -1.31 -5.77
CA ALA A 28 1.84 -1.23 -5.43
C ALA A 28 1.21 -2.62 -5.39
N VAL A 29 0.36 -2.84 -4.39
CA VAL A 29 -0.31 -4.13 -4.23
C VAL A 29 -1.78 -3.93 -3.88
N VAL A 30 -2.66 -4.42 -4.76
CA VAL A 30 -4.10 -4.32 -4.53
C VAL A 30 -4.65 -5.56 -3.86
N ILE A 31 -5.18 -5.39 -2.65
CA ILE A 31 -5.76 -6.50 -1.89
C ILE A 31 -7.13 -6.88 -2.43
N PRO A 32 -7.38 -8.19 -2.56
CA PRO A 32 -8.66 -8.72 -3.04
C PRO A 32 -9.80 -8.50 -2.06
N CYS A 33 -9.57 -8.90 -0.81
CA CYS A 33 -10.58 -8.74 0.23
C CYS A 33 -11.45 -7.52 -0.04
N CYS A 34 -10.80 -6.37 -0.23
CA CYS A 34 -11.52 -5.13 -0.49
C CYS A 34 -10.87 -4.36 -1.64
N GLY A 35 -9.59 -4.05 -1.48
CA GLY A 35 -8.87 -3.33 -2.52
C GLY A 35 -8.26 -2.04 -2.00
N ASN A 36 -6.95 -2.05 -1.78
CA ASN A 36 -6.26 -0.87 -1.28
C ASN A 36 -4.77 -0.93 -1.64
N SER A 37 -4.11 0.23 -1.58
CA SER A 37 -2.69 0.32 -1.91
C SER A 37 -1.84 0.30 -0.65
N TYR A 38 -0.88 -0.62 -0.60
CA TYR A 38 0.00 -0.73 0.57
C TYR A 38 1.40 -1.16 0.13
N CYS A 39 2.40 -0.71 0.88
CA CYS A 39 3.79 -1.04 0.58
C CYS A 39 4.01 -2.56 0.62
N ASP A 40 4.74 -3.07 -0.36
CA ASP A 40 5.02 -4.49 -0.43
C ASP A 40 5.21 -5.08 0.96
N GLU A 41 5.78 -4.29 1.86
CA GLU A 41 6.02 -4.75 3.22
C GLU A 41 4.82 -4.43 4.11
N CYS A 42 4.35 -3.19 4.04
CA CYS A 42 3.20 -2.75 4.83
C CYS A 42 2.14 -3.85 4.90
N ILE A 43 1.59 -4.20 3.76
CA ILE A 43 0.57 -5.24 3.68
C ILE A 43 1.08 -6.57 4.22
N ARG A 44 2.32 -6.91 3.85
CA ARG A 44 2.94 -8.15 4.28
C ARG A 44 2.86 -8.29 5.80
N THR A 45 3.31 -7.25 6.51
CA THR A 45 3.30 -7.25 7.96
C THR A 45 1.87 -7.29 8.50
N ALA A 46 1.04 -6.35 8.04
CA ALA A 46 -0.34 -6.28 8.47
C ALA A 46 -0.93 -7.67 8.68
N LEU A 47 -0.66 -8.57 7.74
CA LEU A 47 -1.16 -9.94 7.83
C LEU A 47 -0.51 -10.69 8.99
N LEU A 48 0.79 -10.49 9.16
CA LEU A 48 1.54 -11.14 10.24
C LEU A 48 1.04 -10.66 11.60
N GLU A 49 1.15 -9.36 11.84
CA GLU A 49 0.72 -8.77 13.10
C GLU A 49 -0.58 -9.41 13.58
N SER A 50 -1.61 -9.37 12.73
CA SER A 50 -2.90 -9.94 13.06
C SER A 50 -2.79 -11.44 13.32
N ASP A 51 -3.73 -11.97 14.10
CA ASP A 51 -3.74 -13.38 14.43
C ASP A 51 -4.24 -14.22 13.26
N GLU A 52 -5.36 -13.80 12.67
CA GLU A 52 -5.95 -14.50 11.54
C GLU A 52 -5.81 -13.69 10.26
N HIS A 53 -4.62 -13.14 10.05
CA HIS A 53 -4.35 -12.33 8.85
C HIS A 53 -5.53 -11.41 8.54
N THR A 54 -6.08 -10.79 9.58
CA THR A 54 -7.21 -9.88 9.42
C THR A 54 -6.79 -8.61 8.69
N CYS A 55 -7.60 -8.19 7.74
CA CYS A 55 -7.33 -6.99 6.96
C CYS A 55 -7.61 -5.74 7.78
N PRO A 56 -6.65 -4.80 7.78
CA PRO A 56 -6.78 -3.53 8.53
C PRO A 56 -7.83 -2.61 7.91
N THR A 57 -8.59 -3.13 6.96
CA THR A 57 -9.62 -2.35 6.30
C THR A 57 -10.99 -3.01 6.45
N CYS A 58 -11.13 -4.21 5.88
CA CYS A 58 -12.38 -4.95 5.95
C CYS A 58 -12.23 -6.21 6.78
N HIS A 59 -13.34 -6.72 7.30
CA HIS A 59 -13.32 -7.92 8.12
C HIS A 59 -13.07 -9.15 7.27
N GLN A 60 -11.82 -9.60 7.25
CA GLN A 60 -11.44 -10.78 6.46
C GLN A 60 -10.78 -11.83 7.35
N ASN A 61 -10.63 -13.04 6.81
CA ASN A 61 -10.01 -14.13 7.55
C ASN A 61 -9.13 -14.98 6.64
N ASP A 62 -7.83 -14.88 6.82
CA ASP A 62 -6.87 -15.64 6.02
C ASP A 62 -6.87 -15.15 4.58
N VAL A 63 -6.71 -13.83 4.41
CA VAL A 63 -6.69 -13.24 3.09
C VAL A 63 -5.60 -13.88 2.21
N SER A 64 -5.92 -14.08 0.95
CA SER A 64 -4.98 -14.68 0.01
C SER A 64 -3.81 -13.75 -0.26
N PRO A 65 -2.61 -14.15 0.21
CA PRO A 65 -1.39 -13.36 0.04
C PRO A 65 -0.92 -13.34 -1.41
N ASP A 66 -1.00 -14.50 -2.06
CA ASP A 66 -0.57 -14.61 -3.46
C ASP A 66 -1.67 -14.13 -4.40
N ALA A 67 -2.39 -13.09 -3.99
CA ALA A 67 -3.47 -12.53 -4.79
C ALA A 67 -3.38 -11.01 -4.86
N LEU A 68 -2.15 -10.49 -4.83
CA LEU A 68 -1.92 -9.06 -4.89
C LEU A 68 -1.24 -8.66 -6.19
N SER A 69 -1.41 -7.40 -6.58
CA SER A 69 -0.81 -6.89 -7.81
C SER A 69 0.70 -6.68 -7.64
N GLY A 70 1.48 -7.51 -8.31
CA GLY A 70 2.93 -7.40 -8.21
C GLY A 70 3.64 -8.49 -8.97
N PRO A 71 4.74 -9.00 -8.38
CA PRO A 71 5.54 -10.07 -8.99
C PRO A 71 4.81 -11.41 -8.99
N SER A 72 3.57 -11.40 -8.52
CA SER A 72 2.76 -12.62 -8.47
C SER A 72 2.43 -13.10 -9.88
N SER A 73 1.84 -12.23 -10.68
CA SER A 73 1.46 -12.56 -12.05
C SER A 73 2.69 -12.96 -12.86
N GLY A 74 2.53 -13.98 -13.70
CA GLY A 74 3.63 -14.44 -14.52
C GLY A 74 3.59 -13.88 -15.93
N GLY A 1 21.16 42.35 -13.93
CA GLY A 1 20.66 41.52 -12.85
C GLY A 1 19.15 41.41 -12.84
N SER A 2 18.65 40.23 -12.50
CA SER A 2 17.21 40.00 -12.45
C SER A 2 16.88 38.76 -11.64
N SER A 3 16.07 38.93 -10.60
CA SER A 3 15.68 37.82 -9.74
C SER A 3 14.40 37.16 -10.25
N GLY A 4 14.26 35.87 -9.96
CA GLY A 4 13.07 35.14 -10.40
C GLY A 4 12.52 34.25 -9.31
N SER A 5 11.20 34.10 -9.28
CA SER A 5 10.54 33.26 -8.28
C SER A 5 11.18 31.88 -8.22
N SER A 6 11.29 31.33 -7.01
CA SER A 6 11.90 30.02 -6.82
C SER A 6 11.15 28.97 -7.64
N GLY A 7 11.66 27.74 -7.61
CA GLY A 7 11.04 26.66 -8.36
C GLY A 7 10.38 25.63 -7.46
N GLU A 8 9.49 26.11 -6.58
CA GLU A 8 8.79 25.23 -5.66
C GLU A 8 8.26 23.99 -6.38
N ASP A 9 8.14 22.89 -5.65
CA ASP A 9 7.65 21.64 -6.22
C ASP A 9 6.50 21.09 -5.39
N ASP A 10 5.64 20.31 -6.03
CA ASP A 10 4.49 19.71 -5.35
C ASP A 10 4.88 18.40 -4.69
N PRO A 11 4.60 18.29 -3.38
CA PRO A 11 4.91 17.09 -2.60
C PRO A 11 4.03 15.90 -2.97
N ILE A 12 4.48 14.70 -2.64
CA ILE A 12 3.73 13.49 -2.95
C ILE A 12 2.35 13.54 -2.32
N PRO A 13 1.31 13.45 -3.18
CA PRO A 13 -0.09 13.48 -2.74
C PRO A 13 -0.48 12.22 -1.99
N ASP A 14 -1.60 12.28 -1.27
CA ASP A 14 -2.08 11.14 -0.51
C ASP A 14 -2.49 10.00 -1.43
N GLU A 15 -3.00 10.35 -2.62
CA GLU A 15 -3.43 9.35 -3.59
C GLU A 15 -2.28 8.41 -3.94
N LEU A 16 -1.06 8.85 -3.68
CA LEU A 16 0.12 8.04 -3.97
C LEU A 16 0.77 7.54 -2.68
N LEU A 17 0.01 7.56 -1.59
CA LEU A 17 0.50 7.11 -0.30
C LEU A 17 -0.38 6.01 0.28
N CYS A 18 0.24 5.06 0.98
CA CYS A 18 -0.49 3.97 1.59
C CYS A 18 -1.29 4.44 2.80
N LEU A 19 -2.19 3.59 3.28
CA LEU A 19 -3.02 3.93 4.43
C LEU A 19 -2.48 3.27 5.71
N ILE A 20 -1.15 3.13 5.78
CA ILE A 20 -0.52 2.52 6.93
C ILE A 20 0.64 3.37 7.43
N CYS A 21 1.74 3.35 6.70
CA CYS A 21 2.93 4.12 7.07
C CYS A 21 2.99 5.42 6.29
N LYS A 22 1.96 5.68 5.48
CA LYS A 22 1.89 6.89 4.68
C LYS A 22 3.22 7.15 3.98
N ASP A 23 3.77 6.12 3.36
CA ASP A 23 5.04 6.24 2.64
C ASP A 23 4.92 5.70 1.22
N ILE A 24 5.58 6.37 0.28
CA ILE A 24 5.54 5.96 -1.11
C ILE A 24 5.58 4.44 -1.24
N MET A 25 4.65 3.89 -2.01
CA MET A 25 4.58 2.45 -2.22
C MET A 25 5.41 2.03 -3.42
N THR A 26 6.73 1.96 -3.23
CA THR A 26 7.63 1.57 -4.30
C THR A 26 7.08 0.39 -5.08
N ASP A 27 6.44 -0.53 -4.38
CA ASP A 27 5.87 -1.71 -5.00
C ASP A 27 4.39 -1.87 -4.64
N ALA A 28 3.66 -0.76 -4.67
CA ALA A 28 2.25 -0.77 -4.34
C ALA A 28 1.59 -2.09 -4.76
N VAL A 29 0.67 -2.58 -3.94
CA VAL A 29 -0.03 -3.83 -4.23
C VAL A 29 -1.52 -3.71 -3.92
N VAL A 30 -2.34 -3.86 -4.94
CA VAL A 30 -3.78 -3.77 -4.78
C VAL A 30 -4.35 -5.06 -4.20
N ILE A 31 -5.05 -4.94 -3.07
CA ILE A 31 -5.64 -6.09 -2.41
C ILE A 31 -7.04 -6.37 -2.95
N PRO A 32 -7.33 -7.66 -3.21
CA PRO A 32 -8.63 -8.09 -3.72
C PRO A 32 -9.75 -7.94 -2.69
N CYS A 33 -9.51 -8.49 -1.49
CA CYS A 33 -10.49 -8.42 -0.42
C CYS A 33 -11.35 -7.17 -0.54
N CYS A 34 -10.70 -6.03 -0.75
CA CYS A 34 -11.40 -4.76 -0.88
C CYS A 34 -10.85 -3.96 -2.06
N GLY A 35 -9.55 -3.71 -2.05
CA GLY A 35 -8.92 -2.97 -3.11
C GLY A 35 -7.79 -2.07 -2.62
N ASN A 36 -7.93 -1.58 -1.39
CA ASN A 36 -6.92 -0.71 -0.79
C ASN A 36 -5.51 -1.19 -1.16
N SER A 37 -4.61 -0.24 -1.40
CA SER A 37 -3.25 -0.56 -1.75
C SER A 37 -2.30 -0.29 -0.59
N TYR A 38 -1.24 -1.08 -0.49
CA TYR A 38 -0.27 -0.92 0.58
C TYR A 38 1.13 -1.30 0.11
N CYS A 39 2.13 -0.90 0.87
CA CYS A 39 3.53 -1.18 0.53
C CYS A 39 3.80 -2.69 0.57
N ASP A 40 4.47 -3.19 -0.45
CA ASP A 40 4.80 -4.61 -0.53
C ASP A 40 5.14 -5.16 0.85
N GLU A 41 5.70 -4.31 1.70
CA GLU A 41 6.07 -4.72 3.06
C GLU A 41 4.94 -4.43 4.05
N CYS A 42 4.35 -3.24 3.92
CA CYS A 42 3.25 -2.84 4.81
C CYS A 42 2.26 -3.98 4.99
N ILE A 43 1.48 -4.24 3.94
CA ILE A 43 0.49 -5.31 3.98
C ILE A 43 1.12 -6.64 4.38
N ARG A 44 2.23 -6.98 3.75
CA ARG A 44 2.93 -8.22 4.04
C ARG A 44 2.97 -8.49 5.54
N THR A 45 3.52 -7.54 6.29
CA THR A 45 3.61 -7.67 7.74
C THR A 45 2.24 -7.55 8.39
N ALA A 46 1.50 -6.51 8.03
CA ALA A 46 0.17 -6.28 8.57
C ALA A 46 -0.55 -7.60 8.84
N LEU A 47 -0.77 -8.36 7.77
CA LEU A 47 -1.45 -9.65 7.88
C LEU A 47 -0.88 -10.47 9.05
N LEU A 48 0.43 -10.39 9.23
CA LEU A 48 1.09 -11.11 10.31
C LEU A 48 0.84 -10.44 11.66
N GLU A 49 1.03 -9.13 11.71
CA GLU A 49 0.81 -8.36 12.93
C GLU A 49 -0.39 -8.89 13.70
N SER A 50 -1.58 -8.74 13.10
CA SER A 50 -2.81 -9.20 13.73
C SER A 50 -2.76 -10.70 14.00
N ASP A 51 -3.05 -11.08 15.24
CA ASP A 51 -3.04 -12.49 15.63
C ASP A 51 -3.51 -13.37 14.47
N GLU A 52 -4.60 -12.96 13.83
CA GLU A 52 -5.15 -13.72 12.72
C GLU A 52 -5.22 -12.86 11.45
N HIS A 53 -4.43 -13.24 10.45
CA HIS A 53 -4.39 -12.50 9.19
C HIS A 53 -5.76 -11.97 8.83
N THR A 54 -5.96 -10.67 9.02
CA THR A 54 -7.24 -10.03 8.72
C THR A 54 -7.05 -8.60 8.25
N CYS A 55 -7.35 -8.35 6.98
CA CYS A 55 -7.21 -7.01 6.40
C CYS A 55 -7.51 -5.94 7.44
N PRO A 56 -6.63 -4.94 7.53
CA PRO A 56 -6.78 -3.83 8.48
C PRO A 56 -7.93 -2.90 8.12
N THR A 57 -8.67 -3.27 7.08
CA THR A 57 -9.82 -2.48 6.63
C THR A 57 -11.09 -3.31 6.59
N CYS A 58 -11.18 -4.21 5.60
CA CYS A 58 -12.35 -5.07 5.46
C CYS A 58 -12.10 -6.44 6.09
N HIS A 59 -12.81 -6.71 7.18
CA HIS A 59 -12.66 -7.98 7.87
C HIS A 59 -12.51 -9.14 6.88
N GLN A 60 -11.31 -9.72 6.85
CA GLN A 60 -11.03 -10.83 5.95
C GLN A 60 -10.38 -11.98 6.70
N ASN A 61 -10.24 -13.12 6.02
CA ASN A 61 -9.63 -14.30 6.62
C ASN A 61 -8.47 -14.81 5.77
N ASP A 62 -7.26 -14.45 6.17
CA ASP A 62 -6.05 -14.86 5.45
C ASP A 62 -6.14 -14.45 3.98
N VAL A 63 -6.38 -13.17 3.74
CA VAL A 63 -6.47 -12.65 2.38
C VAL A 63 -5.38 -13.23 1.49
N SER A 64 -5.78 -13.89 0.42
CA SER A 64 -4.82 -14.49 -0.51
C SER A 64 -3.67 -13.53 -0.79
N PRO A 65 -2.49 -13.82 -0.20
CA PRO A 65 -1.30 -12.99 -0.37
C PRO A 65 -0.73 -13.10 -1.78
N ASP A 66 -0.90 -14.26 -2.41
CA ASP A 66 -0.40 -14.48 -3.75
C ASP A 66 -1.42 -14.04 -4.80
N ALA A 67 -2.23 -13.05 -4.44
CA ALA A 67 -3.26 -12.54 -5.35
C ALA A 67 -3.24 -11.01 -5.38
N LEU A 68 -2.07 -10.43 -5.21
CA LEU A 68 -1.91 -8.98 -5.22
C LEU A 68 -1.19 -8.52 -6.48
N SER A 69 -1.45 -7.27 -6.88
CA SER A 69 -0.82 -6.72 -8.08
C SER A 69 0.63 -7.18 -8.20
N GLY A 70 1.33 -7.21 -7.06
CA GLY A 70 2.72 -7.64 -7.07
C GLY A 70 2.88 -9.06 -7.58
N PRO A 71 4.00 -9.30 -8.29
CA PRO A 71 4.30 -10.62 -8.85
C PRO A 71 4.65 -11.64 -7.79
N SER A 72 4.47 -11.26 -6.52
CA SER A 72 4.77 -12.14 -5.40
C SER A 72 4.56 -13.60 -5.79
N SER A 73 3.42 -13.89 -6.40
CA SER A 73 3.09 -15.24 -6.81
C SER A 73 4.34 -15.99 -7.26
N GLY A 74 5.05 -15.43 -8.23
CA GLY A 74 6.27 -16.06 -8.73
C GLY A 74 6.96 -15.22 -9.78
N GLY A 1 26.00 28.34 -19.91
CA GLY A 1 26.25 27.15 -19.12
C GLY A 1 25.06 26.77 -18.27
N SER A 2 25.33 26.29 -17.05
CA SER A 2 24.26 25.88 -16.14
C SER A 2 23.67 27.08 -15.41
N SER A 3 23.39 28.14 -16.17
CA SER A 3 22.82 29.35 -15.60
C SER A 3 21.31 29.24 -15.46
N GLY A 4 20.76 29.86 -14.41
CA GLY A 4 19.34 29.81 -14.18
C GLY A 4 18.98 29.95 -12.71
N SER A 5 17.84 29.39 -12.32
CA SER A 5 17.39 29.46 -10.94
C SER A 5 16.49 28.27 -10.61
N SER A 6 16.20 28.10 -9.32
CA SER A 6 15.35 27.00 -8.86
C SER A 6 14.08 26.91 -9.70
N GLY A 7 13.35 25.82 -9.53
CA GLY A 7 12.12 25.63 -10.28
C GLY A 7 10.95 25.22 -9.40
N GLU A 8 9.73 25.47 -9.87
CA GLU A 8 8.54 25.13 -9.11
C GLU A 8 8.05 23.72 -9.47
N ASP A 9 7.66 22.97 -8.45
CA ASP A 9 7.18 21.61 -8.65
C ASP A 9 6.10 21.26 -7.62
N ASP A 10 5.42 20.14 -7.85
CA ASP A 10 4.37 19.70 -6.94
C ASP A 10 4.75 18.39 -6.26
N PRO A 11 4.48 18.31 -4.94
CA PRO A 11 4.79 17.12 -4.14
C PRO A 11 3.91 15.93 -4.50
N ILE A 12 4.28 14.76 -4.00
CA ILE A 12 3.52 13.54 -4.27
C ILE A 12 2.20 13.55 -3.52
N PRO A 13 1.10 13.28 -4.25
CA PRO A 13 -0.25 13.24 -3.67
C PRO A 13 -0.45 12.05 -2.75
N ASP A 14 -1.57 12.04 -2.03
CA ASP A 14 -1.88 10.96 -1.11
C ASP A 14 -2.33 9.72 -1.87
N GLU A 15 -3.16 9.91 -2.90
CA GLU A 15 -3.65 8.80 -3.70
C GLU A 15 -2.52 7.86 -4.08
N LEU A 16 -1.30 8.38 -4.09
CA LEU A 16 -0.13 7.60 -4.44
C LEU A 16 0.64 7.17 -3.19
N LEU A 17 -0.09 6.90 -2.12
CA LEU A 17 0.51 6.49 -0.86
C LEU A 17 -0.34 5.40 -0.19
N CYS A 18 0.29 4.60 0.67
CA CYS A 18 -0.39 3.53 1.38
C CYS A 18 -1.18 4.10 2.56
N LEU A 19 -2.16 3.34 3.03
CA LEU A 19 -2.98 3.75 4.15
C LEU A 19 -2.51 3.10 5.45
N ILE A 20 -1.20 3.03 5.63
CA ILE A 20 -0.62 2.43 6.82
C ILE A 20 0.50 3.31 7.40
N CYS A 21 1.60 3.40 6.67
CA CYS A 21 2.73 4.20 7.10
C CYS A 21 2.83 5.49 6.29
N LYS A 22 2.04 5.57 5.23
CA LYS A 22 2.04 6.75 4.36
C LYS A 22 3.39 6.94 3.70
N ASP A 23 3.87 5.91 3.00
CA ASP A 23 5.15 5.97 2.32
C ASP A 23 5.05 5.35 0.93
N ILE A 24 5.74 5.96 -0.03
CA ILE A 24 5.73 5.47 -1.41
C ILE A 24 5.82 3.95 -1.44
N MET A 25 4.90 3.33 -2.17
CA MET A 25 4.87 1.88 -2.29
C MET A 25 5.72 1.41 -3.47
N THR A 26 6.94 0.97 -3.17
CA THR A 26 7.85 0.49 -4.20
C THR A 26 7.14 -0.42 -5.19
N ASP A 27 6.23 -1.25 -4.68
CA ASP A 27 5.48 -2.17 -5.53
C ASP A 27 3.99 -2.14 -5.17
N ALA A 28 3.32 -1.08 -5.57
CA ALA A 28 1.89 -0.93 -5.31
C ALA A 28 1.17 -2.27 -5.39
N VAL A 29 0.49 -2.64 -4.31
CA VAL A 29 -0.24 -3.90 -4.27
C VAL A 29 -1.69 -3.68 -3.87
N VAL A 30 -2.61 -4.02 -4.77
CA VAL A 30 -4.04 -3.86 -4.53
C VAL A 30 -4.65 -5.14 -3.96
N ILE A 31 -5.44 -5.00 -2.90
CA ILE A 31 -6.08 -6.14 -2.28
C ILE A 31 -7.53 -6.30 -2.75
N PRO A 32 -7.90 -7.54 -3.10
CA PRO A 32 -9.26 -7.84 -3.57
C PRO A 32 -10.30 -7.73 -2.47
N CYS A 33 -9.99 -8.31 -1.30
CA CYS A 33 -10.90 -8.26 -0.17
C CYS A 33 -11.73 -6.98 -0.18
N CYS A 34 -11.06 -5.85 -0.36
CA CYS A 34 -11.73 -4.56 -0.39
C CYS A 34 -11.26 -3.73 -1.58
N GLY A 35 -9.95 -3.51 -1.66
CA GLY A 35 -9.39 -2.74 -2.76
C GLY A 35 -8.60 -1.55 -2.27
N ASN A 36 -7.34 -1.79 -1.91
CA ASN A 36 -6.47 -0.71 -1.43
C ASN A 36 -5.01 -1.03 -1.72
N SER A 37 -4.21 0.02 -1.86
CA SER A 37 -2.79 -0.14 -2.15
C SER A 37 -1.96 -0.04 -0.87
N TYR A 38 -0.94 -0.90 -0.76
CA TYR A 38 -0.07 -0.91 0.41
C TYR A 38 1.35 -1.31 0.03
N CYS A 39 2.32 -0.84 0.81
CA CYS A 39 3.72 -1.14 0.56
C CYS A 39 3.96 -2.64 0.55
N ASP A 40 4.70 -3.11 -0.46
CA ASP A 40 5.00 -4.53 -0.58
C ASP A 40 5.22 -5.17 0.79
N GLU A 41 5.70 -4.37 1.73
CA GLU A 41 5.96 -4.85 3.09
C GLU A 41 4.75 -4.60 3.98
N CYS A 42 4.30 -3.35 4.02
CA CYS A 42 3.15 -2.98 4.85
C CYS A 42 2.11 -4.10 4.87
N ILE A 43 1.43 -4.29 3.75
CA ILE A 43 0.41 -5.32 3.64
C ILE A 43 0.89 -6.63 4.26
N ARG A 44 2.17 -6.95 4.06
CA ARG A 44 2.75 -8.17 4.60
C ARG A 44 2.77 -8.13 6.13
N THR A 45 3.46 -7.13 6.68
CA THR A 45 3.56 -6.98 8.12
C THR A 45 2.18 -6.96 8.77
N ALA A 46 1.20 -6.41 8.07
CA ALA A 46 -0.17 -6.33 8.57
C ALA A 46 -0.73 -7.72 8.83
N LEU A 47 -0.81 -8.53 7.77
CA LEU A 47 -1.33 -9.88 7.88
C LEU A 47 -0.66 -10.64 9.02
N LEU A 48 0.66 -10.57 9.07
CA LEU A 48 1.43 -11.25 10.12
C LEU A 48 1.06 -10.70 11.50
N GLU A 49 1.23 -9.39 11.66
CA GLU A 49 0.93 -8.75 12.94
C GLU A 49 -0.26 -9.43 13.63
N SER A 50 -1.41 -9.38 12.99
CA SER A 50 -2.62 -9.99 13.54
C SER A 50 -2.52 -11.51 13.51
N ASP A 51 -2.82 -12.15 14.64
CA ASP A 51 -2.76 -13.60 14.74
C ASP A 51 -3.16 -14.25 13.41
N GLU A 52 -4.20 -13.71 12.79
CA GLU A 52 -4.68 -14.24 11.52
C GLU A 52 -4.85 -13.12 10.49
N HIS A 53 -4.36 -13.36 9.29
CA HIS A 53 -4.45 -12.38 8.21
C HIS A 53 -5.77 -11.62 8.29
N THR A 54 -5.73 -10.40 8.83
CA THR A 54 -6.91 -9.57 8.96
C THR A 54 -6.67 -8.16 8.42
N CYS A 55 -7.35 -7.82 7.34
CA CYS A 55 -7.21 -6.51 6.73
C CYS A 55 -7.49 -5.40 7.75
N PRO A 56 -6.56 -4.44 7.85
CA PRO A 56 -6.70 -3.31 8.78
C PRO A 56 -7.80 -2.34 8.36
N THR A 57 -8.27 -2.48 7.13
CA THR A 57 -9.32 -1.62 6.61
C THR A 57 -10.66 -2.36 6.55
N CYS A 58 -10.60 -3.65 6.24
CA CYS A 58 -11.80 -4.47 6.16
C CYS A 58 -11.68 -5.71 7.04
N HIS A 59 -12.82 -6.32 7.34
CA HIS A 59 -12.84 -7.53 8.18
C HIS A 59 -12.82 -8.78 7.31
N GLN A 60 -11.64 -9.14 6.82
CA GLN A 60 -11.50 -10.32 5.98
C GLN A 60 -11.21 -11.56 6.82
N ASN A 61 -11.07 -12.70 6.16
CA ASN A 61 -10.80 -13.96 6.85
C ASN A 61 -9.71 -14.75 6.14
N ASP A 62 -8.50 -14.69 6.67
CA ASP A 62 -7.37 -15.41 6.08
C ASP A 62 -7.10 -14.92 4.66
N VAL A 63 -6.91 -13.62 4.51
CA VAL A 63 -6.65 -13.02 3.21
C VAL A 63 -5.60 -13.82 2.44
N SER A 64 -5.77 -13.91 1.12
CA SER A 64 -4.83 -14.65 0.28
C SER A 64 -3.68 -13.76 -0.16
N PRO A 65 -2.48 -14.03 0.38
CA PRO A 65 -1.28 -13.25 0.05
C PRO A 65 -0.80 -13.52 -1.37
N ASP A 66 -1.57 -14.28 -2.13
CA ASP A 66 -1.23 -14.60 -3.50
C ASP A 66 -1.96 -13.69 -4.48
N ALA A 67 -3.18 -13.29 -4.10
CA ALA A 67 -3.98 -12.40 -4.94
C ALA A 67 -3.54 -10.95 -4.79
N LEU A 68 -2.23 -10.72 -4.85
CA LEU A 68 -1.69 -9.38 -4.72
C LEU A 68 -0.93 -8.98 -5.98
N SER A 69 -1.12 -7.74 -6.41
CA SER A 69 -0.44 -7.23 -7.60
C SER A 69 0.97 -7.78 -7.71
N GLY A 70 1.68 -7.78 -6.57
CA GLY A 70 3.04 -8.28 -6.56
C GLY A 70 3.11 -9.79 -6.58
N PRO A 71 3.62 -10.34 -7.69
CA PRO A 71 3.76 -11.79 -7.87
C PRO A 71 4.81 -12.40 -6.95
N SER A 72 4.36 -13.05 -5.89
CA SER A 72 5.27 -13.67 -4.93
C SER A 72 5.91 -14.92 -5.53
N SER A 73 7.22 -14.86 -5.78
CA SER A 73 7.95 -15.97 -6.34
C SER A 73 8.92 -16.57 -5.32
N GLY A 74 8.99 -17.90 -5.29
CA GLY A 74 9.88 -18.57 -4.35
C GLY A 74 11.17 -19.02 -5.00
N GLY A 1 3.87 39.84 -5.13
CA GLY A 1 3.39 38.47 -5.21
C GLY A 1 3.08 38.04 -6.64
N SER A 2 2.96 36.74 -6.85
CA SER A 2 2.69 36.21 -8.18
C SER A 2 1.48 35.27 -8.14
N SER A 3 0.68 35.30 -9.19
CA SER A 3 -0.51 34.45 -9.28
C SER A 3 -0.12 32.99 -9.27
N GLY A 4 0.81 32.61 -10.16
CA GLY A 4 1.24 31.23 -10.23
C GLY A 4 2.26 30.88 -9.16
N SER A 5 2.00 31.33 -7.94
CA SER A 5 2.89 31.07 -6.82
C SER A 5 2.99 29.58 -6.53
N SER A 6 1.84 28.96 -6.25
CA SER A 6 1.79 27.53 -5.95
C SER A 6 0.79 26.83 -6.87
N GLY A 7 1.30 26.13 -7.87
CA GLY A 7 0.44 25.42 -8.80
C GLY A 7 0.21 23.98 -8.39
N GLU A 8 0.41 23.05 -9.32
CA GLU A 8 0.23 21.64 -9.05
C GLU A 8 0.73 21.28 -7.66
N ASP A 9 0.05 20.34 -7.01
CA ASP A 9 0.43 19.91 -5.68
C ASP A 9 1.89 19.49 -5.63
N ASP A 10 2.67 20.16 -4.78
CA ASP A 10 4.08 19.85 -4.65
C ASP A 10 4.29 18.49 -4.00
N PRO A 11 3.78 18.33 -2.78
CA PRO A 11 3.89 17.08 -2.02
C PRO A 11 3.05 15.95 -2.63
N ILE A 12 3.40 14.71 -2.31
CA ILE A 12 2.67 13.57 -2.81
C ILE A 12 1.41 13.30 -2.00
N PRO A 13 0.27 13.20 -2.69
CA PRO A 13 -1.02 12.95 -2.06
C PRO A 13 -1.13 11.53 -1.49
N ASP A 14 -2.07 11.33 -0.57
CA ASP A 14 -2.27 10.02 0.04
C ASP A 14 -2.70 8.99 -1.00
N GLU A 15 -3.62 9.39 -1.87
CA GLU A 15 -4.11 8.49 -2.92
C GLU A 15 -2.97 7.71 -3.55
N LEU A 16 -1.78 8.30 -3.56
CA LEU A 16 -0.60 7.66 -4.13
C LEU A 16 0.14 6.85 -3.08
N LEU A 17 0.22 7.38 -1.85
CA LEU A 17 0.89 6.71 -0.76
C LEU A 17 -0.03 5.69 -0.10
N CYS A 18 0.56 4.74 0.62
CA CYS A 18 -0.21 3.71 1.31
C CYS A 18 -1.00 4.30 2.47
N LEU A 19 -1.88 3.51 3.05
CA LEU A 19 -2.71 3.96 4.16
C LEU A 19 -2.18 3.38 5.48
N ILE A 20 -0.86 3.28 5.59
CA ILE A 20 -0.24 2.74 6.80
C ILE A 20 0.89 3.64 7.27
N CYS A 21 2.01 3.62 6.54
CA CYS A 21 3.16 4.44 6.88
C CYS A 21 3.21 5.71 6.02
N LYS A 22 2.37 5.74 5.00
CA LYS A 22 2.30 6.91 4.11
C LYS A 22 3.62 7.08 3.36
N ASP A 23 4.05 6.04 2.67
CA ASP A 23 5.28 6.07 1.90
C ASP A 23 5.07 5.53 0.50
N ILE A 24 5.80 6.09 -0.47
CA ILE A 24 5.68 5.66 -1.85
C ILE A 24 5.75 4.14 -1.97
N MET A 25 4.73 3.55 -2.59
CA MET A 25 4.68 2.10 -2.76
C MET A 25 5.39 1.69 -4.04
N THR A 26 6.70 1.47 -3.94
CA THR A 26 7.50 1.07 -5.09
C THR A 26 6.77 0.03 -5.93
N ASP A 27 6.05 -0.87 -5.27
CA ASP A 27 5.31 -1.92 -5.95
C ASP A 27 3.87 -1.98 -5.44
N ALA A 28 3.22 -0.83 -5.35
CA ALA A 28 1.84 -0.76 -4.87
C ALA A 28 1.07 -2.01 -5.25
N VAL A 29 0.51 -2.68 -4.24
CA VAL A 29 -0.26 -3.90 -4.48
C VAL A 29 -1.72 -3.71 -4.07
N VAL A 30 -2.63 -3.94 -5.02
CA VAL A 30 -4.05 -3.80 -4.77
C VAL A 30 -4.62 -5.04 -4.10
N ILE A 31 -5.36 -4.83 -3.01
CA ILE A 31 -5.95 -5.94 -2.28
C ILE A 31 -7.38 -6.20 -2.75
N PRO A 32 -7.72 -7.49 -2.91
CA PRO A 32 -9.05 -7.91 -3.36
C PRO A 32 -10.13 -7.66 -2.32
N CYS A 33 -9.88 -8.15 -1.10
CA CYS A 33 -10.84 -7.98 -0.01
C CYS A 33 -11.63 -6.68 -0.17
N CYS A 34 -10.92 -5.60 -0.47
CA CYS A 34 -11.56 -4.29 -0.66
C CYS A 34 -11.01 -3.60 -1.90
N GLY A 35 -9.70 -3.41 -1.93
CA GLY A 35 -9.08 -2.74 -3.06
C GLY A 35 -7.87 -1.92 -2.67
N ASN A 36 -7.99 -1.19 -1.56
CA ASN A 36 -6.89 -0.36 -1.07
C ASN A 36 -5.55 -1.03 -1.32
N SER A 37 -4.52 -0.21 -1.57
CA SER A 37 -3.18 -0.73 -1.82
C SER A 37 -2.24 -0.37 -0.68
N TYR A 38 -1.18 -1.15 -0.52
CA TYR A 38 -0.20 -0.91 0.53
C TYR A 38 1.19 -1.32 0.07
N CYS A 39 2.21 -0.85 0.79
CA CYS A 39 3.60 -1.16 0.46
C CYS A 39 3.83 -2.67 0.50
N ASP A 40 4.51 -3.18 -0.52
CA ASP A 40 4.81 -4.61 -0.61
C ASP A 40 5.18 -5.16 0.75
N GLU A 41 5.69 -4.30 1.62
CA GLU A 41 6.10 -4.71 2.96
C GLU A 41 4.99 -4.44 3.98
N CYS A 42 4.50 -3.21 3.98
CA CYS A 42 3.44 -2.82 4.91
C CYS A 42 2.44 -3.96 5.09
N ILE A 43 1.63 -4.21 4.06
CA ILE A 43 0.64 -5.27 4.11
C ILE A 43 1.26 -6.60 4.50
N ARG A 44 2.41 -6.91 3.88
CA ARG A 44 3.11 -8.15 4.17
C ARG A 44 3.19 -8.41 5.67
N THR A 45 3.53 -7.37 6.43
CA THR A 45 3.64 -7.49 7.88
C THR A 45 2.27 -7.37 8.54
N ALA A 46 1.52 -6.35 8.15
CA ALA A 46 0.19 -6.13 8.71
C ALA A 46 -0.57 -7.44 8.86
N LEU A 47 -0.69 -8.18 7.76
CA LEU A 47 -1.40 -9.46 7.78
C LEU A 47 -0.88 -10.35 8.90
N LEU A 48 0.44 -10.36 9.09
CA LEU A 48 1.05 -11.17 10.14
C LEU A 48 0.66 -10.66 11.52
N GLU A 49 0.95 -9.40 11.79
CA GLU A 49 0.63 -8.80 13.08
C GLU A 49 -0.71 -9.32 13.60
N SER A 50 -1.75 -9.18 12.78
CA SER A 50 -3.08 -9.63 13.16
C SER A 50 -3.10 -11.14 13.42
N ASP A 51 -4.28 -11.68 13.67
CA ASP A 51 -4.43 -13.11 13.92
C ASP A 51 -4.90 -13.84 12.67
N GLU A 52 -5.93 -13.30 12.02
CA GLU A 52 -6.47 -13.90 10.82
C GLU A 52 -6.29 -12.98 9.62
N HIS A 53 -5.07 -12.47 9.44
CA HIS A 53 -4.77 -11.58 8.33
C HIS A 53 -5.94 -10.64 8.05
N THR A 54 -6.59 -10.18 9.11
CA THR A 54 -7.74 -9.28 8.98
C THR A 54 -7.30 -7.91 8.47
N CYS A 55 -7.71 -7.58 7.24
CA CYS A 55 -7.37 -6.30 6.65
C CYS A 55 -7.43 -5.17 7.68
N PRO A 56 -6.40 -4.32 7.69
CA PRO A 56 -6.32 -3.19 8.62
C PRO A 56 -7.35 -2.11 8.32
N THR A 57 -8.23 -2.39 7.36
CA THR A 57 -9.27 -1.44 6.97
C THR A 57 -10.64 -2.11 6.92
N CYS A 58 -10.77 -3.08 6.02
CA CYS A 58 -12.03 -3.80 5.88
C CYS A 58 -12.07 -5.03 6.78
N HIS A 59 -13.26 -5.38 7.26
CA HIS A 59 -13.44 -6.53 8.13
C HIS A 59 -13.37 -7.82 7.34
N GLN A 60 -12.16 -8.30 7.08
CA GLN A 60 -11.96 -9.53 6.33
C GLN A 60 -11.49 -10.65 7.25
N ASN A 61 -11.39 -11.86 6.69
CA ASN A 61 -10.96 -13.02 7.46
C ASN A 61 -10.17 -13.98 6.58
N ASP A 62 -8.85 -14.02 6.80
CA ASP A 62 -7.98 -14.90 6.02
C ASP A 62 -7.82 -14.40 4.60
N VAL A 63 -7.49 -13.12 4.46
CA VAL A 63 -7.32 -12.51 3.15
C VAL A 63 -6.33 -13.31 2.30
N SER A 64 -6.51 -13.27 0.99
CA SER A 64 -5.65 -14.00 0.06
C SER A 64 -4.51 -13.11 -0.42
N PRO A 65 -3.30 -13.38 0.07
CA PRO A 65 -2.10 -12.61 -0.30
C PRO A 65 -1.67 -12.87 -1.74
N ASP A 66 -1.89 -14.10 -2.20
CA ASP A 66 -1.53 -14.48 -3.56
C ASP A 66 -2.17 -13.54 -4.58
N ALA A 67 -3.47 -13.29 -4.41
CA ALA A 67 -4.21 -12.42 -5.30
C ALA A 67 -3.47 -11.09 -5.50
N LEU A 68 -3.00 -10.53 -4.40
CA LEU A 68 -2.27 -9.25 -4.45
C LEU A 68 -1.47 -9.13 -5.73
N SER A 69 -1.26 -7.91 -6.19
CA SER A 69 -0.50 -7.66 -7.41
C SER A 69 1.01 -7.73 -7.13
N GLY A 70 1.41 -8.72 -6.36
CA GLY A 70 2.82 -8.88 -6.03
C GLY A 70 3.06 -9.97 -5.00
N PRO A 71 3.22 -11.21 -5.46
CA PRO A 71 3.45 -12.36 -4.58
C PRO A 71 4.83 -12.32 -3.94
N SER A 72 5.08 -13.25 -3.02
CA SER A 72 6.35 -13.31 -2.31
C SER A 72 7.46 -13.81 -3.25
N SER A 73 8.64 -13.20 -3.14
CA SER A 73 9.77 -13.57 -3.99
C SER A 73 9.94 -15.08 -4.02
N GLY A 74 9.99 -15.64 -5.23
CA GLY A 74 10.16 -17.07 -5.37
C GLY A 74 10.14 -17.51 -6.83
N GLY A 1 3.21 38.42 -3.94
CA GLY A 1 4.38 38.26 -3.09
C GLY A 1 5.62 37.91 -3.90
N SER A 2 5.86 36.61 -4.09
CA SER A 2 7.01 36.15 -4.83
C SER A 2 6.82 36.36 -6.33
N SER A 3 7.91 36.61 -7.04
CA SER A 3 7.86 36.82 -8.48
C SER A 3 7.98 35.51 -9.24
N GLY A 4 6.93 35.16 -9.97
CA GLY A 4 6.95 33.93 -10.74
C GLY A 4 5.73 33.06 -10.47
N SER A 5 5.74 31.84 -10.98
CA SER A 5 4.62 30.93 -10.81
C SER A 5 4.92 29.92 -9.70
N SER A 6 6.13 29.39 -9.70
CA SER A 6 6.54 28.42 -8.69
C SER A 6 6.65 29.07 -7.32
N GLY A 7 5.58 28.95 -6.52
CA GLY A 7 5.58 29.53 -5.20
C GLY A 7 5.49 28.49 -4.11
N GLU A 8 4.27 28.16 -3.69
CA GLU A 8 4.06 27.18 -2.64
C GLU A 8 4.17 25.76 -3.20
N ASP A 9 4.68 24.84 -2.38
CA ASP A 9 4.85 23.45 -2.79
C ASP A 9 4.17 22.51 -1.80
N ASP A 10 3.86 21.30 -2.26
CA ASP A 10 3.22 20.30 -1.40
C ASP A 10 3.85 18.93 -1.61
N PRO A 11 3.94 18.16 -0.51
CA PRO A 11 4.53 16.81 -0.54
C PRO A 11 3.66 15.81 -1.29
N ILE A 12 4.26 14.71 -1.71
CA ILE A 12 3.53 13.67 -2.44
C ILE A 12 2.18 13.39 -1.79
N PRO A 13 1.12 13.41 -2.60
CA PRO A 13 -0.25 13.15 -2.12
C PRO A 13 -0.46 11.69 -1.73
N ASP A 14 -1.49 11.44 -0.93
CA ASP A 14 -1.80 10.09 -0.49
C ASP A 14 -2.14 9.18 -1.67
N GLU A 15 -3.05 9.65 -2.53
CA GLU A 15 -3.46 8.89 -3.70
C GLU A 15 -2.27 8.15 -4.31
N LEU A 16 -1.08 8.71 -4.14
CA LEU A 16 0.14 8.11 -4.68
C LEU A 16 0.80 7.21 -3.65
N LEU A 17 0.74 7.62 -2.38
CA LEU A 17 1.33 6.85 -1.30
C LEU A 17 0.31 5.89 -0.69
N CYS A 18 0.77 5.04 0.22
CA CYS A 18 -0.10 4.07 0.88
C CYS A 18 -0.87 4.73 2.01
N LEU A 19 -1.90 4.04 2.49
CA LEU A 19 -2.73 4.55 3.58
C LEU A 19 -2.29 3.97 4.92
N ILE A 20 -0.99 3.76 5.06
CA ILE A 20 -0.44 3.21 6.31
C ILE A 20 0.73 4.07 6.82
N CYS A 21 1.86 3.98 6.13
CA CYS A 21 3.05 4.74 6.52
C CYS A 21 3.23 5.94 5.61
N LYS A 22 2.44 6.00 4.54
CA LYS A 22 2.51 7.11 3.59
C LYS A 22 3.88 7.15 2.92
N ASP A 23 4.29 6.04 2.33
CA ASP A 23 5.57 5.95 1.65
C ASP A 23 5.42 5.32 0.26
N ILE A 24 6.21 5.81 -0.68
CA ILE A 24 6.16 5.29 -2.05
C ILE A 24 6.09 3.77 -2.06
N MET A 25 5.07 3.23 -2.72
CA MET A 25 4.89 1.78 -2.81
C MET A 25 5.68 1.21 -3.98
N THR A 26 6.94 0.87 -3.73
CA THR A 26 7.81 0.32 -4.76
C THR A 26 7.11 -0.82 -5.50
N ASP A 27 6.51 -1.72 -4.74
CA ASP A 27 5.80 -2.87 -5.34
C ASP A 27 4.33 -2.86 -4.92
N ALA A 28 3.73 -1.68 -4.91
CA ALA A 28 2.32 -1.55 -4.53
C ALA A 28 1.53 -2.79 -4.94
N VAL A 29 0.58 -3.18 -4.10
CA VAL A 29 -0.25 -4.34 -4.37
C VAL A 29 -1.72 -4.05 -4.06
N VAL A 30 -2.59 -4.38 -5.01
CA VAL A 30 -4.02 -4.15 -4.85
C VAL A 30 -4.70 -5.39 -4.26
N ILE A 31 -5.20 -5.25 -3.03
CA ILE A 31 -5.88 -6.35 -2.36
C ILE A 31 -7.23 -6.63 -2.99
N PRO A 32 -7.54 -7.93 -3.19
CA PRO A 32 -8.80 -8.36 -3.79
C PRO A 32 -9.99 -8.12 -2.87
N CYS A 33 -9.86 -8.56 -1.63
CA CYS A 33 -10.94 -8.39 -0.64
C CYS A 33 -11.73 -7.12 -0.92
N CYS A 34 -11.02 -6.00 -1.05
CA CYS A 34 -11.65 -4.72 -1.31
C CYS A 34 -10.91 -3.95 -2.40
N GLY A 35 -9.61 -3.74 -2.17
CA GLY A 35 -8.80 -3.02 -3.14
C GLY A 35 -8.21 -1.75 -2.58
N ASN A 36 -6.93 -1.80 -2.22
CA ASN A 36 -6.25 -0.64 -1.66
C ASN A 36 -4.76 -0.67 -2.01
N SER A 37 -4.08 0.44 -1.75
CA SER A 37 -2.65 0.55 -2.03
C SER A 37 -1.84 0.47 -0.75
N TYR A 38 -0.92 -0.49 -0.70
CA TYR A 38 -0.07 -0.68 0.47
C TYR A 38 1.31 -1.17 0.07
N CYS A 39 2.32 -0.81 0.86
CA CYS A 39 3.69 -1.20 0.58
C CYS A 39 3.86 -2.72 0.70
N ASP A 40 4.58 -3.30 -0.24
CA ASP A 40 4.80 -4.74 -0.25
C ASP A 40 4.95 -5.28 1.17
N GLU A 41 5.53 -4.46 2.05
CA GLU A 41 5.73 -4.86 3.44
C GLU A 41 4.56 -4.40 4.30
N CYS A 42 4.03 -3.22 4.00
CA CYS A 42 2.90 -2.67 4.75
C CYS A 42 1.77 -3.69 4.84
N ILE A 43 1.38 -4.25 3.70
CA ILE A 43 0.31 -5.24 3.66
C ILE A 43 0.80 -6.60 4.14
N ARG A 44 2.11 -6.82 4.05
CA ARG A 44 2.70 -8.08 4.47
C ARG A 44 2.70 -8.20 5.99
N THR A 45 3.43 -7.30 6.64
CA THR A 45 3.51 -7.30 8.10
C THR A 45 2.13 -7.31 8.73
N ALA A 46 1.27 -6.39 8.27
CA ALA A 46 -0.08 -6.30 8.79
C ALA A 46 -0.73 -7.67 8.93
N LEU A 47 -0.58 -8.48 7.88
CA LEU A 47 -1.16 -9.83 7.87
C LEU A 47 -0.55 -10.68 8.99
N LEU A 48 0.76 -10.59 9.15
CA LEU A 48 1.46 -11.35 10.18
C LEU A 48 1.08 -10.87 11.57
N GLU A 49 1.38 -9.60 11.85
CA GLU A 49 1.06 -9.00 13.14
C GLU A 49 -0.39 -9.29 13.53
N SER A 50 -1.32 -8.82 12.72
CA SER A 50 -2.74 -9.03 12.99
C SER A 50 -2.99 -10.43 13.53
N ASP A 51 -3.24 -10.53 14.83
CA ASP A 51 -3.50 -11.82 15.46
C ASP A 51 -4.38 -12.69 14.57
N GLU A 52 -5.46 -12.11 14.06
CA GLU A 52 -6.39 -12.84 13.21
C GLU A 52 -6.44 -12.21 11.82
N HIS A 53 -5.72 -12.81 10.88
CA HIS A 53 -5.69 -12.31 9.50
C HIS A 53 -7.03 -11.71 9.11
N THR A 54 -7.13 -10.39 9.19
CA THR A 54 -8.37 -9.69 8.84
C THR A 54 -8.08 -8.30 8.28
N CYS A 55 -8.32 -8.12 7.00
CA CYS A 55 -8.10 -6.84 6.34
C CYS A 55 -8.36 -5.68 7.30
N PRO A 56 -7.34 -4.83 7.51
CA PRO A 56 -7.44 -3.67 8.39
C PRO A 56 -8.37 -2.59 7.84
N THR A 57 -9.07 -2.92 6.76
CA THR A 57 -9.98 -1.98 6.13
C THR A 57 -11.40 -2.54 6.09
N CYS A 58 -11.58 -3.62 5.33
CA CYS A 58 -12.88 -4.26 5.20
C CYS A 58 -12.92 -5.59 5.94
N HIS A 59 -14.11 -6.15 6.09
CA HIS A 59 -14.28 -7.42 6.78
C HIS A 59 -13.79 -8.58 5.92
N GLN A 60 -12.61 -9.10 6.25
CA GLN A 60 -12.03 -10.20 5.50
C GLN A 60 -11.65 -11.36 6.43
N ASN A 61 -11.46 -12.54 5.85
CA ASN A 61 -11.10 -13.72 6.63
C ASN A 61 -9.95 -14.47 5.97
N ASP A 62 -8.74 -14.27 6.50
CA ASP A 62 -7.56 -14.93 5.97
C ASP A 62 -7.29 -14.48 4.53
N VAL A 63 -7.23 -13.17 4.33
CA VAL A 63 -6.97 -12.61 3.00
C VAL A 63 -5.98 -13.47 2.23
N SER A 64 -6.39 -13.93 1.05
CA SER A 64 -5.54 -14.76 0.22
C SER A 64 -4.33 -13.96 -0.29
N PRO A 65 -3.13 -14.34 0.19
CA PRO A 65 -1.89 -13.68 -0.20
C PRO A 65 -1.49 -13.97 -1.63
N ASP A 66 -1.97 -15.10 -2.15
CA ASP A 66 -1.67 -15.49 -3.53
C ASP A 66 -2.67 -14.88 -4.50
N ALA A 67 -3.16 -13.69 -4.16
CA ALA A 67 -4.12 -12.99 -5.00
C ALA A 67 -3.66 -11.57 -5.30
N LEU A 68 -3.07 -10.92 -4.31
CA LEU A 68 -2.58 -9.56 -4.47
C LEU A 68 -2.04 -9.34 -5.89
N SER A 69 -2.17 -8.11 -6.38
CA SER A 69 -1.70 -7.77 -7.72
C SER A 69 -0.40 -8.51 -8.04
N GLY A 70 0.57 -8.42 -7.13
CA GLY A 70 1.84 -9.08 -7.34
C GLY A 70 3.01 -8.13 -7.20
N PRO A 71 4.09 -8.59 -6.54
CA PRO A 71 5.30 -7.79 -6.33
C PRO A 71 6.07 -7.57 -7.62
N SER A 72 5.93 -6.36 -8.19
CA SER A 72 6.62 -6.03 -9.43
C SER A 72 8.01 -6.68 -9.48
N SER A 73 8.22 -7.49 -10.51
CA SER A 73 9.50 -8.18 -10.67
C SER A 73 10.60 -7.20 -11.05
N GLY A 74 10.39 -6.47 -12.15
CA GLY A 74 11.37 -5.51 -12.61
C GLY A 74 12.75 -6.11 -12.77
N GLY A 1 15.77 41.79 1.33
CA GLY A 1 14.63 41.48 0.48
C GLY A 1 14.53 40.00 0.16
N SER A 2 14.02 39.22 1.10
CA SER A 2 13.88 37.78 0.91
C SER A 2 13.08 37.47 -0.36
N SER A 3 13.79 37.08 -1.42
CA SER A 3 13.15 36.76 -2.69
C SER A 3 12.29 35.51 -2.56
N GLY A 4 12.91 34.40 -2.16
CA GLY A 4 12.19 33.15 -2.01
C GLY A 4 12.57 32.13 -3.06
N SER A 5 11.57 31.49 -3.66
CA SER A 5 11.82 30.48 -4.67
C SER A 5 11.14 30.86 -6.00
N SER A 6 11.66 30.34 -7.09
CA SER A 6 11.11 30.61 -8.41
C SER A 6 10.71 29.33 -9.12
N GLY A 7 9.50 29.31 -9.68
CA GLY A 7 9.01 28.14 -10.37
C GLY A 7 8.60 27.04 -9.43
N GLU A 8 7.31 26.98 -9.11
CA GLU A 8 6.79 25.96 -8.21
C GLU A 8 6.59 24.63 -8.94
N ASP A 9 7.18 23.57 -8.40
CA ASP A 9 7.07 22.24 -9.00
C ASP A 9 6.02 21.41 -8.27
N ASP A 10 5.54 20.37 -8.94
CA ASP A 10 4.54 19.49 -8.37
C ASP A 10 5.19 18.34 -7.60
N PRO A 11 5.10 18.39 -6.26
CA PRO A 11 5.67 17.37 -5.38
C PRO A 11 4.93 16.03 -5.49
N ILE A 12 5.58 14.97 -5.04
CA ILE A 12 4.99 13.64 -5.08
C ILE A 12 3.54 13.67 -4.62
N PRO A 13 2.64 13.13 -5.44
CA PRO A 13 1.20 13.09 -5.14
C PRO A 13 0.89 12.11 -4.01
N ASP A 14 -0.22 12.35 -3.32
CA ASP A 14 -0.64 11.49 -2.22
C ASP A 14 -1.09 10.13 -2.73
N GLU A 15 -2.06 10.14 -3.62
CA GLU A 15 -2.58 8.90 -4.20
C GLU A 15 -1.45 7.90 -4.47
N LEU A 16 -0.26 8.43 -4.70
CA LEU A 16 0.91 7.59 -4.97
C LEU A 16 1.55 7.11 -3.68
N LEU A 17 0.72 6.86 -2.67
CA LEU A 17 1.20 6.39 -1.38
C LEU A 17 0.19 5.44 -0.74
N CYS A 18 0.66 4.64 0.21
CA CYS A 18 -0.19 3.68 0.90
C CYS A 18 -1.03 4.38 1.96
N LEU A 19 -2.00 3.65 2.51
CA LEU A 19 -2.89 4.20 3.54
C LEU A 19 -2.45 3.74 4.92
N ILE A 20 -1.15 3.50 5.09
CA ILE A 20 -0.61 3.05 6.36
C ILE A 20 0.52 3.97 6.83
N CYS A 21 1.67 3.88 6.16
CA CYS A 21 2.82 4.69 6.49
C CYS A 21 2.97 5.86 5.51
N LYS A 22 2.13 5.87 4.49
CA LYS A 22 2.16 6.92 3.48
C LYS A 22 3.53 7.01 2.83
N ASP A 23 4.06 5.85 2.41
CA ASP A 23 5.37 5.80 1.78
C ASP A 23 5.31 5.02 0.47
N ILE A 24 6.08 5.46 -0.52
CA ILE A 24 6.11 4.80 -1.82
C ILE A 24 6.03 3.29 -1.67
N MET A 25 5.16 2.67 -2.48
CA MET A 25 4.98 1.23 -2.44
C MET A 25 5.77 0.55 -3.57
N THR A 26 7.01 0.18 -3.27
CA THR A 26 7.87 -0.47 -4.25
C THR A 26 7.06 -1.37 -5.18
N ASP A 27 6.16 -2.16 -4.58
CA ASP A 27 5.32 -3.07 -5.35
C ASP A 27 3.85 -2.86 -5.02
N ALA A 28 3.29 -1.76 -5.55
CA ALA A 28 1.88 -1.44 -5.31
C ALA A 28 1.02 -2.70 -5.30
N VAL A 29 0.63 -3.12 -4.09
CA VAL A 29 -0.19 -4.32 -3.94
C VAL A 29 -1.65 -3.95 -3.65
N VAL A 30 -2.54 -4.33 -4.56
CA VAL A 30 -3.96 -4.04 -4.41
C VAL A 30 -4.73 -5.27 -3.93
N ILE A 31 -5.36 -5.15 -2.77
CA ILE A 31 -6.12 -6.26 -2.20
C ILE A 31 -7.51 -6.34 -2.82
N PRO A 32 -7.91 -7.55 -3.21
CA PRO A 32 -9.23 -7.79 -3.82
C PRO A 32 -10.37 -7.63 -2.82
N CYS A 33 -10.19 -8.19 -1.64
CA CYS A 33 -11.20 -8.11 -0.59
C CYS A 33 -11.98 -6.80 -0.69
N CYS A 34 -11.25 -5.69 -0.80
CA CYS A 34 -11.87 -4.37 -0.91
C CYS A 34 -11.21 -3.55 -2.01
N GLY A 35 -9.89 -3.44 -1.95
CA GLY A 35 -9.16 -2.68 -2.95
C GLY A 35 -8.45 -1.49 -2.35
N ASN A 36 -7.16 -1.64 -2.07
CA ASN A 36 -6.36 -0.56 -1.50
C ASN A 36 -4.89 -0.73 -1.82
N SER A 37 -4.16 0.37 -1.86
CA SER A 37 -2.73 0.34 -2.16
C SER A 37 -1.91 0.30 -0.88
N TYR A 38 -0.96 -0.63 -0.84
CA TYR A 38 -0.10 -0.79 0.34
C TYR A 38 1.30 -1.23 -0.07
N CYS A 39 2.28 -0.93 0.78
CA CYS A 39 3.67 -1.30 0.51
C CYS A 39 3.87 -2.81 0.63
N ASP A 40 4.58 -3.37 -0.34
CA ASP A 40 4.85 -4.81 -0.34
C ASP A 40 5.04 -5.34 1.07
N GLU A 41 5.55 -4.48 1.94
CA GLU A 41 5.79 -4.85 3.34
C GLU A 41 4.62 -4.45 4.22
N CYS A 42 4.16 -3.21 4.04
CA CYS A 42 3.04 -2.69 4.82
C CYS A 42 1.91 -3.71 4.90
N ILE A 43 1.64 -4.38 3.78
CA ILE A 43 0.58 -5.38 3.72
C ILE A 43 1.05 -6.71 4.31
N ARG A 44 2.32 -7.04 4.06
CA ARG A 44 2.89 -8.29 4.56
C ARG A 44 2.91 -8.30 6.08
N THR A 45 3.16 -7.14 6.68
CA THR A 45 3.21 -7.01 8.13
C THR A 45 1.82 -6.98 8.73
N ALA A 46 0.91 -6.27 8.06
CA ALA A 46 -0.47 -6.16 8.53
C ALA A 46 -1.10 -7.54 8.71
N LEU A 47 -0.80 -8.45 7.80
CA LEU A 47 -1.33 -9.80 7.86
C LEU A 47 -0.64 -10.61 8.96
N LEU A 48 0.68 -10.62 8.95
CA LEU A 48 1.45 -11.35 9.95
C LEU A 48 1.15 -10.82 11.35
N GLU A 49 1.52 -9.56 11.59
CA GLU A 49 1.29 -8.94 12.89
C GLU A 49 0.00 -9.45 13.53
N SER A 50 -1.04 -9.61 12.70
CA SER A 50 -2.33 -10.08 13.18
C SER A 50 -2.59 -11.51 12.71
N ASP A 51 -2.42 -12.47 13.61
CA ASP A 51 -2.64 -13.87 13.29
C ASP A 51 -3.97 -14.06 12.57
N GLU A 52 -4.98 -13.30 12.98
CA GLU A 52 -6.30 -13.39 12.38
C GLU A 52 -6.24 -13.08 10.89
N HIS A 53 -5.30 -12.22 10.51
CA HIS A 53 -5.14 -11.84 9.11
C HIS A 53 -6.36 -11.08 8.60
N THR A 54 -6.78 -10.06 9.35
CA THR A 54 -7.94 -9.26 8.97
C THR A 54 -7.52 -7.93 8.37
N CYS A 55 -8.18 -7.54 7.28
CA CYS A 55 -7.88 -6.28 6.62
C CYS A 55 -8.03 -5.11 7.57
N PRO A 56 -6.99 -4.25 7.65
CA PRO A 56 -7.00 -3.07 8.52
C PRO A 56 -7.97 -2.00 8.04
N THR A 57 -8.72 -2.32 6.99
CA THR A 57 -9.69 -1.38 6.44
C THR A 57 -11.07 -2.02 6.33
N CYS A 58 -11.10 -3.32 6.07
CA CYS A 58 -12.36 -4.05 5.94
C CYS A 58 -12.36 -5.29 6.82
N HIS A 59 -13.53 -5.89 6.98
CA HIS A 59 -13.66 -7.10 7.79
C HIS A 59 -13.34 -8.35 6.98
N GLN A 60 -12.08 -8.46 6.56
CA GLN A 60 -11.64 -9.60 5.77
C GLN A 60 -11.17 -10.74 6.67
N ASN A 61 -10.82 -11.87 6.07
CA ASN A 61 -10.35 -13.03 6.82
C ASN A 61 -9.43 -13.89 5.96
N ASP A 62 -8.32 -14.34 6.56
CA ASP A 62 -7.36 -15.16 5.86
C ASP A 62 -7.23 -14.74 4.40
N VAL A 63 -6.94 -13.46 4.19
CA VAL A 63 -6.80 -12.93 2.84
C VAL A 63 -5.76 -13.72 2.04
N SER A 64 -6.02 -13.89 0.75
CA SER A 64 -5.11 -14.63 -0.11
C SER A 64 -4.05 -13.71 -0.71
N PRO A 65 -2.79 -13.92 -0.32
CA PRO A 65 -1.66 -13.11 -0.81
C PRO A 65 -1.36 -13.38 -2.28
N ASP A 66 -2.07 -14.33 -2.87
CA ASP A 66 -1.87 -14.67 -4.27
C ASP A 66 -2.51 -13.62 -5.18
N ALA A 67 -3.67 -13.10 -4.76
CA ALA A 67 -4.38 -12.09 -5.53
C ALA A 67 -3.58 -10.80 -5.62
N LEU A 68 -3.03 -10.37 -4.48
CA LEU A 68 -2.23 -9.14 -4.43
C LEU A 68 -1.49 -8.93 -5.74
N SER A 69 -1.53 -7.70 -6.24
CA SER A 69 -0.85 -7.36 -7.50
C SER A 69 0.66 -7.30 -7.29
N GLY A 70 1.41 -7.40 -8.39
CA GLY A 70 2.86 -7.34 -8.31
C GLY A 70 3.51 -8.56 -8.93
N PRO A 71 3.96 -9.49 -8.08
CA PRO A 71 4.61 -10.73 -8.54
C PRO A 71 3.65 -11.68 -9.24
N SER A 72 2.44 -11.18 -9.53
CA SER A 72 1.43 -11.99 -10.20
C SER A 72 1.96 -12.53 -11.53
N SER A 73 2.30 -11.61 -12.43
CA SER A 73 2.81 -11.99 -13.74
C SER A 73 4.09 -12.81 -13.61
N GLY A 74 5.08 -12.24 -12.93
CA GLY A 74 6.35 -12.93 -12.75
C GLY A 74 6.20 -14.19 -11.92
N GLY A 1 -7.03 12.47 -24.97
CA GLY A 1 -5.62 12.77 -24.79
C GLY A 1 -5.26 13.05 -23.35
N SER A 2 -4.58 14.16 -23.11
CA SER A 2 -4.17 14.54 -21.76
C SER A 2 -5.28 15.29 -21.03
N SER A 3 -6.12 14.54 -20.32
CA SER A 3 -7.23 15.14 -19.58
C SER A 3 -7.10 14.87 -18.09
N GLY A 4 -7.63 15.77 -17.28
CA GLY A 4 -7.57 15.61 -15.83
C GLY A 4 -7.63 16.93 -15.10
N SER A 5 -7.71 16.87 -13.77
CA SER A 5 -7.78 18.07 -12.96
C SER A 5 -6.41 18.45 -12.42
N SER A 6 -5.79 17.53 -11.70
CA SER A 6 -4.47 17.77 -11.12
C SER A 6 -3.42 17.90 -12.21
N GLY A 7 -2.28 18.50 -11.86
CA GLY A 7 -1.20 18.68 -12.82
C GLY A 7 0.16 18.69 -12.18
N GLU A 8 0.55 19.83 -11.64
CA GLU A 8 1.86 19.96 -10.99
C GLU A 8 1.70 20.50 -9.56
N ASP A 9 1.48 19.59 -8.62
CA ASP A 9 1.31 19.97 -7.23
C ASP A 9 2.62 19.85 -6.47
N ASP A 10 2.73 20.56 -5.35
CA ASP A 10 3.93 20.53 -4.54
C ASP A 10 3.98 19.28 -3.68
N PRO A 11 3.02 19.17 -2.74
CA PRO A 11 2.92 18.02 -1.84
C PRO A 11 2.51 16.74 -2.57
N ILE A 12 2.72 15.60 -1.91
CA ILE A 12 2.36 14.31 -2.49
C ILE A 12 1.00 13.84 -2.01
N PRO A 13 0.10 13.55 -2.97
CA PRO A 13 -1.26 13.09 -2.67
C PRO A 13 -1.27 11.68 -2.08
N ASP A 14 -2.34 11.37 -1.35
CA ASP A 14 -2.48 10.06 -0.73
C ASP A 14 -2.65 8.97 -1.79
N GLU A 15 -3.57 9.20 -2.71
CA GLU A 15 -3.84 8.23 -3.78
C GLU A 15 -2.54 7.61 -4.29
N LEU A 16 -1.45 8.35 -4.14
CA LEU A 16 -0.13 7.87 -4.58
C LEU A 16 0.55 7.07 -3.48
N LEU A 17 0.41 7.54 -2.25
CA LEU A 17 1.02 6.88 -1.09
C LEU A 17 0.07 5.85 -0.49
N CYS A 18 0.60 4.98 0.35
CA CYS A 18 -0.21 3.95 1.00
C CYS A 18 -1.03 4.55 2.15
N LEU A 19 -2.02 3.80 2.60
CA LEU A 19 -2.88 4.24 3.71
C LEU A 19 -2.44 3.60 5.02
N ILE A 20 -1.13 3.49 5.22
CA ILE A 20 -0.59 2.91 6.44
C ILE A 20 0.55 3.76 7.00
N CYS A 21 1.68 3.74 6.30
CA CYS A 21 2.85 4.51 6.72
C CYS A 21 2.99 5.79 5.90
N LYS A 22 2.22 5.88 4.82
CA LYS A 22 2.25 7.04 3.95
C LYS A 22 3.62 7.19 3.28
N ASP A 23 4.07 6.11 2.65
CA ASP A 23 5.36 6.12 1.97
C ASP A 23 5.25 5.48 0.59
N ILE A 24 5.99 6.03 -0.37
CA ILE A 24 5.98 5.53 -1.73
C ILE A 24 6.00 4.00 -1.76
N MET A 25 5.01 3.40 -2.42
CA MET A 25 4.92 1.95 -2.51
C MET A 25 5.74 1.43 -3.68
N THR A 26 6.97 1.01 -3.41
CA THR A 26 7.86 0.50 -4.44
C THR A 26 7.13 -0.49 -5.34
N ASP A 27 6.34 -1.37 -4.73
CA ASP A 27 5.59 -2.37 -5.48
C ASP A 27 4.11 -2.34 -5.10
N ALA A 28 3.38 -1.38 -5.65
CA ALA A 28 1.96 -1.24 -5.37
C ALA A 28 1.26 -2.59 -5.38
N VAL A 29 0.43 -2.83 -4.36
CA VAL A 29 -0.30 -4.09 -4.25
C VAL A 29 -1.75 -3.85 -3.89
N VAL A 30 -2.65 -4.44 -4.67
CA VAL A 30 -4.08 -4.29 -4.44
C VAL A 30 -4.67 -5.55 -3.79
N ILE A 31 -5.30 -5.37 -2.63
CA ILE A 31 -5.91 -6.48 -1.92
C ILE A 31 -7.30 -6.80 -2.46
N PRO A 32 -7.58 -8.10 -2.67
CA PRO A 32 -8.87 -8.55 -3.18
C PRO A 32 -9.99 -8.38 -2.16
N CYS A 33 -9.75 -8.86 -0.94
CA CYS A 33 -10.74 -8.76 0.12
C CYS A 33 -11.61 -7.52 -0.06
N CYS A 34 -10.97 -6.37 -0.22
CA CYS A 34 -11.67 -5.10 -0.40
C CYS A 34 -11.05 -4.30 -1.53
N GLY A 35 -9.75 -4.03 -1.42
CA GLY A 35 -9.06 -3.26 -2.45
C GLY A 35 -8.42 -2.02 -1.90
N ASN A 36 -7.10 -2.05 -1.75
CA ASN A 36 -6.36 -0.90 -1.23
C ASN A 36 -4.88 -0.99 -1.60
N SER A 37 -4.21 0.15 -1.62
CA SER A 37 -2.79 0.20 -1.96
C SER A 37 -1.93 0.23 -0.70
N TYR A 38 -0.97 -0.69 -0.63
CA TYR A 38 -0.08 -0.77 0.52
C TYR A 38 1.32 -1.23 0.10
N CYS A 39 2.33 -0.78 0.83
CA CYS A 39 3.71 -1.13 0.54
C CYS A 39 3.92 -2.64 0.66
N ASP A 40 4.65 -3.20 -0.30
CA ASP A 40 4.93 -4.63 -0.31
C ASP A 40 5.09 -5.16 1.11
N GLU A 41 5.71 -4.36 1.97
CA GLU A 41 5.93 -4.75 3.35
C GLU A 41 4.74 -4.36 4.23
N CYS A 42 4.26 -3.13 4.05
CA CYS A 42 3.13 -2.63 4.81
C CYS A 42 2.04 -3.68 4.92
N ILE A 43 1.66 -4.25 3.77
CA ILE A 43 0.63 -5.28 3.74
C ILE A 43 1.14 -6.61 4.26
N ARG A 44 2.39 -6.93 3.92
CA ARG A 44 3.01 -8.18 4.35
C ARG A 44 2.95 -8.31 5.87
N THR A 45 3.50 -7.32 6.57
CA THR A 45 3.50 -7.34 8.03
C THR A 45 2.09 -7.34 8.58
N ALA A 46 1.30 -6.35 8.19
CA ALA A 46 -0.08 -6.25 8.66
C ALA A 46 -0.72 -7.63 8.79
N LEU A 47 -0.72 -8.39 7.71
CA LEU A 47 -1.30 -9.73 7.72
C LEU A 47 -0.72 -10.57 8.86
N LEU A 48 0.59 -10.49 9.05
CA LEU A 48 1.26 -11.23 10.10
C LEU A 48 0.85 -10.71 11.47
N GLU A 49 1.10 -9.43 11.71
CA GLU A 49 0.76 -8.81 12.99
C GLU A 49 -0.58 -9.34 13.51
N SER A 50 -1.62 -9.22 12.68
CA SER A 50 -2.96 -9.67 13.05
C SER A 50 -2.94 -11.17 13.36
N ASP A 51 -4.03 -11.65 13.97
CA ASP A 51 -4.15 -13.06 14.31
C ASP A 51 -4.21 -13.92 13.05
N GLU A 52 -5.23 -13.70 12.24
CA GLU A 52 -5.40 -14.46 11.00
C GLU A 52 -5.49 -13.52 9.80
N HIS A 53 -4.36 -12.89 9.45
CA HIS A 53 -4.31 -11.97 8.33
C HIS A 53 -5.58 -11.13 8.26
N THR A 54 -6.03 -10.66 9.42
CA THR A 54 -7.24 -9.83 9.49
C THR A 54 -7.02 -8.47 8.85
N CYS A 55 -7.47 -8.32 7.61
CA CYS A 55 -7.32 -7.06 6.89
C CYS A 55 -7.63 -5.87 7.80
N PRO A 56 -6.75 -4.86 7.77
CA PRO A 56 -6.91 -3.64 8.58
C PRO A 56 -8.07 -2.79 8.10
N THR A 57 -8.39 -2.89 6.82
CA THR A 57 -9.49 -2.11 6.24
C THR A 57 -10.83 -2.78 6.49
N CYS A 58 -10.96 -4.02 6.03
CA CYS A 58 -12.21 -4.77 6.20
C CYS A 58 -11.96 -6.04 7.00
N HIS A 59 -13.03 -6.76 7.32
CA HIS A 59 -12.94 -8.00 8.09
C HIS A 59 -12.75 -9.20 7.16
N GLN A 60 -11.52 -9.70 7.09
CA GLN A 60 -11.21 -10.84 6.24
C GLN A 60 -10.77 -12.03 7.09
N ASN A 61 -10.64 -13.19 6.44
CA ASN A 61 -10.23 -14.41 7.13
C ASN A 61 -9.13 -15.12 6.34
N ASP A 62 -7.88 -14.89 6.73
CA ASP A 62 -6.74 -15.50 6.07
C ASP A 62 -6.59 -14.98 4.65
N VAL A 63 -6.54 -13.66 4.51
CA VAL A 63 -6.39 -13.03 3.21
C VAL A 63 -5.33 -13.75 2.37
N SER A 64 -5.63 -13.92 1.08
CA SER A 64 -4.71 -14.59 0.17
C SER A 64 -3.62 -13.65 -0.31
N PRO A 65 -2.38 -13.89 0.13
CA PRO A 65 -1.23 -13.07 -0.23
C PRO A 65 -0.84 -13.23 -1.69
N ASP A 66 -1.43 -14.22 -2.35
CA ASP A 66 -1.15 -14.49 -3.76
C ASP A 66 -1.84 -13.47 -4.65
N ALA A 67 -3.14 -13.26 -4.41
CA ALA A 67 -3.92 -12.30 -5.20
C ALA A 67 -3.15 -11.01 -5.40
N LEU A 68 -2.53 -10.51 -4.34
CA LEU A 68 -1.75 -9.27 -4.39
C LEU A 68 -1.05 -9.15 -5.73
N SER A 69 -0.78 -7.91 -6.14
CA SER A 69 -0.10 -7.64 -7.41
C SER A 69 1.38 -7.99 -7.32
N GLY A 70 1.82 -8.89 -8.19
CA GLY A 70 3.22 -9.30 -8.20
C GLY A 70 3.39 -10.78 -7.93
N PRO A 71 3.46 -11.57 -9.02
CA PRO A 71 3.61 -13.02 -8.92
C PRO A 71 5.00 -13.42 -8.42
N SER A 72 5.96 -12.51 -8.56
CA SER A 72 7.33 -12.77 -8.14
C SER A 72 7.37 -13.14 -6.65
N SER A 73 7.60 -14.42 -6.38
CA SER A 73 7.66 -14.91 -5.00
C SER A 73 9.08 -14.85 -4.47
N GLY A 74 9.23 -14.35 -3.25
CA GLY A 74 10.55 -14.26 -2.64
C GLY A 74 10.87 -12.86 -2.18
N GLY A 1 31.05 32.24 -6.00
CA GLY A 1 30.67 33.20 -7.01
C GLY A 1 29.36 33.90 -6.69
N SER A 2 28.27 33.14 -6.69
CA SER A 2 26.96 33.70 -6.39
C SER A 2 26.10 32.68 -5.64
N SER A 3 25.00 33.17 -5.05
CA SER A 3 24.10 32.31 -4.29
C SER A 3 22.65 32.64 -4.61
N GLY A 4 21.79 31.62 -4.55
CA GLY A 4 20.38 31.81 -4.83
C GLY A 4 19.83 30.74 -5.75
N SER A 5 19.39 29.63 -5.15
CA SER A 5 18.84 28.52 -5.92
C SER A 5 17.35 28.37 -5.66
N SER A 6 16.59 28.10 -6.72
CA SER A 6 15.15 27.94 -6.61
C SER A 6 14.76 26.46 -6.60
N GLY A 7 14.16 26.03 -5.50
CA GLY A 7 13.75 24.63 -5.37
C GLY A 7 12.25 24.48 -5.21
N GLU A 8 11.59 23.96 -6.24
CA GLU A 8 10.15 23.77 -6.19
C GLU A 8 9.74 22.57 -7.05
N ASP A 9 9.16 21.56 -6.41
CA ASP A 9 8.72 20.36 -7.11
C ASP A 9 7.48 19.77 -6.45
N ASP A 10 6.36 19.78 -7.17
CA ASP A 10 5.12 19.24 -6.65
C ASP A 10 5.35 17.93 -5.91
N PRO A 11 4.65 17.76 -4.78
CA PRO A 11 4.77 16.56 -3.94
C PRO A 11 4.17 15.33 -4.61
N ILE A 12 4.28 14.19 -3.95
CA ILE A 12 3.74 12.94 -4.47
C ILE A 12 2.30 12.73 -4.04
N PRO A 13 1.43 12.35 -5.00
CA PRO A 13 0.01 12.12 -4.73
C PRO A 13 -0.22 10.87 -3.89
N ASP A 14 -1.45 10.69 -3.44
CA ASP A 14 -1.82 9.54 -2.61
C ASP A 14 -1.72 8.25 -3.43
N GLU A 15 -2.23 8.29 -4.65
CA GLU A 15 -2.21 7.12 -5.53
C GLU A 15 -0.87 6.40 -5.43
N LEU A 16 0.19 7.16 -5.16
CA LEU A 16 1.54 6.60 -5.05
C LEU A 16 1.84 6.19 -3.60
N LEU A 17 1.34 6.98 -2.65
CA LEU A 17 1.55 6.69 -1.24
C LEU A 17 0.51 5.71 -0.71
N CYS A 18 0.87 4.97 0.32
CA CYS A 18 -0.03 3.99 0.92
C CYS A 18 -0.87 4.62 2.02
N LEU A 19 -1.89 3.90 2.47
CA LEU A 19 -2.77 4.39 3.52
C LEU A 19 -2.35 3.85 4.88
N ILE A 20 -1.05 3.59 5.04
CA ILE A 20 -0.51 3.06 6.29
C ILE A 20 0.62 3.93 6.79
N CYS A 21 1.79 3.80 6.17
CA CYS A 21 2.96 4.57 6.56
C CYS A 21 3.13 5.79 5.66
N LYS A 22 2.30 5.88 4.62
CA LYS A 22 2.37 6.99 3.69
C LYS A 22 3.74 7.08 3.03
N ASP A 23 4.20 5.98 2.45
CA ASP A 23 5.49 5.94 1.80
C ASP A 23 5.36 5.40 0.37
N ILE A 24 6.13 5.97 -0.54
CA ILE A 24 6.11 5.56 -1.94
C ILE A 24 6.05 4.04 -2.06
N MET A 25 4.99 3.53 -2.66
CA MET A 25 4.83 2.10 -2.84
C MET A 25 5.49 1.63 -4.13
N THR A 26 6.78 1.30 -4.03
CA THR A 26 7.54 0.84 -5.19
C THR A 26 6.85 -0.33 -5.87
N ASP A 27 6.22 -1.19 -5.08
CA ASP A 27 5.52 -2.36 -5.61
C ASP A 27 4.08 -2.40 -5.10
N ALA A 28 3.41 -1.24 -5.15
CA ALA A 28 2.03 -1.15 -4.70
C ALA A 28 1.24 -2.39 -5.10
N VAL A 29 0.58 -3.01 -4.12
CA VAL A 29 -0.21 -4.21 -4.38
C VAL A 29 -1.67 -3.99 -3.98
N VAL A 30 -2.58 -4.30 -4.91
CA VAL A 30 -4.00 -4.14 -4.67
C VAL A 30 -4.62 -5.42 -4.12
N ILE A 31 -5.17 -5.34 -2.92
CA ILE A 31 -5.79 -6.50 -2.28
C ILE A 31 -7.12 -6.84 -2.95
N PRO A 32 -7.35 -8.15 -3.18
CA PRO A 32 -8.58 -8.64 -3.81
C PRO A 32 -9.79 -8.47 -2.91
N CYS A 33 -9.68 -8.96 -1.68
CA CYS A 33 -10.78 -8.87 -0.71
C CYS A 33 -11.63 -7.64 -0.98
N CYS A 34 -10.98 -6.48 -1.05
CA CYS A 34 -11.68 -5.22 -1.29
C CYS A 34 -10.94 -4.38 -2.34
N GLY A 35 -9.68 -4.09 -2.07
CA GLY A 35 -8.88 -3.30 -2.99
C GLY A 35 -8.31 -2.06 -2.34
N ASN A 36 -7.08 -2.17 -1.84
CA ASN A 36 -6.42 -1.03 -1.19
C ASN A 36 -4.96 -0.95 -1.61
N SER A 37 -4.36 0.21 -1.41
CA SER A 37 -2.95 0.43 -1.77
C SER A 37 -2.06 0.33 -0.53
N TYR A 38 -1.10 -0.59 -0.58
CA TYR A 38 -0.18 -0.79 0.54
C TYR A 38 1.19 -1.22 0.03
N CYS A 39 2.23 -0.87 0.78
CA CYS A 39 3.60 -1.22 0.42
C CYS A 39 3.80 -2.73 0.48
N ASP A 40 4.46 -3.27 -0.54
CA ASP A 40 4.74 -4.71 -0.60
C ASP A 40 4.96 -5.28 0.79
N GLU A 41 5.55 -4.49 1.67
CA GLU A 41 5.82 -4.91 3.04
C GLU A 41 4.67 -4.51 3.97
N CYS A 42 4.26 -3.25 3.88
CA CYS A 42 3.18 -2.75 4.71
C CYS A 42 2.07 -3.79 4.87
N ILE A 43 1.57 -4.28 3.74
CA ILE A 43 0.52 -5.28 3.74
C ILE A 43 1.04 -6.63 4.20
N ARG A 44 2.31 -6.89 3.92
CA ARG A 44 2.94 -8.15 4.30
C ARG A 44 2.92 -8.33 5.82
N THR A 45 3.55 -7.39 6.52
CA THR A 45 3.61 -7.44 7.97
C THR A 45 2.22 -7.36 8.59
N ALA A 46 1.41 -6.42 8.09
CA ALA A 46 0.06 -6.24 8.58
C ALA A 46 -0.64 -7.58 8.80
N LEU A 47 -0.52 -8.46 7.81
CA LEU A 47 -1.14 -9.79 7.88
C LEU A 47 -0.62 -10.56 9.09
N LEU A 48 0.71 -10.62 9.22
CA LEU A 48 1.34 -11.33 10.33
C LEU A 48 0.92 -10.73 11.66
N GLU A 49 0.94 -9.41 11.75
CA GLU A 49 0.56 -8.71 12.98
C GLU A 49 -0.88 -9.05 13.36
N SER A 50 -1.81 -8.79 12.44
CA SER A 50 -3.22 -9.06 12.69
C SER A 50 -3.41 -10.43 13.32
N ASP A 51 -4.24 -10.48 14.37
CA ASP A 51 -4.50 -11.73 15.07
C ASP A 51 -4.71 -12.87 14.09
N GLU A 52 -5.50 -12.61 13.05
CA GLU A 52 -5.79 -13.63 12.04
C GLU A 52 -5.69 -13.04 10.63
N HIS A 53 -4.55 -12.41 10.35
CA HIS A 53 -4.31 -11.81 9.04
C HIS A 53 -5.60 -11.23 8.48
N THR A 54 -6.36 -10.53 9.32
CA THR A 54 -7.62 -9.93 8.91
C THR A 54 -7.39 -8.55 8.31
N CYS A 55 -7.82 -8.38 7.06
CA CYS A 55 -7.67 -7.11 6.36
C CYS A 55 -8.01 -5.94 7.29
N PRO A 56 -7.05 -5.02 7.47
CA PRO A 56 -7.24 -3.84 8.33
C PRO A 56 -8.22 -2.84 7.72
N THR A 57 -8.83 -3.21 6.61
CA THR A 57 -9.80 -2.34 5.94
C THR A 57 -11.20 -2.95 5.97
N CYS A 58 -11.34 -4.14 5.37
CA CYS A 58 -12.63 -4.82 5.33
C CYS A 58 -12.58 -6.12 6.12
N HIS A 59 -13.74 -6.63 6.49
CA HIS A 59 -13.83 -7.87 7.25
C HIS A 59 -13.59 -9.08 6.35
N GLN A 60 -12.34 -9.54 6.31
CA GLN A 60 -11.98 -10.70 5.48
C GLN A 60 -11.05 -11.64 6.25
N ASN A 61 -10.80 -12.80 5.66
CA ASN A 61 -9.93 -13.79 6.27
C ASN A 61 -8.48 -13.59 5.86
N ASP A 62 -7.61 -14.51 6.26
CA ASP A 62 -6.19 -14.43 5.93
C ASP A 62 -5.98 -14.48 4.42
N VAL A 63 -5.74 -13.32 3.82
CA VAL A 63 -5.53 -13.23 2.38
C VAL A 63 -4.20 -13.86 1.99
N SER A 64 -4.15 -14.47 0.81
CA SER A 64 -2.94 -15.11 0.31
C SER A 64 -1.93 -14.06 -0.14
N PRO A 65 -0.68 -14.19 0.36
CA PRO A 65 0.40 -13.26 0.02
C PRO A 65 0.86 -13.41 -1.42
N ASP A 66 0.10 -14.19 -2.21
CA ASP A 66 0.43 -14.40 -3.60
C ASP A 66 -0.61 -13.75 -4.52
N ALA A 67 -1.86 -13.79 -4.10
CA ALA A 67 -2.96 -13.21 -4.87
C ALA A 67 -2.98 -11.69 -4.73
N LEU A 68 -1.81 -11.06 -4.84
CA LEU A 68 -1.68 -9.61 -4.73
C LEU A 68 -0.93 -9.03 -5.92
N SER A 69 -1.60 -8.15 -6.65
CA SER A 69 -0.99 -7.51 -7.82
C SER A 69 -0.01 -8.47 -8.51
N GLY A 70 -0.40 -9.74 -8.60
CA GLY A 70 0.45 -10.73 -9.23
C GLY A 70 -0.28 -11.51 -10.31
N PRO A 71 0.49 -12.06 -11.26
CA PRO A 71 -0.07 -12.84 -12.38
C PRO A 71 -0.64 -14.17 -11.92
N SER A 72 -0.69 -14.37 -10.60
CA SER A 72 -1.20 -15.62 -10.03
C SER A 72 -2.52 -15.37 -9.32
N SER A 73 -3.62 -15.69 -9.99
CA SER A 73 -4.95 -15.50 -9.42
C SER A 73 -5.45 -16.78 -8.75
N GLY A 74 -6.31 -16.62 -7.76
CA GLY A 74 -6.83 -17.78 -7.04
C GLY A 74 -5.96 -18.18 -5.87
N GLY A 1 15.99 29.00 -10.35
CA GLY A 1 15.67 27.76 -11.03
C GLY A 1 14.19 27.60 -11.28
N SER A 2 13.68 26.37 -11.10
CA SER A 2 12.28 26.08 -11.31
C SER A 2 11.42 26.85 -10.31
N SER A 3 11.04 28.07 -10.68
CA SER A 3 10.22 28.91 -9.81
C SER A 3 9.22 29.73 -10.64
N GLY A 4 7.94 29.61 -10.31
CA GLY A 4 6.91 30.33 -11.02
C GLY A 4 7.13 30.33 -12.52
N SER A 5 6.91 29.19 -13.15
CA SER A 5 7.10 29.06 -14.60
C SER A 5 6.31 27.87 -15.14
N SER A 6 5.76 28.02 -16.34
CA SER A 6 4.98 26.96 -16.97
C SER A 6 4.03 26.32 -15.97
N GLY A 7 3.38 27.16 -15.17
CA GLY A 7 2.45 26.65 -14.17
C GLY A 7 3.14 26.17 -12.92
N GLU A 8 2.56 26.49 -11.76
CA GLU A 8 3.13 26.09 -10.49
C GLU A 8 3.52 24.61 -10.51
N ASP A 9 4.64 24.29 -9.87
CA ASP A 9 5.13 22.92 -9.81
C ASP A 9 4.27 22.08 -8.88
N ASP A 10 4.07 20.82 -9.24
CA ASP A 10 3.26 19.90 -8.44
C ASP A 10 4.14 18.83 -7.79
N PRO A 11 4.22 18.86 -6.46
CA PRO A 11 5.01 17.90 -5.69
C PRO A 11 4.42 16.50 -5.72
N ILE A 12 5.17 15.54 -5.20
CA ILE A 12 4.72 14.15 -5.17
C ILE A 12 3.25 14.06 -4.79
N PRO A 13 2.47 13.38 -5.64
CA PRO A 13 1.03 13.20 -5.42
C PRO A 13 0.73 12.27 -4.24
N ASP A 14 -0.42 12.47 -3.60
CA ASP A 14 -0.82 11.66 -2.46
C ASP A 14 -1.13 10.23 -2.91
N GLU A 15 -2.02 10.11 -3.89
CA GLU A 15 -2.42 8.80 -4.40
C GLU A 15 -1.20 7.88 -4.54
N LEU A 16 -0.04 8.48 -4.71
CA LEU A 16 1.20 7.71 -4.86
C LEU A 16 1.78 7.35 -3.49
N LEU A 17 0.89 7.18 -2.51
CA LEU A 17 1.32 6.83 -1.15
C LEU A 17 0.31 5.88 -0.50
N CYS A 18 0.81 5.03 0.38
CA CYS A 18 -0.04 4.06 1.08
C CYS A 18 -0.84 4.74 2.19
N LEU A 19 -1.80 4.03 2.74
CA LEU A 19 -2.64 4.56 3.82
C LEU A 19 -2.18 4.02 5.17
N ILE A 20 -0.88 3.75 5.29
CA ILE A 20 -0.33 3.23 6.54
C ILE A 20 0.81 4.12 7.04
N CYS A 21 1.96 4.02 6.38
CA CYS A 21 3.12 4.82 6.75
C CYS A 21 3.26 6.04 5.87
N LYS A 22 2.39 6.14 4.86
CA LYS A 22 2.41 7.27 3.94
C LYS A 22 3.75 7.38 3.24
N ASP A 23 4.16 6.29 2.59
CA ASP A 23 5.43 6.27 1.87
C ASP A 23 5.28 5.59 0.51
N ILE A 24 6.03 6.07 -0.47
CA ILE A 24 5.97 5.51 -1.81
C ILE A 24 5.87 3.99 -1.77
N MET A 25 4.94 3.44 -2.53
CA MET A 25 4.75 2.00 -2.58
C MET A 25 5.63 1.36 -3.66
N THR A 26 6.90 1.15 -3.33
CA THR A 26 7.85 0.55 -4.26
C THR A 26 7.18 -0.53 -5.09
N ASP A 27 6.37 -1.35 -4.45
CA ASP A 27 5.67 -2.43 -5.13
C ASP A 27 4.17 -2.42 -4.80
N ALA A 28 3.43 -1.55 -5.50
CA ALA A 28 1.99 -1.44 -5.28
C ALA A 28 1.33 -2.80 -5.32
N VAL A 29 0.40 -3.03 -4.38
CA VAL A 29 -0.32 -4.30 -4.31
C VAL A 29 -1.78 -4.08 -3.95
N VAL A 30 -2.67 -4.52 -4.84
CA VAL A 30 -4.10 -4.37 -4.62
C VAL A 30 -4.68 -5.59 -3.89
N ILE A 31 -5.14 -5.39 -2.66
CA ILE A 31 -5.71 -6.47 -1.87
C ILE A 31 -7.08 -6.87 -2.40
N PRO A 32 -7.31 -8.19 -2.49
CA PRO A 32 -8.58 -8.75 -2.97
C PRO A 32 -9.73 -8.50 -2.01
N CYS A 33 -9.54 -8.89 -0.75
CA CYS A 33 -10.56 -8.72 0.27
C CYS A 33 -11.43 -7.50 -0.04
N CYS A 34 -10.80 -6.36 -0.25
CA CYS A 34 -11.50 -5.12 -0.54
C CYS A 34 -10.85 -4.38 -1.70
N GLY A 35 -9.57 -4.03 -1.52
CA GLY A 35 -8.85 -3.31 -2.55
C GLY A 35 -8.25 -2.01 -2.04
N ASN A 36 -6.94 -1.99 -1.89
CA ASN A 36 -6.25 -0.79 -1.40
C ASN A 36 -4.76 -0.85 -1.75
N SER A 37 -4.11 0.31 -1.70
CA SER A 37 -2.68 0.39 -2.00
C SER A 37 -1.86 0.40 -0.72
N TYR A 38 -0.92 -0.53 -0.62
CA TYR A 38 -0.06 -0.64 0.55
C TYR A 38 1.34 -1.11 0.16
N CYS A 39 2.35 -0.63 0.89
CA CYS A 39 3.73 -1.01 0.62
C CYS A 39 3.90 -2.52 0.68
N ASP A 40 4.62 -3.06 -0.30
CA ASP A 40 4.86 -4.50 -0.37
C ASP A 40 5.00 -5.09 1.03
N GLU A 41 5.55 -4.30 1.95
CA GLU A 41 5.74 -4.75 3.32
C GLU A 41 4.54 -4.37 4.18
N CYS A 42 4.16 -3.10 4.13
CA CYS A 42 3.03 -2.60 4.91
C CYS A 42 1.91 -3.63 4.97
N ILE A 43 1.56 -4.19 3.82
CA ILE A 43 0.51 -5.21 3.75
C ILE A 43 1.04 -6.58 4.17
N ARG A 44 2.33 -6.81 3.94
CA ARG A 44 2.96 -8.08 4.29
C ARG A 44 2.93 -8.29 5.80
N THR A 45 3.49 -7.34 6.55
CA THR A 45 3.53 -7.43 7.99
C THR A 45 2.13 -7.31 8.60
N ALA A 46 1.34 -6.38 8.07
CA ALA A 46 -0.02 -6.17 8.56
C ALA A 46 -0.73 -7.50 8.79
N LEU A 47 -0.65 -8.39 7.81
CA LEU A 47 -1.29 -9.70 7.92
C LEU A 47 -0.68 -10.51 9.06
N LEU A 48 0.64 -10.57 9.09
CA LEU A 48 1.35 -11.32 10.13
C LEU A 48 0.94 -10.83 11.52
N GLU A 49 1.09 -9.53 11.75
CA GLU A 49 0.74 -8.94 13.04
C GLU A 49 -0.53 -9.59 13.59
N SER A 50 -1.62 -9.51 12.82
CA SER A 50 -2.89 -10.07 13.23
C SER A 50 -2.77 -11.56 13.50
N ASP A 51 -3.85 -12.16 13.99
CA ASP A 51 -3.86 -13.59 14.28
C ASP A 51 -4.56 -14.37 13.17
N GLU A 52 -5.67 -13.84 12.69
CA GLU A 52 -6.44 -14.49 11.63
C GLU A 52 -6.35 -13.68 10.34
N HIS A 53 -5.13 -13.36 9.92
CA HIS A 53 -4.92 -12.60 8.69
C HIS A 53 -6.04 -11.59 8.48
N THR A 54 -6.40 -10.87 9.54
CA THR A 54 -7.47 -9.88 9.47
C THR A 54 -7.01 -8.63 8.73
N CYS A 55 -7.86 -8.11 7.85
CA CYS A 55 -7.54 -6.92 7.07
C CYS A 55 -7.80 -5.65 7.89
N PRO A 56 -6.85 -4.71 7.84
CA PRO A 56 -6.94 -3.44 8.57
C PRO A 56 -8.02 -2.53 8.00
N THR A 57 -8.48 -2.85 6.79
CA THR A 57 -9.50 -2.05 6.13
C THR A 57 -10.89 -2.68 6.32
N CYS A 58 -11.03 -3.93 5.90
CA CYS A 58 -12.29 -4.64 6.02
C CYS A 58 -12.17 -5.82 7.00
N HIS A 59 -13.31 -6.45 7.30
CA HIS A 59 -13.32 -7.59 8.21
C HIS A 59 -13.12 -8.89 7.45
N GLN A 60 -11.87 -9.33 7.33
CA GLN A 60 -11.54 -10.56 6.63
C GLN A 60 -11.03 -11.62 7.60
N ASN A 61 -10.89 -12.84 7.10
CA ASN A 61 -10.40 -13.95 7.92
C ASN A 61 -9.16 -14.58 7.31
N ASP A 62 -9.21 -14.84 6.01
CA ASP A 62 -8.09 -15.43 5.30
C ASP A 62 -7.75 -14.64 4.04
N VAL A 63 -6.65 -13.90 4.08
CA VAL A 63 -6.22 -13.09 2.95
C VAL A 63 -5.03 -13.74 2.25
N SER A 64 -5.26 -14.27 1.06
CA SER A 64 -4.21 -14.91 0.28
C SER A 64 -3.21 -13.88 -0.24
N PRO A 65 -1.94 -14.03 0.17
CA PRO A 65 -0.87 -13.12 -0.25
C PRO A 65 -0.52 -13.28 -1.73
N ASP A 66 -0.77 -14.47 -2.27
CA ASP A 66 -0.48 -14.74 -3.66
C ASP A 66 -1.35 -13.88 -4.58
N ALA A 67 -2.62 -13.76 -4.22
CA ALA A 67 -3.56 -12.97 -5.01
C ALA A 67 -3.01 -11.57 -5.28
N LEU A 68 -2.52 -10.92 -4.23
CA LEU A 68 -1.96 -9.58 -4.35
C LEU A 68 -1.22 -9.42 -5.67
N SER A 69 -1.22 -8.19 -6.21
CA SER A 69 -0.56 -7.90 -7.47
C SER A 69 0.86 -7.39 -7.23
N GLY A 70 1.84 -8.19 -7.65
CA GLY A 70 3.23 -7.79 -7.47
C GLY A 70 3.99 -7.76 -8.78
N PRO A 71 5.32 -7.93 -8.70
CA PRO A 71 6.19 -7.92 -9.88
C PRO A 71 5.98 -9.15 -10.76
N SER A 72 5.20 -10.10 -10.27
CA SER A 72 4.92 -11.32 -11.01
C SER A 72 3.43 -11.47 -11.29
N SER A 73 3.10 -12.04 -12.45
CA SER A 73 1.70 -12.23 -12.83
C SER A 73 1.22 -13.64 -12.48
N GLY A 74 2.04 -14.63 -12.83
CA GLY A 74 1.69 -16.01 -12.54
C GLY A 74 2.78 -16.98 -12.93
N GLY A 1 10.20 32.37 -5.44
CA GLY A 1 10.28 31.81 -4.10
C GLY A 1 11.28 30.67 -4.01
N SER A 2 11.05 29.62 -4.77
CA SER A 2 11.94 28.45 -4.76
C SER A 2 12.73 28.36 -6.07
N SER A 3 13.73 27.49 -6.08
CA SER A 3 14.57 27.31 -7.27
C SER A 3 13.94 26.31 -8.22
N GLY A 4 13.53 26.77 -9.39
CA GLY A 4 12.92 25.91 -10.38
C GLY A 4 11.97 26.65 -11.31
N SER A 5 11.28 25.90 -12.16
CA SER A 5 10.35 26.49 -13.11
C SER A 5 9.17 27.13 -12.38
N SER A 6 8.47 26.33 -11.58
CA SER A 6 7.32 26.82 -10.84
C SER A 6 7.75 27.45 -9.51
N GLY A 7 6.90 28.29 -8.96
CA GLY A 7 7.21 28.96 -7.71
C GLY A 7 7.73 27.99 -6.66
N GLU A 8 6.81 27.30 -5.99
CA GLU A 8 7.18 26.34 -4.95
C GLU A 8 6.81 24.92 -5.37
N ASP A 9 7.40 23.94 -4.70
CA ASP A 9 7.13 22.54 -5.00
C ASP A 9 6.44 21.85 -3.83
N ASP A 10 5.71 20.78 -4.12
CA ASP A 10 5.00 20.03 -3.09
C ASP A 10 5.43 18.57 -3.08
N PRO A 11 5.50 17.98 -1.88
CA PRO A 11 5.90 16.59 -1.70
C PRO A 11 4.84 15.61 -2.22
N ILE A 12 5.25 14.37 -2.45
CA ILE A 12 4.35 13.35 -2.94
C ILE A 12 2.98 13.45 -2.28
N PRO A 13 1.92 13.49 -3.10
CA PRO A 13 0.54 13.59 -2.61
C PRO A 13 0.08 12.32 -1.92
N ASP A 14 -1.00 12.43 -1.15
CA ASP A 14 -1.55 11.28 -0.44
C ASP A 14 -1.95 10.17 -1.40
N GLU A 15 -2.57 10.55 -2.51
CA GLU A 15 -3.01 9.59 -3.51
C GLU A 15 -1.88 8.63 -3.87
N LEU A 16 -0.65 9.03 -3.58
CA LEU A 16 0.52 8.20 -3.87
C LEU A 16 1.15 7.69 -2.57
N LEU A 17 0.32 7.45 -1.57
CA LEU A 17 0.79 6.94 -0.28
C LEU A 17 -0.14 5.86 0.25
N CYS A 18 0.44 4.93 1.01
CA CYS A 18 -0.33 3.83 1.58
C CYS A 18 -1.13 4.30 2.79
N LEU A 19 -2.06 3.46 3.24
CA LEU A 19 -2.89 3.78 4.39
C LEU A 19 -2.35 3.14 5.66
N ILE A 20 -1.02 3.10 5.77
CA ILE A 20 -0.37 2.52 6.94
C ILE A 20 0.76 3.42 7.45
N CYS A 21 1.88 3.40 6.75
CA CYS A 21 3.02 4.22 7.13
C CYS A 21 3.06 5.53 6.33
N LYS A 22 2.16 5.64 5.37
CA LYS A 22 2.07 6.83 4.53
C LYS A 22 3.39 7.08 3.81
N ASP A 23 3.86 6.07 3.08
CA ASP A 23 5.11 6.18 2.33
C ASP A 23 4.95 5.67 0.91
N ILE A 24 5.71 6.25 -0.02
CA ILE A 24 5.65 5.86 -1.41
C ILE A 24 5.57 4.34 -1.55
N MET A 25 4.61 3.88 -2.36
CA MET A 25 4.44 2.45 -2.59
C MET A 25 5.23 1.99 -3.82
N THR A 26 6.52 1.74 -3.63
CA THR A 26 7.37 1.29 -4.71
C THR A 26 6.75 0.11 -5.46
N ASP A 27 6.12 -0.78 -4.71
CA ASP A 27 5.49 -1.95 -5.29
C ASP A 27 4.06 -2.11 -4.80
N ALA A 28 3.33 -0.99 -4.74
CA ALA A 28 1.95 -1.00 -4.28
C ALA A 28 1.24 -2.28 -4.71
N VAL A 29 0.51 -2.89 -3.78
CA VAL A 29 -0.22 -4.13 -4.05
C VAL A 29 -1.71 -3.95 -3.77
N VAL A 30 -2.54 -4.31 -4.76
CA VAL A 30 -3.98 -4.19 -4.62
C VAL A 30 -4.58 -5.49 -4.08
N ILE A 31 -5.11 -5.44 -2.86
CA ILE A 31 -5.72 -6.60 -2.23
C ILE A 31 -7.09 -6.88 -2.82
N PRO A 32 -7.37 -8.16 -3.11
CA PRO A 32 -8.66 -8.59 -3.67
C PRO A 32 -9.79 -8.47 -2.67
N CYS A 33 -9.57 -9.01 -1.46
CA CYS A 33 -10.58 -8.96 -0.42
C CYS A 33 -11.45 -7.72 -0.54
N CYS A 34 -10.81 -6.56 -0.66
CA CYS A 34 -11.52 -5.29 -0.79
C CYS A 34 -10.91 -4.44 -1.89
N GLY A 35 -9.61 -4.18 -1.78
CA GLY A 35 -8.92 -3.37 -2.77
C GLY A 35 -8.38 -2.08 -2.20
N ASN A 36 -7.08 -2.06 -1.92
CA ASN A 36 -6.44 -0.88 -1.35
C ASN A 36 -4.96 -0.84 -1.72
N SER A 37 -4.33 0.31 -1.50
CA SER A 37 -2.91 0.48 -1.81
C SER A 37 -2.07 0.33 -0.56
N TYR A 38 -1.09 -0.56 -0.62
CA TYR A 38 -0.21 -0.80 0.52
C TYR A 38 1.20 -1.18 0.04
N CYS A 39 2.21 -0.82 0.83
CA CYS A 39 3.59 -1.11 0.50
C CYS A 39 3.84 -2.62 0.51
N ASP A 40 4.47 -3.12 -0.55
CA ASP A 40 4.78 -4.54 -0.66
C ASP A 40 5.11 -5.13 0.70
N GLU A 41 5.77 -4.34 1.55
CA GLU A 41 6.15 -4.79 2.88
C GLU A 41 5.03 -4.53 3.89
N CYS A 42 4.36 -3.39 3.73
CA CYS A 42 3.26 -3.03 4.62
C CYS A 42 2.20 -4.12 4.67
N ILE A 43 1.48 -4.28 3.56
CA ILE A 43 0.44 -5.30 3.47
C ILE A 43 0.94 -6.65 3.97
N ARG A 44 2.25 -6.87 3.83
CA ARG A 44 2.86 -8.12 4.27
C ARG A 44 2.86 -8.22 5.80
N THR A 45 3.60 -7.31 6.43
CA THR A 45 3.70 -7.29 7.88
C THR A 45 2.32 -7.20 8.53
N ALA A 46 1.44 -6.41 7.92
CA ALA A 46 0.09 -6.24 8.44
C ALA A 46 -0.58 -7.58 8.70
N LEU A 47 -0.43 -8.50 7.75
CA LEU A 47 -1.01 -9.83 7.88
C LEU A 47 -0.47 -10.55 9.11
N LEU A 48 0.84 -10.44 9.33
CA LEU A 48 1.48 -11.07 10.47
C LEU A 48 0.85 -10.61 11.78
N GLU A 49 0.66 -9.30 11.91
CA GLU A 49 0.06 -8.73 13.10
C GLU A 49 -0.93 -9.71 13.75
N SER A 50 -1.99 -10.03 13.00
CA SER A 50 -3.01 -10.95 13.50
C SER A 50 -2.76 -12.36 12.97
N ASP A 51 -2.47 -13.28 13.88
CA ASP A 51 -2.22 -14.68 13.51
C ASP A 51 -3.09 -15.09 12.34
N GLU A 52 -4.35 -14.68 12.37
CA GLU A 52 -5.29 -15.02 11.31
C GLU A 52 -5.42 -13.86 10.31
N HIS A 53 -4.87 -14.06 9.11
CA HIS A 53 -4.93 -13.05 8.07
C HIS A 53 -6.21 -12.22 8.18
N THR A 54 -6.08 -11.01 8.71
CA THR A 54 -7.23 -10.12 8.87
C THR A 54 -6.93 -8.72 8.36
N CYS A 55 -7.49 -8.38 7.21
CA CYS A 55 -7.27 -7.07 6.60
C CYS A 55 -7.42 -5.96 7.65
N PRO A 56 -6.40 -5.10 7.75
CA PRO A 56 -6.40 -3.99 8.69
C PRO A 56 -7.40 -2.91 8.32
N THR A 57 -8.01 -3.05 7.16
CA THR A 57 -9.01 -2.09 6.68
C THR A 57 -10.39 -2.70 6.63
N CYS A 58 -10.46 -4.00 6.36
CA CYS A 58 -11.73 -4.71 6.28
C CYS A 58 -11.69 -5.98 7.13
N HIS A 59 -12.88 -6.47 7.49
CA HIS A 59 -12.98 -7.68 8.30
C HIS A 59 -12.83 -8.93 7.43
N GLN A 60 -11.76 -8.97 6.64
CA GLN A 60 -11.51 -10.10 5.76
C GLN A 60 -11.38 -11.40 6.56
N ASN A 61 -11.25 -12.51 5.86
CA ASN A 61 -11.12 -13.82 6.50
C ASN A 61 -9.77 -14.44 6.19
N ASP A 62 -9.32 -14.29 4.94
CA ASP A 62 -8.04 -14.85 4.51
C ASP A 62 -7.59 -14.21 3.20
N VAL A 63 -6.30 -13.89 3.12
CA VAL A 63 -5.74 -13.28 1.92
C VAL A 63 -4.28 -13.68 1.73
N SER A 64 -3.98 -14.26 0.57
CA SER A 64 -2.62 -14.68 0.26
C SER A 64 -1.85 -13.58 -0.44
N PRO A 65 -0.54 -13.48 -0.15
CA PRO A 65 0.33 -12.47 -0.75
C PRO A 65 0.60 -12.75 -2.23
N ASP A 66 0.30 -13.96 -2.66
CA ASP A 66 0.49 -14.35 -4.06
C ASP A 66 -0.58 -13.73 -4.95
N ALA A 67 -1.82 -13.74 -4.47
CA ALA A 67 -2.93 -13.17 -5.23
C ALA A 67 -2.70 -11.69 -5.54
N LEU A 68 -2.22 -10.95 -4.55
CA LEU A 68 -1.96 -9.53 -4.72
C LEU A 68 -1.29 -9.26 -6.06
N SER A 69 -1.52 -8.06 -6.60
CA SER A 69 -0.95 -7.68 -7.88
C SER A 69 0.58 -7.68 -7.82
N GLY A 70 1.21 -7.97 -8.95
CA GLY A 70 2.66 -7.99 -9.00
C GLY A 70 3.27 -8.80 -7.87
N PRO A 71 3.12 -10.14 -7.96
CA PRO A 71 3.65 -11.05 -6.94
C PRO A 71 5.18 -11.12 -6.96
N SER A 72 5.77 -11.14 -5.77
CA SER A 72 7.22 -11.20 -5.64
C SER A 72 7.71 -12.64 -5.63
N SER A 73 7.17 -13.43 -4.70
CA SER A 73 7.55 -14.83 -4.58
C SER A 73 7.18 -15.61 -5.84
N GLY A 74 5.91 -15.59 -6.20
CA GLY A 74 5.45 -16.30 -7.39
C GLY A 74 4.02 -16.79 -7.26
N GLY A 1 8.69 34.51 -20.05
CA GLY A 1 9.83 33.68 -19.74
C GLY A 1 10.76 34.33 -18.72
N SER A 2 10.18 34.85 -17.65
CA SER A 2 10.97 35.51 -16.61
C SER A 2 12.11 34.63 -16.15
N SER A 3 13.34 35.06 -16.45
CA SER A 3 14.53 34.30 -16.07
C SER A 3 14.80 34.42 -14.57
N GLY A 4 15.23 33.33 -13.97
CA GLY A 4 15.52 33.33 -12.54
C GLY A 4 14.28 33.08 -11.70
N SER A 5 13.85 31.82 -11.63
CA SER A 5 12.67 31.46 -10.86
C SER A 5 13.05 31.06 -9.43
N SER A 6 12.10 31.18 -8.52
CA SER A 6 12.33 30.83 -7.12
C SER A 6 12.23 29.32 -6.91
N GLY A 7 11.13 28.73 -7.37
CA GLY A 7 10.94 27.30 -7.23
C GLY A 7 9.56 26.96 -6.70
N GLU A 8 8.73 26.39 -7.56
CA GLU A 8 7.37 26.01 -7.17
C GLU A 8 7.05 24.59 -7.63
N ASP A 9 6.56 23.78 -6.71
CA ASP A 9 6.21 22.39 -7.01
C ASP A 9 5.53 21.73 -5.81
N ASP A 10 4.75 20.69 -6.09
CA ASP A 10 4.05 19.96 -5.03
C ASP A 10 4.58 18.54 -4.91
N PRO A 11 4.71 18.07 -3.66
CA PRO A 11 5.22 16.72 -3.36
C PRO A 11 4.23 15.64 -3.77
N ILE A 12 4.58 14.38 -3.48
CA ILE A 12 3.71 13.26 -3.82
C ILE A 12 2.40 13.33 -3.05
N PRO A 13 1.28 13.27 -3.80
CA PRO A 13 -0.06 13.32 -3.22
C PRO A 13 -0.40 12.06 -2.42
N ASP A 14 -1.53 12.11 -1.71
CA ASP A 14 -1.96 10.97 -0.91
C ASP A 14 -2.39 9.80 -1.81
N GLU A 15 -3.15 10.12 -2.85
CA GLU A 15 -3.63 9.11 -3.78
C GLU A 15 -2.51 8.13 -4.15
N LEU A 16 -1.27 8.59 -4.03
CA LEU A 16 -0.12 7.75 -4.34
C LEU A 16 0.59 7.30 -3.06
N LEU A 17 -0.20 7.06 -2.01
CA LEU A 17 0.35 6.62 -0.73
C LEU A 17 -0.53 5.55 -0.11
N CYS A 18 0.05 4.75 0.79
CA CYS A 18 -0.69 3.70 1.48
C CYS A 18 -1.55 4.27 2.59
N LEU A 19 -2.52 3.49 3.03
CA LEU A 19 -3.42 3.91 4.11
C LEU A 19 -2.99 3.33 5.44
N ILE A 20 -1.69 3.14 5.61
CA ILE A 20 -1.15 2.59 6.85
C ILE A 20 -0.07 3.50 7.43
N CYS A 21 1.09 3.51 6.78
CA CYS A 21 2.21 4.33 7.24
C CYS A 21 2.35 5.59 6.36
N LYS A 22 1.47 5.71 5.37
CA LYS A 22 1.49 6.85 4.47
C LYS A 22 2.88 7.02 3.85
N ASP A 23 3.47 5.92 3.40
CA ASP A 23 4.79 5.95 2.79
C ASP A 23 4.76 5.33 1.40
N ILE A 24 5.51 5.92 0.48
CA ILE A 24 5.58 5.44 -0.89
C ILE A 24 5.59 3.91 -0.93
N MET A 25 4.75 3.33 -1.77
CA MET A 25 4.67 1.89 -1.91
C MET A 25 5.58 1.39 -3.03
N THR A 26 6.77 0.92 -2.66
CA THR A 26 7.72 0.43 -3.64
C THR A 26 7.04 -0.47 -4.67
N ASP A 27 6.13 -1.31 -4.20
CA ASP A 27 5.40 -2.22 -5.08
C ASP A 27 3.91 -2.15 -4.83
N ALA A 28 3.28 -1.08 -5.32
CA ALA A 28 1.84 -0.89 -5.15
C ALA A 28 1.08 -2.18 -5.42
N VAL A 29 0.63 -2.84 -4.35
CA VAL A 29 -0.10 -4.08 -4.47
C VAL A 29 -1.59 -3.87 -4.18
N VAL A 30 -2.43 -4.22 -5.14
CA VAL A 30 -3.88 -4.08 -4.98
C VAL A 30 -4.52 -5.37 -4.50
N ILE A 31 -5.06 -5.33 -3.28
CA ILE A 31 -5.71 -6.49 -2.69
C ILE A 31 -7.01 -6.82 -3.40
N PRO A 32 -7.23 -8.12 -3.67
CA PRO A 32 -8.44 -8.59 -4.35
C PRO A 32 -9.69 -8.44 -3.47
N CYS A 33 -9.59 -8.92 -2.24
CA CYS A 33 -10.71 -8.85 -1.30
C CYS A 33 -11.55 -7.60 -1.56
N CYS A 34 -10.90 -6.45 -1.57
CA CYS A 34 -11.60 -5.18 -1.81
C CYS A 34 -10.83 -4.32 -2.79
N GLY A 35 -9.56 -4.06 -2.48
CA GLY A 35 -8.74 -3.24 -3.35
C GLY A 35 -8.21 -2.00 -2.66
N ASN A 36 -6.91 -2.00 -2.37
CA ASN A 36 -6.28 -0.86 -1.69
C ASN A 36 -4.78 -0.86 -1.92
N SER A 37 -4.14 0.29 -1.67
CA SER A 37 -2.71 0.42 -1.86
C SER A 37 -1.98 0.30 -0.52
N TYR A 38 -1.04 -0.65 -0.46
CA TYR A 38 -0.27 -0.87 0.77
C TYR A 38 1.16 -1.29 0.43
N CYS A 39 2.12 -0.70 1.15
CA CYS A 39 3.52 -1.01 0.94
C CYS A 39 3.77 -2.51 1.00
N ASP A 40 4.54 -3.02 0.04
CA ASP A 40 4.86 -4.44 -0.01
C ASP A 40 5.09 -5.00 1.39
N GLU A 41 5.57 -4.15 2.29
CA GLU A 41 5.84 -4.56 3.66
C GLU A 41 4.64 -4.28 4.56
N CYS A 42 3.96 -3.17 4.28
CA CYS A 42 2.78 -2.78 5.07
C CYS A 42 1.76 -3.91 5.10
N ILE A 43 1.34 -4.36 3.92
CA ILE A 43 0.36 -5.43 3.81
C ILE A 43 0.96 -6.76 4.24
N ARG A 44 2.18 -7.02 3.82
CA ARG A 44 2.86 -8.26 4.17
C ARG A 44 2.87 -8.47 5.67
N THR A 45 3.33 -7.46 6.41
CA THR A 45 3.40 -7.54 7.86
C THR A 45 2.00 -7.47 8.48
N ALA A 46 1.21 -6.50 8.01
CA ALA A 46 -0.15 -6.32 8.52
C ALA A 46 -0.80 -7.67 8.84
N LEU A 47 -0.81 -8.56 7.87
CA LEU A 47 -1.40 -9.88 8.05
C LEU A 47 -0.71 -10.64 9.17
N LEU A 48 0.61 -10.50 9.25
CA LEU A 48 1.40 -11.17 10.28
C LEU A 48 1.16 -10.53 11.64
N GLU A 49 1.57 -9.28 11.79
CA GLU A 49 1.40 -8.54 13.04
C GLU A 49 -0.04 -8.64 13.52
N SER A 50 -0.97 -8.80 12.58
CA SER A 50 -2.38 -8.89 12.91
C SER A 50 -2.74 -10.28 13.40
N ASP A 51 -2.69 -10.48 14.71
CA ASP A 51 -3.01 -11.77 15.30
C ASP A 51 -4.12 -12.46 14.54
N GLU A 52 -5.13 -11.70 14.14
CA GLU A 52 -6.26 -12.23 13.40
C GLU A 52 -6.27 -11.72 11.97
N HIS A 53 -5.97 -12.61 11.02
CA HIS A 53 -5.94 -12.24 9.61
C HIS A 53 -7.26 -11.60 9.18
N THR A 54 -7.25 -10.29 9.01
CA THR A 54 -8.45 -9.56 8.62
C THR A 54 -8.09 -8.18 8.04
N CYS A 55 -8.37 -7.99 6.77
CA CYS A 55 -8.09 -6.73 6.09
C CYS A 55 -8.29 -5.56 7.05
N PRO A 56 -7.26 -4.70 7.19
CA PRO A 56 -7.30 -3.53 8.06
C PRO A 56 -8.25 -2.45 7.53
N THR A 57 -8.93 -2.75 6.43
CA THR A 57 -9.86 -1.81 5.83
C THR A 57 -11.25 -2.42 5.69
N CYS A 58 -11.30 -3.67 5.23
CA CYS A 58 -12.56 -4.37 5.05
C CYS A 58 -12.65 -5.59 5.97
N HIS A 59 -13.84 -6.18 6.06
CA HIS A 59 -14.05 -7.34 6.91
C HIS A 59 -13.75 -8.63 6.14
N GLN A 60 -12.47 -8.84 5.83
CA GLN A 60 -12.04 -10.04 5.10
C GLN A 60 -11.38 -11.03 6.04
N ASN A 61 -11.29 -12.28 5.59
CA ASN A 61 -10.66 -13.34 6.39
C ASN A 61 -9.30 -13.71 5.82
N ASP A 62 -8.64 -14.67 6.47
CA ASP A 62 -7.32 -15.12 6.02
C ASP A 62 -7.21 -15.05 4.51
N VAL A 63 -6.68 -13.94 4.01
CA VAL A 63 -6.51 -13.74 2.57
C VAL A 63 -5.21 -14.37 2.08
N SER A 64 -5.21 -14.84 0.85
CA SER A 64 -4.03 -15.47 0.27
C SER A 64 -2.95 -14.42 -0.03
N PRO A 65 -1.79 -14.59 0.63
CA PRO A 65 -0.65 -13.67 0.46
C PRO A 65 -0.02 -13.78 -0.92
N ASP A 66 -0.32 -14.87 -1.63
CA ASP A 66 0.22 -15.09 -2.96
C ASP A 66 -0.79 -14.71 -4.03
N ALA A 67 -1.61 -13.71 -3.74
CA ALA A 67 -2.62 -13.24 -4.68
C ALA A 67 -2.39 -11.79 -5.06
N LEU A 68 -2.01 -10.97 -4.08
CA LEU A 68 -1.77 -9.56 -4.32
C LEU A 68 -1.12 -9.34 -5.68
N SER A 69 -1.42 -8.20 -6.29
CA SER A 69 -0.88 -7.87 -7.61
C SER A 69 0.65 -7.94 -7.59
N GLY A 70 1.24 -8.10 -8.77
CA GLY A 70 2.69 -8.19 -8.87
C GLY A 70 3.25 -9.39 -8.14
N PRO A 71 3.27 -10.55 -8.81
CA PRO A 71 3.78 -11.79 -8.23
C PRO A 71 5.29 -11.76 -8.05
N SER A 72 5.74 -11.28 -6.89
CA SER A 72 7.16 -11.20 -6.60
C SER A 72 7.44 -11.58 -5.15
N SER A 73 8.05 -12.76 -4.96
CA SER A 73 8.37 -13.23 -3.62
C SER A 73 9.87 -13.23 -3.38
N GLY A 74 10.62 -13.72 -4.37
CA GLY A 74 12.06 -13.77 -4.25
C GLY A 74 12.73 -14.19 -5.55
N GLY A 1 -15.24 19.02 -6.59
CA GLY A 1 -14.40 20.07 -7.14
C GLY A 1 -14.81 21.45 -6.67
N SER A 2 -13.87 22.16 -6.06
CA SER A 2 -14.14 23.51 -5.55
C SER A 2 -13.00 24.46 -5.91
N SER A 3 -13.36 25.65 -6.36
CA SER A 3 -12.37 26.66 -6.74
C SER A 3 -11.48 27.03 -5.55
N GLY A 4 -10.49 27.88 -5.80
CA GLY A 4 -9.59 28.30 -4.75
C GLY A 4 -8.32 27.47 -4.72
N SER A 5 -7.17 28.15 -4.81
CA SER A 5 -5.88 27.48 -4.80
C SER A 5 -5.87 26.30 -5.77
N SER A 6 -6.46 26.52 -6.96
CA SER A 6 -6.52 25.47 -7.98
C SER A 6 -5.31 25.53 -8.89
N GLY A 7 -4.47 24.51 -8.82
CA GLY A 7 -3.27 24.46 -9.64
C GLY A 7 -2.80 23.04 -9.90
N GLU A 8 -1.63 22.70 -9.37
CA GLU A 8 -1.08 21.37 -9.55
C GLU A 8 -0.69 20.76 -8.21
N ASP A 9 -0.37 19.47 -8.22
CA ASP A 9 0.01 18.76 -7.00
C ASP A 9 1.51 18.92 -6.72
N ASP A 10 1.85 19.93 -5.94
CA ASP A 10 3.24 20.20 -5.59
C ASP A 10 3.83 19.06 -4.76
N PRO A 11 3.19 18.79 -3.61
CA PRO A 11 3.62 17.73 -2.70
C PRO A 11 3.40 16.33 -3.28
N ILE A 12 3.82 15.31 -2.54
CA ILE A 12 3.66 13.94 -2.98
C ILE A 12 2.19 13.52 -3.00
N PRO A 13 1.77 12.92 -4.12
CA PRO A 13 0.39 12.47 -4.30
C PRO A 13 0.04 11.28 -3.40
N ASP A 14 -1.24 11.00 -3.27
CA ASP A 14 -1.71 9.88 -2.44
C ASP A 14 -1.61 8.57 -3.21
N GLU A 15 -2.05 8.58 -4.47
CA GLU A 15 -2.02 7.40 -5.30
C GLU A 15 -0.65 6.72 -5.23
N LEU A 16 0.38 7.50 -4.92
CA LEU A 16 1.73 6.97 -4.82
C LEU A 16 2.02 6.48 -3.40
N LEU A 17 1.48 7.19 -2.42
CA LEU A 17 1.67 6.82 -1.02
C LEU A 17 0.65 5.79 -0.58
N CYS A 18 0.94 5.09 0.52
CA CYS A 18 0.04 4.07 1.06
C CYS A 18 -0.80 4.64 2.19
N LEU A 19 -1.82 3.89 2.59
CA LEU A 19 -2.71 4.30 3.67
C LEU A 19 -2.30 3.68 4.99
N ILE A 20 -0.99 3.46 5.16
CA ILE A 20 -0.46 2.86 6.38
C ILE A 20 0.67 3.71 6.96
N CYS A 21 1.84 3.61 6.32
CA CYS A 21 3.01 4.36 6.77
C CYS A 21 3.18 5.63 5.94
N LYS A 22 2.36 5.79 4.92
CA LYS A 22 2.42 6.96 4.05
C LYS A 22 3.78 7.05 3.36
N ASP A 23 4.25 5.93 2.83
CA ASP A 23 5.54 5.89 2.15
C ASP A 23 5.39 5.33 0.74
N ILE A 24 6.13 5.92 -0.20
CA ILE A 24 6.08 5.47 -1.59
C ILE A 24 6.12 3.95 -1.69
N MET A 25 5.02 3.38 -2.18
CA MET A 25 4.93 1.93 -2.33
C MET A 25 5.74 1.45 -3.54
N THR A 26 6.98 1.04 -3.28
CA THR A 26 7.87 0.57 -4.35
C THR A 26 7.16 -0.44 -5.24
N ASP A 27 6.33 -1.28 -4.62
CA ASP A 27 5.60 -2.31 -5.35
C ASP A 27 4.12 -2.27 -4.98
N ALA A 28 3.38 -1.34 -5.58
CA ALA A 28 1.96 -1.21 -5.32
C ALA A 28 1.28 -2.57 -5.27
N VAL A 29 0.40 -2.76 -4.29
CA VAL A 29 -0.32 -4.02 -4.15
C VAL A 29 -1.78 -3.78 -3.80
N VAL A 30 -2.68 -4.49 -4.49
CA VAL A 30 -4.11 -4.35 -4.27
C VAL A 30 -4.69 -5.63 -3.68
N ILE A 31 -5.22 -5.52 -2.47
CA ILE A 31 -5.82 -6.67 -1.79
C ILE A 31 -7.22 -6.96 -2.32
N PRO A 32 -7.51 -8.24 -2.56
CA PRO A 32 -8.81 -8.68 -3.06
C PRO A 32 -9.93 -8.52 -2.04
N CYS A 33 -9.67 -8.96 -0.82
CA CYS A 33 -10.64 -8.86 0.26
C CYS A 33 -11.52 -7.63 0.08
N CYS A 34 -10.88 -6.48 -0.08
CA CYS A 34 -11.60 -5.22 -0.26
C CYS A 34 -10.99 -4.40 -1.39
N GLY A 35 -9.69 -4.16 -1.31
CA GLY A 35 -9.01 -3.39 -2.33
C GLY A 35 -8.38 -2.13 -1.78
N ASN A 36 -7.05 -2.14 -1.66
CA ASN A 36 -6.32 -0.99 -1.14
C ASN A 36 -4.85 -1.05 -1.55
N SER A 37 -4.20 0.11 -1.58
CA SER A 37 -2.80 0.18 -1.95
C SER A 37 -1.91 0.22 -0.70
N TYR A 38 -0.92 -0.66 -0.66
CA TYR A 38 0.00 -0.73 0.47
C TYR A 38 1.40 -1.12 0.00
N CYS A 39 2.40 -0.78 0.81
CA CYS A 39 3.78 -1.09 0.49
C CYS A 39 4.02 -2.60 0.52
N ASP A 40 4.74 -3.09 -0.48
CA ASP A 40 5.04 -4.52 -0.57
C ASP A 40 5.22 -5.13 0.81
N GLU A 41 5.79 -4.35 1.73
CA GLU A 41 6.01 -4.82 3.10
C GLU A 41 4.81 -4.49 3.99
N CYS A 42 4.39 -3.23 3.95
CA CYS A 42 3.26 -2.79 4.75
C CYS A 42 2.18 -3.87 4.83
N ILE A 43 1.67 -4.27 3.68
CA ILE A 43 0.64 -5.30 3.61
C ILE A 43 1.17 -6.64 4.11
N ARG A 44 2.46 -6.86 3.92
CA ARG A 44 3.09 -8.11 4.36
C ARG A 44 3.06 -8.22 5.88
N THR A 45 3.40 -7.13 6.56
CA THR A 45 3.42 -7.10 8.02
C THR A 45 2.01 -7.25 8.59
N ALA A 46 1.14 -6.33 8.25
CA ALA A 46 -0.24 -6.35 8.72
C ALA A 46 -0.75 -7.79 8.84
N LEU A 47 -0.82 -8.49 7.71
CA LEU A 47 -1.28 -9.87 7.69
C LEU A 47 -0.70 -10.66 8.85
N LEU A 48 0.61 -10.54 9.05
CA LEU A 48 1.29 -11.24 10.13
C LEU A 48 0.86 -10.69 11.49
N GLU A 49 1.07 -9.40 11.69
CA GLU A 49 0.70 -8.75 12.95
C GLU A 49 -0.68 -9.22 13.41
N SER A 50 -1.68 -9.02 12.55
CA SER A 50 -3.05 -9.41 12.86
C SER A 50 -3.09 -10.81 13.48
N ASP A 51 -4.21 -11.15 14.09
CA ASP A 51 -4.38 -12.46 14.71
C ASP A 51 -4.44 -13.56 13.66
N GLU A 52 -5.39 -13.44 12.73
CA GLU A 52 -5.55 -14.43 11.67
C GLU A 52 -5.72 -13.74 10.32
N HIS A 53 -4.62 -13.26 9.76
CA HIS A 53 -4.65 -12.59 8.47
C HIS A 53 -5.81 -11.60 8.39
N THR A 54 -6.04 -10.88 9.49
CA THR A 54 -7.12 -9.90 9.55
C THR A 54 -6.75 -8.61 8.84
N CYS A 55 -7.40 -8.34 7.72
CA CYS A 55 -7.13 -7.13 6.95
C CYS A 55 -7.28 -5.88 7.81
N PRO A 56 -6.27 -5.01 7.78
CA PRO A 56 -6.26 -3.77 8.57
C PRO A 56 -7.27 -2.76 8.04
N THR A 57 -8.05 -3.16 7.04
CA THR A 57 -9.06 -2.29 6.45
C THR A 57 -10.46 -2.87 6.62
N CYS A 58 -10.63 -4.12 6.21
CA CYS A 58 -11.92 -4.79 6.33
C CYS A 58 -11.83 -6.01 7.26
N HIS A 59 -12.98 -6.55 7.61
CA HIS A 59 -13.03 -7.72 8.49
C HIS A 59 -12.78 -9.01 7.70
N GLN A 60 -11.52 -9.37 7.55
CA GLN A 60 -11.14 -10.57 6.82
C GLN A 60 -10.46 -11.58 7.74
N ASN A 61 -10.45 -12.84 7.32
CA ASN A 61 -9.84 -13.90 8.11
C ASN A 61 -8.72 -14.58 7.32
N ASP A 62 -8.94 -14.77 6.03
CA ASP A 62 -7.95 -15.41 5.17
C ASP A 62 -7.62 -14.52 3.97
N VAL A 63 -6.34 -14.22 3.81
CA VAL A 63 -5.90 -13.37 2.71
C VAL A 63 -4.81 -14.06 1.88
N SER A 64 -4.93 -13.97 0.57
CA SER A 64 -3.96 -14.59 -0.33
C SER A 64 -2.85 -13.61 -0.71
N PRO A 65 -1.64 -13.86 -0.19
CA PRO A 65 -0.47 -13.01 -0.45
C PRO A 65 0.01 -13.13 -1.90
N ASP A 66 -0.71 -13.91 -2.70
CA ASP A 66 -0.35 -14.11 -4.09
C ASP A 66 -1.17 -13.20 -5.00
N ALA A 67 -2.48 -13.13 -4.74
CA ALA A 67 -3.38 -12.30 -5.53
C ALA A 67 -2.84 -10.88 -5.65
N LEU A 68 -2.32 -10.36 -4.54
CA LEU A 68 -1.79 -9.00 -4.51
C LEU A 68 -1.12 -8.64 -5.84
N SER A 69 -1.23 -7.38 -6.22
CA SER A 69 -0.64 -6.91 -7.47
C SER A 69 0.68 -7.61 -7.75
N GLY A 70 1.53 -7.68 -6.73
CA GLY A 70 2.82 -8.33 -6.87
C GLY A 70 2.71 -9.78 -7.27
N PRO A 71 3.10 -10.09 -8.52
CA PRO A 71 3.04 -11.45 -9.05
C PRO A 71 4.06 -12.38 -8.39
N SER A 72 4.88 -11.82 -7.50
CA SER A 72 5.89 -12.58 -6.80
C SER A 72 5.26 -13.56 -5.81
N SER A 73 5.66 -14.83 -5.90
CA SER A 73 5.13 -15.86 -5.01
C SER A 73 6.16 -16.96 -4.80
N GLY A 74 6.43 -17.26 -3.53
CA GLY A 74 7.40 -18.30 -3.20
C GLY A 74 7.06 -19.02 -1.91
N GLY A 1 20.01 16.06 -8.83
CA GLY A 1 21.09 17.00 -8.62
C GLY A 1 20.99 18.20 -9.53
N SER A 2 20.10 19.13 -9.19
CA SER A 2 19.90 20.34 -10.00
C SER A 2 20.04 21.59 -9.13
N SER A 3 20.41 22.69 -9.76
CA SER A 3 20.59 23.95 -9.05
C SER A 3 19.53 24.97 -9.49
N GLY A 4 19.01 25.73 -8.53
CA GLY A 4 18.01 26.73 -8.84
C GLY A 4 16.79 26.62 -7.94
N SER A 5 16.28 25.40 -7.79
CA SER A 5 15.10 25.16 -6.96
C SER A 5 15.02 23.69 -6.56
N SER A 6 14.54 23.44 -5.34
CA SER A 6 14.41 22.09 -4.83
C SER A 6 12.96 21.78 -4.47
N GLY A 7 12.38 20.77 -5.11
CA GLY A 7 11.01 20.39 -4.85
C GLY A 7 10.11 21.60 -4.69
N GLU A 8 10.14 22.50 -5.67
CA GLU A 8 9.32 23.70 -5.63
C GLU A 8 7.93 23.42 -6.17
N ASP A 9 7.36 22.27 -5.79
CA ASP A 9 6.03 21.89 -6.23
C ASP A 9 5.41 20.87 -5.27
N ASP A 10 4.09 20.77 -5.30
CA ASP A 10 3.38 19.84 -4.44
C ASP A 10 4.08 18.48 -4.41
N PRO A 11 4.21 17.90 -3.21
CA PRO A 11 4.87 16.60 -3.02
C PRO A 11 4.03 15.45 -3.58
N ILE A 12 4.59 14.25 -3.53
CA ILE A 12 3.90 13.06 -4.04
C ILE A 12 2.44 13.04 -3.57
N PRO A 13 1.53 12.77 -4.51
CA PRO A 13 0.09 12.72 -4.22
C PRO A 13 -0.28 11.50 -3.36
N ASP A 14 -1.54 11.42 -2.96
CA ASP A 14 -2.02 10.31 -2.14
C ASP A 14 -2.13 9.04 -2.98
N GLU A 15 -2.42 9.20 -4.27
CA GLU A 15 -2.56 8.07 -5.17
C GLU A 15 -1.28 7.24 -5.19
N LEU A 16 -0.19 7.82 -4.71
CA LEU A 16 1.09 7.13 -4.67
C LEU A 16 1.53 6.88 -3.23
N LEU A 17 0.56 6.78 -2.33
CA LEU A 17 0.85 6.54 -0.92
C LEU A 17 -0.11 5.48 -0.35
N CYS A 18 0.36 4.75 0.65
CA CYS A 18 -0.45 3.71 1.28
C CYS A 18 -1.29 4.30 2.41
N LEU A 19 -2.22 3.50 2.93
CA LEU A 19 -3.09 3.93 4.01
C LEU A 19 -2.62 3.36 5.35
N ILE A 20 -1.30 3.21 5.50
CA ILE A 20 -0.73 2.68 6.73
C ILE A 20 0.40 3.58 7.23
N CYS A 21 1.53 3.55 6.53
CA CYS A 21 2.67 4.36 6.91
C CYS A 21 2.80 5.58 6.01
N LYS A 22 1.87 5.72 5.08
CA LYS A 22 1.86 6.86 4.16
C LYS A 22 3.24 7.04 3.52
N ASP A 23 3.75 5.98 2.89
CA ASP A 23 5.05 6.03 2.24
C ASP A 23 4.98 5.41 0.84
N ILE A 24 5.71 5.99 -0.09
CA ILE A 24 5.74 5.50 -1.46
C ILE A 24 5.83 3.98 -1.50
N MET A 25 4.92 3.36 -2.24
CA MET A 25 4.90 1.91 -2.36
C MET A 25 5.60 1.46 -3.64
N THR A 26 6.79 0.87 -3.49
CA THR A 26 7.56 0.40 -4.63
C THR A 26 6.73 -0.53 -5.51
N ASP A 27 5.97 -1.42 -4.88
CA ASP A 27 5.13 -2.37 -5.60
C ASP A 27 3.68 -2.28 -5.13
N ALA A 28 2.98 -1.24 -5.57
CA ALA A 28 1.58 -1.04 -5.20
C ALA A 28 0.84 -2.36 -5.17
N VAL A 29 0.52 -2.83 -3.97
CA VAL A 29 -0.20 -4.09 -3.80
C VAL A 29 -1.69 -3.84 -3.55
N VAL A 30 -2.53 -4.32 -4.45
CA VAL A 30 -3.97 -4.15 -4.33
C VAL A 30 -4.64 -5.44 -3.87
N ILE A 31 -5.24 -5.40 -2.69
CA ILE A 31 -5.91 -6.57 -2.14
C ILE A 31 -7.21 -6.87 -2.89
N PRO A 32 -7.44 -8.15 -3.19
CA PRO A 32 -8.64 -8.59 -3.91
C PRO A 32 -9.90 -8.46 -3.05
N CYS A 33 -9.84 -8.95 -1.83
CA CYS A 33 -10.97 -8.88 -0.91
C CYS A 33 -11.82 -7.65 -1.19
N CYS A 34 -11.18 -6.49 -1.20
CA CYS A 34 -11.88 -5.23 -1.45
C CYS A 34 -11.09 -4.36 -2.45
N GLY A 35 -9.83 -4.11 -2.13
CA GLY A 35 -9.00 -3.29 -2.99
C GLY A 35 -8.36 -2.13 -2.27
N ASN A 36 -7.14 -2.32 -1.79
CA ASN A 36 -6.43 -1.28 -1.06
C ASN A 36 -4.95 -1.26 -1.45
N SER A 37 -4.37 -0.06 -1.49
CA SER A 37 -2.97 0.09 -1.85
C SER A 37 -2.08 0.10 -0.60
N TYR A 38 -1.07 -0.76 -0.61
CA TYR A 38 -0.15 -0.86 0.53
C TYR A 38 1.27 -1.15 0.05
N CYS A 39 2.25 -0.87 0.90
CA CYS A 39 3.65 -1.10 0.57
C CYS A 39 3.95 -2.59 0.56
N ASP A 40 4.75 -3.01 -0.42
CA ASP A 40 5.12 -4.41 -0.55
C ASP A 40 5.37 -5.04 0.82
N GLU A 41 5.82 -4.22 1.76
CA GLU A 41 6.10 -4.70 3.12
C GLU A 41 4.90 -4.45 4.03
N CYS A 42 4.34 -3.25 3.95
CA CYS A 42 3.19 -2.88 4.77
C CYS A 42 2.17 -4.02 4.81
N ILE A 43 1.63 -4.38 3.66
CA ILE A 43 0.65 -5.46 3.57
C ILE A 43 1.25 -6.78 4.03
N ARG A 44 2.57 -6.92 3.88
CA ARG A 44 3.26 -8.14 4.28
C ARG A 44 3.22 -8.31 5.79
N THR A 45 3.47 -7.23 6.52
CA THR A 45 3.46 -7.26 7.98
C THR A 45 2.04 -7.28 8.52
N ALA A 46 1.25 -6.30 8.12
CA ALA A 46 -0.13 -6.20 8.57
C ALA A 46 -0.76 -7.58 8.73
N LEU A 47 -0.80 -8.34 7.64
CA LEU A 47 -1.37 -9.67 7.66
C LEU A 47 -0.83 -10.48 8.83
N LEU A 48 0.49 -10.44 9.00
CA LEU A 48 1.14 -11.17 10.09
C LEU A 48 0.74 -10.58 11.45
N GLU A 49 1.08 -9.32 11.66
CA GLU A 49 0.76 -8.64 12.91
C GLU A 49 -0.56 -9.16 13.48
N SER A 50 -1.60 -9.13 12.66
CA SER A 50 -2.92 -9.58 13.09
C SER A 50 -2.92 -11.09 13.32
N ASP A 51 -3.52 -11.50 14.42
CA ASP A 51 -3.60 -12.92 14.77
C ASP A 51 -3.77 -13.78 13.51
N GLU A 52 -4.86 -13.55 12.79
CA GLU A 52 -5.13 -14.30 11.57
C GLU A 52 -5.22 -13.36 10.37
N HIS A 53 -5.29 -13.95 9.18
CA HIS A 53 -5.38 -13.16 7.94
C HIS A 53 -6.74 -12.49 7.83
N THR A 54 -6.85 -11.29 8.40
CA THR A 54 -8.10 -10.53 8.36
C THR A 54 -7.86 -9.11 7.89
N CYS A 55 -8.13 -8.87 6.60
CA CYS A 55 -7.95 -7.54 6.02
C CYS A 55 -8.34 -6.45 7.01
N PRO A 56 -7.43 -5.49 7.23
CA PRO A 56 -7.65 -4.38 8.15
C PRO A 56 -8.70 -3.40 7.64
N THR A 57 -9.05 -3.53 6.36
CA THR A 57 -10.03 -2.65 5.75
C THR A 57 -11.42 -3.28 5.80
N CYS A 58 -11.53 -4.53 5.34
CA CYS A 58 -12.80 -5.24 5.33
C CYS A 58 -12.65 -6.63 5.95
N HIS A 59 -13.30 -6.83 7.09
CA HIS A 59 -13.24 -8.11 7.78
C HIS A 59 -13.23 -9.27 6.78
N GLN A 60 -12.07 -9.88 6.60
CA GLN A 60 -11.93 -11.00 5.67
C GLN A 60 -11.45 -12.25 6.39
N ASN A 61 -12.01 -13.39 6.02
CA ASN A 61 -11.62 -14.67 6.64
C ASN A 61 -10.16 -14.98 6.37
N ASP A 62 -9.82 -15.13 5.10
CA ASP A 62 -8.44 -15.44 4.71
C ASP A 62 -8.12 -14.83 3.35
N VAL A 63 -7.03 -14.07 3.29
CA VAL A 63 -6.61 -13.43 2.04
C VAL A 63 -5.27 -13.99 1.56
N SER A 64 -5.27 -14.56 0.36
CA SER A 64 -4.06 -15.13 -0.21
C SER A 64 -3.04 -14.04 -0.51
N PRO A 65 -1.86 -14.15 0.11
CA PRO A 65 -0.77 -13.18 -0.08
C PRO A 65 -0.14 -13.27 -1.47
N ASP A 66 -0.63 -14.22 -2.26
CA ASP A 66 -0.13 -14.42 -3.62
C ASP A 66 -0.85 -13.50 -4.61
N ALA A 67 -2.18 -13.56 -4.59
CA ALA A 67 -2.99 -12.74 -5.48
C ALA A 67 -2.49 -11.30 -5.50
N LEU A 68 -2.20 -10.75 -4.34
CA LEU A 68 -1.71 -9.38 -4.22
C LEU A 68 -0.83 -9.02 -5.42
N SER A 69 -0.86 -7.74 -5.80
CA SER A 69 -0.07 -7.27 -6.92
C SER A 69 1.41 -7.53 -6.71
N GLY A 70 2.09 -8.00 -7.75
CA GLY A 70 3.51 -8.28 -7.65
C GLY A 70 4.04 -8.98 -8.89
N PRO A 71 4.40 -8.19 -9.91
CA PRO A 71 4.94 -8.71 -11.17
C PRO A 71 6.34 -9.29 -11.01
N SER A 72 6.92 -9.08 -9.84
CA SER A 72 8.27 -9.58 -9.55
C SER A 72 8.37 -11.08 -9.84
N SER A 73 9.38 -11.46 -10.60
CA SER A 73 9.59 -12.86 -10.95
C SER A 73 9.41 -13.76 -9.74
N GLY A 74 8.46 -14.68 -9.82
CA GLY A 74 8.20 -15.59 -8.73
C GLY A 74 8.32 -14.91 -7.37
N GLY A 1 19.18 15.80 -9.95
CA GLY A 1 19.96 17.02 -9.77
C GLY A 1 19.52 18.12 -10.72
N SER A 2 18.70 19.03 -10.21
CA SER A 2 18.20 20.14 -11.01
C SER A 2 17.91 21.35 -10.14
N SER A 3 17.99 22.54 -10.74
CA SER A 3 17.74 23.78 -10.01
C SER A 3 17.34 24.89 -10.97
N GLY A 4 16.72 25.95 -10.43
CA GLY A 4 16.29 27.06 -11.25
C GLY A 4 14.92 27.57 -10.85
N SER A 5 13.93 27.32 -11.71
CA SER A 5 12.57 27.77 -11.45
C SER A 5 11.90 26.89 -10.40
N SER A 6 11.92 27.33 -9.15
CA SER A 6 11.32 26.59 -8.06
C SER A 6 10.28 27.44 -7.32
N GLY A 7 9.50 26.79 -6.46
CA GLY A 7 8.48 27.49 -5.70
C GLY A 7 7.14 26.79 -5.75
N GLU A 8 6.57 26.66 -6.95
CA GLU A 8 5.28 26.00 -7.11
C GLU A 8 5.46 24.59 -7.66
N ASP A 9 5.72 23.64 -6.76
CA ASP A 9 5.92 22.25 -7.16
C ASP A 9 5.15 21.31 -6.23
N ASP A 10 4.03 20.78 -6.72
CA ASP A 10 3.21 19.88 -5.94
C ASP A 10 4.03 18.70 -5.42
N PRO A 11 3.99 18.48 -4.10
CA PRO A 11 4.72 17.40 -3.44
C PRO A 11 4.16 16.03 -3.78
N ILE A 12 4.88 14.98 -3.38
CA ILE A 12 4.45 13.62 -3.65
C ILE A 12 2.94 13.47 -3.51
N PRO A 13 2.32 12.85 -4.52
CA PRO A 13 0.86 12.62 -4.54
C PRO A 13 0.41 11.62 -3.49
N ASP A 14 -0.88 11.34 -3.47
CA ASP A 14 -1.44 10.39 -2.52
C ASP A 14 -1.58 9.00 -3.14
N GLU A 15 -1.60 8.96 -4.47
CA GLU A 15 -1.72 7.69 -5.19
C GLU A 15 -0.41 6.92 -5.15
N LEU A 16 0.65 7.58 -4.73
CA LEU A 16 1.97 6.95 -4.65
C LEU A 16 2.26 6.47 -3.23
N LEU A 17 1.57 7.07 -2.26
CA LEU A 17 1.75 6.69 -0.86
C LEU A 17 0.65 5.72 -0.41
N CYS A 18 0.92 5.00 0.68
CA CYS A 18 -0.03 4.04 1.21
C CYS A 18 -0.93 4.70 2.25
N LEU A 19 -1.76 3.88 2.91
CA LEU A 19 -2.67 4.38 3.94
C LEU A 19 -2.15 4.04 5.33
N ILE A 20 -1.31 3.02 5.42
CA ILE A 20 -0.73 2.60 6.69
C ILE A 20 0.36 3.56 7.14
N CYS A 21 1.53 3.45 6.52
CA CYS A 21 2.65 4.31 6.87
C CYS A 21 2.79 5.46 5.87
N LYS A 22 1.75 5.65 5.06
CA LYS A 22 1.75 6.71 4.06
C LYS A 22 3.14 6.90 3.46
N ASP A 23 3.78 5.78 3.10
CA ASP A 23 5.11 5.83 2.51
C ASP A 23 5.12 5.18 1.13
N ILE A 24 5.98 5.68 0.24
CA ILE A 24 6.09 5.14 -1.11
C ILE A 24 6.04 3.63 -1.11
N MET A 25 5.20 3.06 -1.97
CA MET A 25 5.06 1.61 -2.07
C MET A 25 5.87 1.07 -3.23
N THR A 26 7.12 0.70 -2.96
CA THR A 26 8.00 0.16 -3.99
C THR A 26 7.25 -0.77 -4.94
N ASP A 27 6.42 -1.63 -4.36
CA ASP A 27 5.63 -2.58 -5.15
C ASP A 27 4.16 -2.51 -4.78
N ALA A 28 3.43 -1.60 -5.43
CA ALA A 28 2.01 -1.44 -5.16
C ALA A 28 1.25 -2.74 -5.34
N VAL A 29 0.48 -3.12 -4.33
CA VAL A 29 -0.29 -4.36 -4.38
C VAL A 29 -1.77 -4.10 -4.06
N VAL A 30 -2.63 -4.41 -5.02
CA VAL A 30 -4.06 -4.21 -4.84
C VAL A 30 -4.72 -5.47 -4.30
N ILE A 31 -5.31 -5.35 -3.10
CA ILE A 31 -5.98 -6.48 -2.47
C ILE A 31 -7.39 -6.67 -3.03
N PRO A 32 -7.73 -7.94 -3.31
CA PRO A 32 -9.06 -8.29 -3.85
C PRO A 32 -10.17 -8.10 -2.84
N CYS A 33 -9.99 -8.65 -1.65
CA CYS A 33 -10.99 -8.53 -0.59
C CYS A 33 -11.77 -7.23 -0.72
N CYS A 34 -11.03 -6.11 -0.80
CA CYS A 34 -11.66 -4.80 -0.92
C CYS A 34 -10.96 -3.97 -2.00
N GLY A 35 -9.65 -3.79 -1.83
CA GLY A 35 -8.89 -3.02 -2.79
C GLY A 35 -8.28 -1.77 -2.18
N ASN A 36 -7.01 -1.87 -1.79
CA ASN A 36 -6.31 -0.74 -1.18
C ASN A 36 -4.82 -0.79 -1.52
N SER A 37 -4.17 0.36 -1.41
CA SER A 37 -2.74 0.45 -1.71
C SER A 37 -1.92 0.36 -0.43
N TYR A 38 -0.94 -0.56 -0.43
CA TYR A 38 -0.09 -0.75 0.73
C TYR A 38 1.33 -1.14 0.30
N CYS A 39 2.32 -0.69 1.07
CA CYS A 39 3.71 -0.98 0.77
C CYS A 39 3.97 -2.48 0.79
N ASP A 40 4.72 -2.96 -0.20
CA ASP A 40 5.05 -4.37 -0.29
C ASP A 40 5.23 -4.99 1.09
N GLU A 41 5.85 -4.23 1.99
CA GLU A 41 6.09 -4.69 3.35
C GLU A 41 4.88 -4.44 4.23
N CYS A 42 4.28 -3.26 4.09
CA CYS A 42 3.11 -2.88 4.86
C CYS A 42 2.10 -4.03 4.92
N ILE A 43 1.50 -4.33 3.77
CA ILE A 43 0.52 -5.40 3.68
C ILE A 43 1.13 -6.74 4.09
N ARG A 44 2.44 -6.87 3.91
CA ARG A 44 3.13 -8.10 4.26
C ARG A 44 3.18 -8.29 5.77
N THR A 45 3.25 -7.18 6.50
CA THR A 45 3.30 -7.23 7.96
C THR A 45 1.89 -7.20 8.56
N ALA A 46 1.05 -6.31 8.04
CA ALA A 46 -0.31 -6.18 8.53
C ALA A 46 -0.95 -7.55 8.74
N LEU A 47 -0.72 -8.45 7.80
CA LEU A 47 -1.26 -9.81 7.88
C LEU A 47 -0.62 -10.59 9.02
N LEU A 48 0.70 -10.46 9.14
CA LEU A 48 1.44 -11.15 10.18
C LEU A 48 1.03 -10.65 11.57
N GLU A 49 1.18 -9.35 11.79
CA GLU A 49 0.82 -8.74 13.06
C GLU A 49 -0.36 -9.47 13.69
N SER A 50 -1.52 -9.37 13.04
CA SER A 50 -2.73 -10.00 13.54
C SER A 50 -2.62 -11.52 13.46
N ASP A 51 -3.18 -12.20 14.46
CA ASP A 51 -3.14 -13.65 14.50
C ASP A 51 -3.23 -14.25 13.10
N GLU A 52 -4.15 -13.73 12.30
CA GLU A 52 -4.33 -14.21 10.93
C GLU A 52 -4.36 -13.06 9.95
N HIS A 53 -4.30 -13.38 8.66
CA HIS A 53 -4.31 -12.37 7.62
C HIS A 53 -5.56 -11.49 7.73
N THR A 54 -5.47 -10.45 8.55
CA THR A 54 -6.59 -9.53 8.75
C THR A 54 -6.34 -8.20 8.07
N CYS A 55 -7.31 -7.75 7.28
CA CYS A 55 -7.20 -6.50 6.56
C CYS A 55 -7.49 -5.31 7.48
N PRO A 56 -6.53 -4.39 7.59
CA PRO A 56 -6.67 -3.20 8.44
C PRO A 56 -7.68 -2.21 7.88
N THR A 57 -8.43 -2.63 6.86
CA THR A 57 -9.44 -1.78 6.25
C THR A 57 -10.77 -2.51 6.15
N CYS A 58 -10.74 -3.76 5.70
CA CYS A 58 -11.95 -4.56 5.57
C CYS A 58 -11.98 -5.69 6.59
N HIS A 59 -10.86 -5.86 7.30
CA HIS A 59 -10.76 -6.90 8.31
C HIS A 59 -11.23 -8.25 7.75
N GLN A 60 -10.70 -8.62 6.59
CA GLN A 60 -11.07 -9.87 5.95
C GLN A 60 -10.83 -11.05 6.89
N ASN A 61 -11.00 -12.26 6.37
CA ASN A 61 -10.81 -13.47 7.16
C ASN A 61 -9.97 -14.49 6.40
N ASP A 62 -8.67 -14.49 6.66
CA ASP A 62 -7.74 -15.41 6.00
C ASP A 62 -7.49 -14.98 4.56
N VAL A 63 -7.06 -13.73 4.38
CA VAL A 63 -6.79 -13.20 3.05
C VAL A 63 -5.88 -14.15 2.27
N SER A 64 -5.90 -14.01 0.94
CA SER A 64 -5.08 -14.85 0.08
C SER A 64 -3.83 -14.11 -0.37
N PRO A 65 -2.68 -14.45 0.22
CA PRO A 65 -1.39 -13.83 -0.10
C PRO A 65 -0.90 -14.22 -1.49
N ASP A 66 -1.69 -15.03 -2.19
CA ASP A 66 -1.32 -15.48 -3.53
C ASP A 66 -1.98 -14.59 -4.59
N ALA A 67 -3.16 -14.07 -4.28
CA ALA A 67 -3.89 -13.22 -5.20
C ALA A 67 -3.17 -11.87 -5.38
N LEU A 68 -2.71 -11.31 -4.28
CA LEU A 68 -2.01 -10.03 -4.31
C LEU A 68 -1.17 -9.90 -5.58
N SER A 69 -1.08 -8.68 -6.11
CA SER A 69 -0.32 -8.42 -7.32
C SER A 69 1.18 -8.55 -7.06
N GLY A 70 1.72 -9.73 -7.34
CA GLY A 70 3.14 -9.97 -7.13
C GLY A 70 3.50 -11.44 -7.17
N PRO A 71 4.76 -11.77 -6.85
CA PRO A 71 5.24 -13.15 -6.85
C PRO A 71 4.66 -13.97 -5.71
N SER A 72 4.17 -15.15 -6.03
CA SER A 72 3.57 -16.04 -5.03
C SER A 72 4.65 -16.73 -4.20
N SER A 73 4.23 -17.40 -3.14
CA SER A 73 5.15 -18.10 -2.26
C SER A 73 5.53 -19.46 -2.84
N GLY A 74 4.52 -20.28 -3.12
CA GLY A 74 4.78 -21.59 -3.69
C GLY A 74 3.82 -21.94 -4.80
#